data_7TLJ
#
_entry.id   7TLJ
#
_cell.length_a   1.00
_cell.length_b   1.00
_cell.length_c   1.00
_cell.angle_alpha   90.00
_cell.angle_beta   90.00
_cell.angle_gamma   90.00
#
_symmetry.space_group_name_H-M   'P 1'
#
loop_
_entity.id
_entity.type
_entity.pdbx_description
1 polymer 'Cytochrome b'
2 polymer 'Cytochrome c1'
3 polymer 'Ubiquinol-cytochrome c reductase iron-sulfur subunit'
4 polymer '14 kDa peptide of ubiquinol-cytochrome c2 oxidoreductase complex'
5 non-polymer 'PROTOPORPHYRIN IX CONTAINING FE'
6 non-polymer (5S)-3-anilino-5-methyl-5-(6-phenoxypyridin-3-yl)-1,3-oxazolidine-2,4-dione
7 non-polymer '(1R)-2-{[(R)-(2-AMINOETHOXY)(HYDROXY)PHOSPHORYL]OXY}-1-[(DODECANOYLOXY)METHYL]ETHYL (9Z)-OCTADEC-9-ENOATE'
8 non-polymer 'HEME C'
9 non-polymer 'FE2/S2 (INORGANIC) CLUSTER'
#
loop_
_entity_poly.entity_id
_entity_poly.type
_entity_poly.pdbx_seq_one_letter_code
_entity_poly.pdbx_strand_id
1 'polypeptide(L)'
;MSGIPHDHYEPRTGIEKWLHSRLPIVALAYDTIMIPTPRNLNWMWIWGVVLAFCLVLQIVTGIVLAMHYTPHVDLAFASV
EHIMRNVNGGFMLRYLHANGASLFFIAVYLHIFRGLYYGSYKAPREVTWIVGMLIYLAMMATAFMGYVLPWGQMSFWGAT
VITGLFGAIPGIGHSIQTWLLGGPAVDNATLNRFFSLHYLLPFVIAALVAIHIWAFHSTGNNNPTGVEVRRTSKAEAQKD
TVPFWPYFIIKDVFALAVVLLVFFAIVGFMPNYLGHPDNYIEANPLSTPAHIVPEWYFLPFYAILRAFTADVWVVQIANF
ISFGIIDAKFFGVLAMFGAILVMALVPWLDTSPVRSGRYRPMFKIYFWLLAADFVILTWVGAQQTTFPYDWISLIASAYW
FAYFLVILPILGAIEKPVAPPATIEEDFNAHYSPATGGTKTVVAE
;
A,E
2 'polypeptide(L)'
;AGGGHVEDVPFSFEGPFGTFDQHQLQRGLQVYTEVCAACHGMKFVPIRSLSEPGGPELPEDQVRAYATQFTVTDEETGED
REGKPTDHFPHSALENAPDLSLMAKARAGFHGPMGTGISQLFNGIGGPEYIYSVLTGFPEEPPKCAEGHEPDGFYYNRAF
QNGSVPDTCKDANGVKTTAGSWIAMPPPLMDDLVEYADGHDASVHAMAEDVSAFLMWAAEPKLMARKQAGFTAVMFLTVL
SVLLYLTNKRLWAGVKGKKKTNVGTGHHHHHH
;
B,F
3 'polypeptide(L)'
;MSNAEDHAGTRRDFLYYATAGAGAVATGAAVWPLINQMNPSADVQALASIFVDVSSVEPGVQLTVKFLGKPIFIRRRTEA
DIELGRSVQLGQLVDTNARNANIDAGAEATDQNRTLDEAGEWLVMWGVCTHLGCVPIGGVSGDFGGWFCPCHGSHYDSAG
RIRKGPAPENLPIPLAKFIDETTIQLG
;
C,G
4 'polypeptide(L)'
;MFSFIDDIPSFEQIKARVRDDLRKHGWEKRWNDSRLVQKSRELLNDEELKIDPATWIWKRMPSREEVAARRQRDFETVWK
YRYRLGGFASGALLALALAGIFSTGNFGGSSDAGNRPSVVYPIE
;
D,H
#
loop_
_chem_comp.id
_chem_comp.type
_chem_comp.name
_chem_comp.formula
FES non-polymer 'FE2/S2 (INORGANIC) CLUSTER' 'Fe2 S2'
HEC non-polymer 'HEME C' 'C34 H34 Fe N4 O4'
HEM non-polymer 'PROTOPORPHYRIN IX CONTAINING FE' 'C34 H32 Fe N4 O4'
LOP non-polymer '(1R)-2-{[(R)-(2-AMINOETHOXY)(HYDROXY)PHOSPHORYL]OXY}-1-[(DODECANOYLOXY)METHYL]ETHYL (9Z)-OCTADEC-9-ENOATE' 'C35 H68 N O8 P'
PQU non-polymer (5S)-3-anilino-5-methyl-5-(6-phenoxypyridin-3-yl)-1,3-oxazolidine-2,4-dione 'C21 H17 N3 O4'
#
# COMPACT_ATOMS: atom_id res chain seq x y z
N GLY A 3 12.28 1.57 40.20
CA GLY A 3 12.56 0.70 41.32
C GLY A 3 11.75 1.05 42.56
N ILE A 4 10.55 1.55 42.36
CA ILE A 4 9.67 1.95 43.45
C ILE A 4 9.10 0.69 44.09
N PRO A 5 9.30 0.45 45.39
CA PRO A 5 8.72 -0.75 45.99
C PRO A 5 7.20 -0.78 45.88
N HIS A 6 6.66 -1.96 45.63
CA HIS A 6 5.22 -2.14 45.53
C HIS A 6 4.93 -3.63 45.48
N ASP A 7 3.65 -3.98 45.60
CA ASP A 7 3.25 -5.37 45.55
C ASP A 7 3.39 -5.93 44.13
N HIS A 8 3.44 -7.24 44.04
CA HIS A 8 3.59 -7.97 42.78
C HIS A 8 2.33 -8.76 42.48
N TYR A 9 2.26 -9.23 41.24
CA TYR A 9 1.08 -9.97 40.78
C TYR A 9 0.96 -11.30 41.52
N GLU A 10 -0.27 -11.71 41.76
CA GLU A 10 -0.57 -12.92 42.51
C GLU A 10 -1.81 -13.59 41.91
N PRO A 11 -1.67 -14.68 41.16
CA PRO A 11 -2.86 -15.36 40.64
C PRO A 11 -3.78 -15.84 41.75
N ARG A 12 -5.08 -15.74 41.51
CA ARG A 12 -6.09 -16.18 42.47
C ARG A 12 -7.02 -17.25 41.90
N THR A 13 -7.37 -17.16 40.62
CA THR A 13 -8.30 -18.09 40.00
C THR A 13 -7.53 -19.20 39.27
N GLY A 14 -8.26 -20.23 38.87
CA GLY A 14 -7.62 -21.39 38.28
C GLY A 14 -6.94 -21.07 36.96
N ILE A 15 -7.63 -20.35 36.09
CA ILE A 15 -7.07 -20.07 34.76
C ILE A 15 -5.86 -19.16 34.89
N GLU A 16 -5.88 -18.21 35.82
CA GLU A 16 -4.73 -17.35 36.02
C GLU A 16 -3.52 -18.13 36.51
N LYS A 17 -3.73 -19.07 37.43
CA LYS A 17 -2.63 -19.91 37.89
C LYS A 17 -2.11 -20.78 36.75
N TRP A 18 -3.00 -21.30 35.93
CA TRP A 18 -2.58 -22.11 34.78
C TRP A 18 -1.73 -21.30 33.81
N LEU A 19 -2.16 -20.07 33.52
CA LEU A 19 -1.48 -19.26 32.52
C LEU A 19 -0.19 -18.67 33.05
N HIS A 20 -0.11 -18.38 34.36
CA HIS A 20 1.07 -17.74 34.90
C HIS A 20 2.30 -18.64 34.78
N SER A 21 2.13 -19.93 35.05
CA SER A 21 3.24 -20.87 34.97
C SER A 21 3.71 -21.10 33.54
N ARG A 22 2.95 -20.68 32.54
CA ARG A 22 3.25 -20.90 31.14
C ARG A 22 3.67 -19.64 30.40
N LEU A 23 3.02 -18.52 30.67
CA LEU A 23 3.37 -17.25 30.03
C LEU A 23 2.98 -16.13 30.99
N PRO A 24 3.95 -15.53 31.69
CA PRO A 24 3.57 -14.45 32.61
C PRO A 24 3.29 -13.14 31.88
N ILE A 25 2.23 -13.15 31.07
CA ILE A 25 1.79 -11.94 30.38
C ILE A 25 0.85 -11.12 31.25
N VAL A 26 0.00 -11.78 32.04
CA VAL A 26 -0.88 -11.07 32.96
C VAL A 26 -0.05 -10.37 34.03
N ALA A 27 1.03 -11.00 34.48
CA ALA A 27 1.91 -10.34 35.45
C ALA A 27 2.55 -9.10 34.85
N LEU A 28 3.00 -9.18 33.60
CA LEU A 28 3.59 -8.00 32.96
C LEU A 28 2.56 -6.89 32.82
N ALA A 29 1.34 -7.23 32.39
CA ALA A 29 0.30 -6.21 32.28
C ALA A 29 -0.01 -5.59 33.63
N TYR A 30 -0.11 -6.41 34.67
CA TYR A 30 -0.37 -5.91 36.02
C TYR A 30 0.73 -4.95 36.45
N ASP A 31 1.99 -5.33 36.27
CA ASP A 31 3.08 -4.45 36.66
C ASP A 31 3.06 -3.16 35.84
N THR A 32 2.62 -3.23 34.59
CA THR A 32 2.58 -2.03 33.77
C THR A 32 1.50 -1.06 34.24
N ILE A 33 0.28 -1.57 34.48
CA ILE A 33 -0.81 -0.67 34.86
C ILE A 33 -0.83 -0.35 36.35
N MET A 34 -0.01 -1.01 37.16
CA MET A 34 0.05 -0.76 38.60
C MET A 34 1.32 -0.04 39.01
N ILE A 35 2.02 0.57 38.07
CA ILE A 35 3.25 1.29 38.44
C ILE A 35 2.87 2.45 39.37
N PRO A 36 3.49 2.59 40.55
CA PRO A 36 3.23 3.78 41.36
C PRO A 36 3.63 5.03 40.60
N THR A 37 2.80 6.06 40.70
CA THR A 37 3.05 7.34 40.07
C THR A 37 2.83 8.46 41.07
N PRO A 38 3.52 9.59 40.93
CA PRO A 38 3.38 10.67 41.91
C PRO A 38 1.94 11.15 42.02
N ARG A 39 1.57 11.53 43.24
CA ARG A 39 0.23 12.02 43.49
C ARG A 39 -0.01 13.42 42.94
N ASN A 40 1.05 14.18 42.67
CA ASN A 40 0.94 15.59 42.39
C ASN A 40 1.03 15.92 40.90
N LEU A 41 0.94 14.93 40.03
CA LEU A 41 0.97 15.20 38.60
C LEU A 41 -0.20 16.09 38.22
N ASN A 42 0.08 17.13 37.44
CA ASN A 42 -0.95 18.07 37.02
C ASN A 42 -1.47 17.67 35.65
N TRP A 43 -2.29 18.53 35.04
CA TRP A 43 -2.97 18.18 33.80
C TRP A 43 -2.04 18.11 32.60
N MET A 44 -0.79 18.55 32.73
CA MET A 44 0.12 18.50 31.60
C MET A 44 0.71 17.11 31.38
N TRP A 45 0.48 16.16 32.29
CA TRP A 45 0.91 14.79 32.12
C TRP A 45 -0.08 13.95 31.32
N ILE A 46 -1.18 14.55 30.86
CA ILE A 46 -2.20 13.77 30.15
C ILE A 46 -1.89 13.58 28.68
N TRP A 47 -0.85 14.23 28.16
CA TRP A 47 -0.63 14.23 26.72
C TRP A 47 0.02 12.94 26.22
N GLY A 48 0.59 12.12 27.10
CA GLY A 48 1.07 10.82 26.65
C GLY A 48 -0.04 9.91 26.20
N VAL A 49 -1.13 9.84 26.98
CA VAL A 49 -2.28 9.04 26.58
C VAL A 49 -2.92 9.63 25.32
N VAL A 50 -2.94 10.95 25.21
CA VAL A 50 -3.46 11.57 24.01
C VAL A 50 -2.63 11.16 22.80
N LEU A 51 -1.31 11.16 22.95
CA LEU A 51 -0.44 10.76 21.85
C LEU A 51 -0.62 9.30 21.47
N ALA A 52 -0.77 8.43 22.48
CA ALA A 52 -1.02 7.02 22.20
C ALA A 52 -2.32 6.83 21.43
N PHE A 53 -3.38 7.52 21.86
CA PHE A 53 -4.64 7.43 21.15
C PHE A 53 -4.50 7.98 19.73
N CYS A 54 -3.75 9.06 19.57
CA CYS A 54 -3.56 9.63 18.24
C CYS A 54 -2.85 8.65 17.32
N LEU A 55 -1.83 7.97 17.84
CA LEU A 55 -1.13 6.97 17.03
C LEU A 55 -2.09 5.85 16.61
N VAL A 56 -2.87 5.33 17.57
CA VAL A 56 -3.79 4.24 17.25
C VAL A 56 -4.83 4.70 16.23
N LEU A 57 -5.39 5.90 16.43
CA LEU A 57 -6.38 6.43 15.51
C LEU A 57 -5.81 6.62 14.12
N GLN A 58 -4.60 7.17 14.02
CA GLN A 58 -3.98 7.36 12.72
C GLN A 58 -3.75 6.04 12.03
N ILE A 59 -3.28 5.04 12.77
CA ILE A 59 -3.04 3.73 12.17
C ILE A 59 -4.33 3.12 11.65
N VAL A 60 -5.39 3.14 12.47
CA VAL A 60 -6.65 2.51 12.08
C VAL A 60 -7.26 3.23 10.88
N THR A 61 -7.32 4.57 10.94
CA THR A 61 -7.89 5.33 9.85
C THR A 61 -7.09 5.15 8.57
N GLY A 62 -5.76 5.11 8.68
CA GLY A 62 -4.94 4.88 7.51
C GLY A 62 -5.13 3.50 6.94
N ILE A 63 -5.29 2.49 7.79
CA ILE A 63 -5.53 1.14 7.31
C ILE A 63 -6.82 1.08 6.52
N VAL A 64 -7.89 1.69 7.05
CA VAL A 64 -9.15 1.64 6.31
C VAL A 64 -9.05 2.47 5.03
N LEU A 65 -8.32 3.59 5.06
CA LEU A 65 -8.21 4.43 3.88
C LEU A 65 -7.42 3.73 2.78
N ALA A 66 -6.36 3.02 3.14
CA ALA A 66 -5.53 2.35 2.15
C ALA A 66 -6.28 1.26 1.41
N MET A 67 -7.41 0.79 1.94
CA MET A 67 -8.23 -0.18 1.23
C MET A 67 -8.95 0.42 0.04
N HIS A 68 -8.91 1.74 -0.13
CA HIS A 68 -9.62 2.42 -1.20
C HIS A 68 -8.75 3.38 -1.99
N TYR A 69 -7.55 3.69 -1.53
CA TYR A 69 -6.68 4.66 -2.16
C TYR A 69 -5.73 3.98 -3.14
N THR A 70 -5.54 4.60 -4.30
CA THR A 70 -4.67 4.07 -5.34
C THR A 70 -3.42 4.93 -5.46
N PRO A 71 -2.23 4.45 -5.05
CA PRO A 71 -1.02 5.27 -5.20
C PRO A 71 -0.53 5.37 -6.64
N HIS A 72 -1.32 6.00 -7.50
CA HIS A 72 -0.95 6.22 -8.89
C HIS A 72 -1.32 7.64 -9.27
N VAL A 73 -0.44 8.30 -10.02
CA VAL A 73 -0.61 9.72 -10.31
C VAL A 73 -1.92 9.95 -11.07
N ASP A 74 -2.28 9.03 -11.97
CA ASP A 74 -3.51 9.14 -12.72
C ASP A 74 -4.74 8.75 -11.91
N LEU A 75 -4.57 8.27 -10.68
CA LEU A 75 -5.68 7.77 -9.90
C LEU A 75 -5.71 8.23 -8.45
N ALA A 76 -4.64 8.85 -7.93
CA ALA A 76 -4.58 9.15 -6.51
C ALA A 76 -5.63 10.19 -6.10
N PHE A 77 -5.68 11.31 -6.82
CA PHE A 77 -6.68 12.33 -6.52
C PHE A 77 -8.09 11.80 -6.73
N ALA A 78 -8.29 11.06 -7.82
CA ALA A 78 -9.58 10.45 -8.08
C ALA A 78 -9.95 9.46 -6.99
N SER A 79 -8.98 8.68 -6.52
CA SER A 79 -9.26 7.71 -5.46
C SER A 79 -9.63 8.41 -4.17
N VAL A 80 -8.98 9.52 -3.84
CA VAL A 80 -9.33 10.26 -2.63
C VAL A 80 -10.72 10.83 -2.75
N GLU A 81 -11.08 11.37 -3.91
CA GLU A 81 -12.45 11.85 -4.07
C GLU A 81 -13.46 10.73 -4.05
N HIS A 82 -13.10 9.56 -4.56
CA HIS A 82 -13.96 8.38 -4.43
C HIS A 82 -14.20 8.05 -2.97
N ILE A 83 -13.15 8.12 -2.14
CA ILE A 83 -13.30 7.89 -0.71
C ILE A 83 -14.24 8.94 -0.12
N MET A 84 -14.05 10.20 -0.50
CA MET A 84 -14.87 11.26 0.07
C MET A 84 -16.34 11.07 -0.28
N ARG A 85 -16.63 10.67 -1.51
CA ARG A 85 -17.98 10.68 -2.05
C ARG A 85 -18.68 9.33 -1.99
N ASN A 86 -18.01 8.25 -2.36
CA ASN A 86 -18.67 6.98 -2.65
C ASN A 86 -18.64 6.00 -1.49
N VAL A 87 -17.47 5.71 -0.92
CA VAL A 87 -17.41 4.69 0.13
C VAL A 87 -18.10 5.22 1.38
N ASN A 88 -19.00 4.40 1.92
CA ASN A 88 -19.84 4.86 3.03
C ASN A 88 -18.98 5.15 4.25
N GLY A 89 -19.14 6.36 4.79
CA GLY A 89 -18.33 6.83 5.88
C GLY A 89 -16.95 7.32 5.48
N GLY A 90 -16.63 7.30 4.18
CA GLY A 90 -15.27 7.62 3.76
C GLY A 90 -14.90 9.06 4.03
N PHE A 91 -15.86 9.98 3.89
CA PHE A 91 -15.56 11.38 4.17
C PHE A 91 -15.12 11.57 5.61
N MET A 92 -15.83 10.94 6.55
CA MET A 92 -15.48 11.09 7.96
C MET A 92 -14.14 10.45 8.24
N LEU A 93 -13.87 9.29 7.63
CA LEU A 93 -12.58 8.62 7.84
C LEU A 93 -11.43 9.44 7.31
N ARG A 94 -11.59 10.03 6.13
CA ARG A 94 -10.51 10.84 5.57
C ARG A 94 -10.29 12.10 6.37
N TYR A 95 -11.37 12.76 6.81
CA TYR A 95 -11.18 13.95 7.64
C TYR A 95 -10.56 13.59 8.98
N LEU A 96 -10.93 12.44 9.54
CA LEU A 96 -10.30 11.99 10.77
C LEU A 96 -8.82 11.77 10.57
N HIS A 97 -8.43 11.11 9.48
CA HIS A 97 -7.01 10.88 9.25
C HIS A 97 -6.27 12.17 8.96
N ALA A 98 -6.93 13.14 8.33
CA ALA A 98 -6.27 14.40 7.99
C ALA A 98 -6.05 15.26 9.23
N ASN A 99 -7.07 15.38 10.08
CA ASN A 99 -6.95 16.18 11.30
C ASN A 99 -6.27 15.42 12.42
N GLY A 100 -6.14 14.11 12.31
CA GLY A 100 -5.41 13.36 13.32
C GLY A 100 -3.95 13.74 13.34
N ALA A 101 -3.38 14.10 12.19
CA ALA A 101 -2.02 14.59 12.17
C ALA A 101 -1.90 15.87 12.97
N SER A 102 -2.85 16.79 12.80
CA SER A 102 -2.81 18.04 13.56
C SER A 102 -2.95 17.76 15.05
N LEU A 103 -3.87 16.88 15.43
CA LEU A 103 -4.02 16.52 16.84
C LEU A 103 -2.75 15.87 17.37
N PHE A 104 -2.15 14.99 16.58
CA PHE A 104 -0.94 14.29 17.00
C PHE A 104 0.19 15.28 17.25
N PHE A 105 0.35 16.26 16.35
CA PHE A 105 1.47 17.18 16.49
C PHE A 105 1.22 18.23 17.57
N ILE A 106 -0.01 18.69 17.75
CA ILE A 106 -0.25 19.61 18.86
C ILE A 106 -0.01 18.90 20.19
N ALA A 107 -0.45 17.63 20.29
CA ALA A 107 -0.18 16.85 21.48
C ALA A 107 1.32 16.66 21.68
N VAL A 108 2.07 16.41 20.60
CA VAL A 108 3.48 16.13 20.75
C VAL A 108 4.23 17.39 21.16
N TYR A 109 3.83 18.55 20.64
CA TYR A 109 4.48 19.78 21.07
C TYR A 109 4.18 20.10 22.52
N LEU A 110 2.94 19.86 22.96
CA LEU A 110 2.66 20.04 24.38
C LEU A 110 3.48 19.08 25.24
N HIS A 111 3.57 17.82 24.81
CA HIS A 111 4.40 16.84 25.48
C HIS A 111 5.84 17.32 25.61
N ILE A 112 6.41 17.78 24.49
CA ILE A 112 7.81 18.20 24.47
C ILE A 112 8.03 19.41 25.37
N PHE A 113 7.12 20.38 25.33
CA PHE A 113 7.35 21.57 26.12
C PHE A 113 7.11 21.33 27.61
N ARG A 114 6.23 20.39 27.95
CA ARG A 114 6.16 19.96 29.35
C ARG A 114 7.49 19.36 29.79
N GLY A 115 8.06 18.51 28.94
CA GLY A 115 9.37 17.95 29.26
C GLY A 115 10.42 19.02 29.44
N LEU A 116 10.41 20.03 28.57
CA LEU A 116 11.38 21.11 28.67
C LEU A 116 11.21 21.90 29.96
N TYR A 117 9.96 22.20 30.33
CA TYR A 117 9.74 23.00 31.54
C TYR A 117 10.16 22.24 32.78
N TYR A 118 9.69 21.02 32.94
CA TYR A 118 9.83 20.31 34.21
C TYR A 118 11.12 19.51 34.30
N GLY A 119 12.01 19.64 33.32
CA GLY A 119 13.27 18.93 33.40
C GLY A 119 13.14 17.44 33.28
N SER A 120 12.08 16.96 32.63
CA SER A 120 11.89 15.53 32.44
C SER A 120 12.96 14.92 31.54
N TYR A 121 13.73 15.74 30.83
CA TYR A 121 14.86 15.28 30.03
C TYR A 121 16.12 15.05 30.86
N LYS A 122 16.17 15.56 32.09
CA LYS A 122 17.40 15.50 32.87
C LYS A 122 17.66 14.07 33.31
N ALA A 123 18.79 13.88 33.98
CA ALA A 123 19.16 12.55 34.44
C ALA A 123 18.14 12.08 35.48
N PRO A 124 17.80 10.78 35.51
CA PRO A 124 18.27 9.67 34.67
C PRO A 124 17.39 9.43 33.44
N ARG A 125 16.77 10.48 32.93
CA ARG A 125 15.77 10.35 31.87
C ARG A 125 16.29 10.83 30.52
N GLU A 126 17.58 10.63 30.23
CA GLU A 126 18.10 11.01 28.92
C GLU A 126 17.65 10.04 27.85
N VAL A 127 17.61 8.75 28.16
CA VAL A 127 17.24 7.75 27.17
C VAL A 127 15.81 7.98 26.71
N THR A 128 14.91 8.31 27.63
CA THR A 128 13.53 8.58 27.26
C THR A 128 13.45 9.75 26.29
N TRP A 129 14.22 10.81 26.56
CA TRP A 129 14.22 11.97 25.67
C TRP A 129 14.75 11.59 24.29
N ILE A 130 15.82 10.80 24.23
CA ILE A 130 16.37 10.42 22.93
C ILE A 130 15.39 9.58 22.14
N VAL A 131 14.74 8.62 22.82
CA VAL A 131 13.74 7.80 22.14
C VAL A 131 12.60 8.68 21.63
N GLY A 132 12.18 9.65 22.44
CA GLY A 132 11.15 10.56 22.00
C GLY A 132 11.57 11.38 20.79
N MET A 133 12.82 11.81 20.76
CA MET A 133 13.31 12.57 19.60
C MET A 133 13.29 11.71 18.34
N LEU A 134 13.69 10.44 18.47
CA LEU A 134 13.58 9.54 17.33
C LEU A 134 12.12 9.39 16.89
N ILE A 135 11.21 9.26 17.85
CA ILE A 135 9.79 9.17 17.53
C ILE A 135 9.33 10.41 16.78
N TYR A 136 9.80 11.58 17.21
CA TYR A 136 9.38 12.82 16.58
C TYR A 136 9.89 12.92 15.16
N LEU A 137 11.14 12.52 14.92
CA LEU A 137 11.65 12.49 13.55
C LEU A 137 10.83 11.54 12.68
N ALA A 138 10.50 10.37 13.23
CA ALA A 138 9.67 9.42 12.47
C ALA A 138 8.30 10.01 12.18
N MET A 139 7.71 10.70 13.15
CA MET A 139 6.41 11.34 12.95
C MET A 139 6.49 12.39 11.85
N MET A 140 7.55 13.19 11.85
CA MET A 140 7.71 14.21 10.82
C MET A 140 7.79 13.57 9.44
N ALA A 141 8.60 12.52 9.30
CA ALA A 141 8.72 11.85 8.01
C ALA A 141 7.39 11.24 7.58
N THR A 142 6.69 10.61 8.53
CA THR A 142 5.42 9.97 8.21
C THR A 142 4.40 10.98 7.74
N ALA A 143 4.27 12.10 8.46
CA ALA A 143 3.33 13.13 8.06
C ALA A 143 3.70 13.72 6.71
N PHE A 144 5.00 13.94 6.47
CA PHE A 144 5.42 14.47 5.18
C PHE A 144 4.99 13.54 4.06
N MET A 145 5.29 12.25 4.18
CA MET A 145 4.99 11.35 3.08
C MET A 145 3.49 11.08 2.96
N GLY A 146 2.75 11.19 4.06
CA GLY A 146 1.31 11.09 3.97
C GLY A 146 0.70 12.27 3.24
N TYR A 147 1.22 13.46 3.48
CA TYR A 147 0.68 14.66 2.84
C TYR A 147 0.85 14.64 1.33
N VAL A 148 1.77 13.82 0.81
CA VAL A 148 1.97 13.76 -0.63
C VAL A 148 0.99 12.81 -1.31
N LEU A 149 0.40 11.88 -0.56
CA LEU A 149 -0.46 10.87 -1.18
C LEU A 149 -1.67 11.44 -1.89
N PRO A 150 -2.37 12.46 -1.37
CA PRO A 150 -3.51 13.01 -2.13
C PRO A 150 -3.14 13.48 -3.52
N TRP A 151 -1.90 13.94 -3.70
CA TRP A 151 -1.40 14.35 -5.02
C TRP A 151 -2.11 15.61 -5.51
N GLY A 152 -2.35 16.55 -4.60
CA GLY A 152 -2.80 17.87 -4.96
C GLY A 152 -1.64 18.80 -5.26
N GLN A 153 -1.95 20.08 -5.41
CA GLN A 153 -0.91 21.06 -5.67
C GLN A 153 0.05 21.16 -4.49
N MET A 154 -0.49 21.29 -3.28
CA MET A 154 0.36 21.41 -2.11
C MET A 154 1.19 20.15 -1.91
N SER A 155 0.58 18.98 -2.12
CA SER A 155 1.33 17.74 -2.03
C SER A 155 2.51 17.74 -2.99
N PHE A 156 2.25 18.05 -4.26
CA PHE A 156 3.30 18.03 -5.27
C PHE A 156 4.43 18.99 -4.92
N TRP A 157 4.10 20.24 -4.60
CA TRP A 157 5.15 21.22 -4.42
C TRP A 157 5.82 21.14 -3.05
N GLY A 158 5.13 20.63 -2.03
CA GLY A 158 5.80 20.30 -0.80
C GLY A 158 6.81 19.19 -0.98
N ALA A 159 6.44 18.16 -1.75
CA ALA A 159 7.41 17.11 -2.07
C ALA A 159 8.58 17.68 -2.85
N THR A 160 8.30 18.56 -3.81
CA THR A 160 9.38 19.18 -4.58
C THR A 160 10.35 19.93 -3.68
N VAL A 161 9.82 20.76 -2.78
CA VAL A 161 10.68 21.55 -1.91
C VAL A 161 11.47 20.64 -0.97
N ILE A 162 10.81 19.65 -0.37
CA ILE A 162 11.48 18.81 0.61
C ILE A 162 12.57 17.99 -0.05
N THR A 163 12.35 17.54 -1.29
CA THR A 163 13.40 16.83 -2.00
C THR A 163 14.52 17.77 -2.43
N GLY A 164 14.19 19.01 -2.77
CA GLY A 164 15.24 19.98 -3.06
C GLY A 164 16.12 20.23 -1.86
N LEU A 165 15.55 20.17 -0.66
CA LEU A 165 16.36 20.33 0.54
C LEU A 165 17.49 19.30 0.57
N PHE A 166 17.17 18.05 0.28
CA PHE A 166 18.20 17.01 0.21
C PHE A 166 19.13 17.26 -0.98
N GLY A 167 18.58 17.72 -2.09
CA GLY A 167 19.42 18.05 -3.24
C GLY A 167 20.41 19.15 -2.98
N ALA A 168 20.19 19.95 -1.93
CA ALA A 168 21.09 21.05 -1.61
C ALA A 168 22.38 20.60 -0.92
N ILE A 169 22.48 19.34 -0.52
CA ILE A 169 23.68 18.88 0.18
C ILE A 169 24.87 18.94 -0.78
N PRO A 170 26.04 19.45 -0.37
CA PRO A 170 27.14 19.55 -1.33
C PRO A 170 27.72 18.19 -1.67
N GLY A 171 28.06 18.01 -2.95
CA GLY A 171 28.70 16.80 -3.41
C GLY A 171 27.74 15.66 -3.69
N ILE A 172 27.19 15.06 -2.64
CA ILE A 172 26.36 13.87 -2.76
C ILE A 172 24.88 14.23 -2.79
N GLY A 173 24.58 15.53 -2.81
CA GLY A 173 23.18 15.94 -2.73
C GLY A 173 22.37 15.52 -3.94
N HIS A 174 22.91 15.71 -5.14
CA HIS A 174 22.16 15.37 -6.35
C HIS A 174 21.88 13.87 -6.40
N SER A 175 22.87 13.06 -6.05
CA SER A 175 22.67 11.61 -6.05
C SER A 175 21.60 11.21 -5.04
N ILE A 176 21.63 11.80 -3.84
CA ILE A 176 20.65 11.46 -2.83
C ILE A 176 19.26 11.88 -3.28
N GLN A 177 19.15 13.06 -3.90
CA GLN A 177 17.86 13.51 -4.39
C GLN A 177 17.32 12.59 -5.47
N THR A 178 18.18 12.17 -6.40
CA THR A 178 17.74 11.26 -7.46
C THR A 178 17.33 9.90 -6.88
N TRP A 179 18.07 9.41 -5.90
CA TRP A 179 17.71 8.15 -5.26
C TRP A 179 16.37 8.26 -4.54
N LEU A 180 16.14 9.37 -3.85
CA LEU A 180 14.89 9.56 -3.12
C LEU A 180 13.72 9.88 -4.03
N LEU A 181 13.98 10.33 -5.26
CA LEU A 181 12.93 10.61 -6.22
C LEU A 181 12.72 9.50 -7.23
N GLY A 182 13.78 8.75 -7.54
CA GLY A 182 13.70 7.76 -8.59
C GLY A 182 13.48 8.35 -9.96
N GLY A 183 14.05 9.52 -10.22
CA GLY A 183 13.89 10.19 -11.49
C GLY A 183 14.30 11.64 -11.41
N PRO A 184 14.20 12.34 -12.55
CA PRO A 184 14.60 13.77 -12.56
C PRO A 184 13.78 14.63 -11.63
N ALA A 185 12.49 14.32 -11.43
CA ALA A 185 11.63 15.12 -10.58
C ALA A 185 10.65 14.19 -9.86
N VAL A 186 9.82 14.78 -9.00
CA VAL A 186 8.80 14.01 -8.32
C VAL A 186 7.81 13.50 -9.37
N ASP A 187 7.59 12.19 -9.37
CA ASP A 187 6.77 11.54 -10.37
C ASP A 187 6.14 10.31 -9.73
N ASN A 188 5.64 9.40 -10.57
CA ASN A 188 4.91 8.25 -10.06
C ASN A 188 5.77 7.40 -9.14
N ALA A 189 7.05 7.26 -9.45
CA ALA A 189 7.93 6.48 -8.58
C ALA A 189 8.00 7.08 -7.19
N THR A 190 8.12 8.41 -7.12
CA THR A 190 8.17 9.09 -5.83
C THR A 190 6.89 8.87 -5.04
N LEU A 191 5.74 9.00 -5.71
CA LEU A 191 4.46 8.80 -5.04
C LEU A 191 4.34 7.38 -4.51
N ASN A 192 4.71 6.39 -5.33
CA ASN A 192 4.55 5.00 -4.92
C ASN A 192 5.46 4.65 -3.75
N ARG A 193 6.74 5.05 -3.83
CA ARG A 193 7.65 4.75 -2.72
C ARG A 193 7.23 5.49 -1.47
N PHE A 194 6.74 6.72 -1.61
CA PHE A 194 6.24 7.46 -0.46
C PHE A 194 5.05 6.76 0.18
N PHE A 195 4.15 6.22 -0.64
CA PHE A 195 3.02 5.48 -0.08
C PHE A 195 3.49 4.26 0.68
N SER A 196 4.42 3.50 0.11
CA SER A 196 4.93 2.32 0.79
C SER A 196 5.56 2.68 2.12
N LEU A 197 6.41 3.72 2.13
CA LEU A 197 7.08 4.08 3.37
C LEU A 197 6.13 4.74 4.36
N HIS A 198 5.07 5.39 3.88
CA HIS A 198 4.07 5.95 4.77
C HIS A 198 3.30 4.84 5.48
N TYR A 199 3.03 3.75 4.78
CA TYR A 199 2.49 2.58 5.45
C TYR A 199 3.49 2.00 6.44
N LEU A 200 4.77 1.95 6.07
CA LEU A 200 5.77 1.30 6.92
C LEU A 200 5.98 2.06 8.23
N LEU A 201 6.21 3.38 8.14
CA LEU A 201 6.75 4.12 9.27
C LEU A 201 5.92 4.07 10.54
N PRO A 202 4.59 4.13 10.50
CA PRO A 202 3.82 4.12 11.76
C PRO A 202 4.08 2.91 12.63
N PHE A 203 4.39 1.76 12.06
CA PHE A 203 4.72 0.59 12.88
C PHE A 203 6.08 0.76 13.55
N VAL A 204 7.02 1.39 12.85
CA VAL A 204 8.29 1.75 13.48
C VAL A 204 8.05 2.72 14.62
N ILE A 205 7.13 3.67 14.42
CA ILE A 205 6.79 4.60 15.49
C ILE A 205 6.18 3.86 16.67
N ALA A 206 5.35 2.86 16.40
CA ALA A 206 4.77 2.08 17.48
C ALA A 206 5.83 1.33 18.27
N ALA A 207 6.80 0.73 17.58
CA ALA A 207 7.90 0.08 18.27
C ALA A 207 8.70 1.07 19.11
N LEU A 208 8.99 2.23 18.55
CA LEU A 208 9.71 3.25 19.31
C LEU A 208 8.90 3.73 20.50
N VAL A 209 7.58 3.77 20.37
CA VAL A 209 6.72 4.18 21.48
C VAL A 209 6.74 3.13 22.58
N ALA A 210 6.80 1.85 22.19
CA ALA A 210 6.96 0.79 23.19
C ALA A 210 8.28 0.96 23.93
N ILE A 211 9.35 1.28 23.21
CA ILE A 211 10.63 1.55 23.85
C ILE A 211 10.52 2.76 24.77
N HIS A 212 9.80 3.79 24.33
CA HIS A 212 9.52 4.97 25.16
C HIS A 212 8.87 4.55 26.47
N ILE A 213 7.85 3.71 26.38
CA ILE A 213 7.10 3.29 27.57
C ILE A 213 8.01 2.53 28.51
N TRP A 214 8.80 1.62 27.97
CA TRP A 214 9.72 0.85 28.81
C TRP A 214 10.76 1.76 29.46
N ALA A 215 11.27 2.73 28.71
CA ALA A 215 12.30 3.63 29.23
C ALA A 215 11.76 4.45 30.39
N PHE A 216 10.56 5.00 30.25
CA PHE A 216 10.03 5.79 31.36
C PHE A 216 9.49 4.91 32.49
N HIS A 217 9.20 3.64 32.22
CA HIS A 217 8.86 2.73 33.31
C HIS A 217 10.09 2.41 34.14
N SER A 218 11.25 2.31 33.49
CA SER A 218 12.47 1.93 34.21
C SER A 218 12.85 2.98 35.24
N THR A 219 12.93 4.25 34.83
CA THR A 219 13.35 5.30 35.74
C THR A 219 12.23 5.73 36.70
N GLY A 220 10.99 5.70 36.24
CA GLY A 220 9.86 6.21 36.97
C GLY A 220 9.23 7.36 36.21
N ASN A 221 8.33 8.07 36.90
CA ASN A 221 7.64 9.22 36.35
C ASN A 221 8.13 10.49 37.05
N ASN A 222 8.39 11.51 36.25
CA ASN A 222 8.73 12.82 36.78
C ASN A 222 7.46 13.56 37.19
N ASN A 223 7.61 14.49 38.12
CA ASN A 223 6.50 15.24 38.68
C ASN A 223 6.83 16.72 38.69
N PRO A 224 5.84 17.60 38.86
CA PRO A 224 6.14 19.03 38.91
C PRO A 224 7.13 19.40 40.00
N THR A 225 7.08 18.73 41.14
CA THR A 225 7.99 19.04 42.22
C THR A 225 9.45 18.81 41.83
N GLY A 226 9.69 17.85 40.95
CA GLY A 226 11.04 17.49 40.56
C GLY A 226 11.74 16.57 41.53
N VAL A 227 11.10 16.20 42.63
CA VAL A 227 11.70 15.35 43.66
C VAL A 227 11.28 13.91 43.38
N GLU A 228 12.25 13.01 43.33
CA GLU A 228 11.97 11.62 43.04
C GLU A 228 11.21 10.97 44.18
N VAL A 229 10.49 9.89 43.85
CA VAL A 229 9.77 9.14 44.87
C VAL A 229 10.75 8.50 45.83
N ARG A 230 10.32 8.32 47.08
CA ARG A 230 11.18 7.74 48.10
C ARG A 230 11.22 6.23 47.93
N ARG A 231 12.42 5.69 47.73
CA ARG A 231 12.62 4.26 47.54
C ARG A 231 13.05 3.56 48.82
N THR A 232 13.06 4.26 49.96
CA THR A 232 13.57 3.68 51.19
C THR A 232 12.73 2.49 51.63
N SER A 233 11.41 2.60 51.55
CA SER A 233 10.53 1.52 51.96
C SER A 233 9.20 1.63 51.23
N LYS A 234 8.43 0.56 51.29
CA LYS A 234 7.15 0.52 50.58
C LYS A 234 6.18 1.53 51.16
N ALA A 235 6.17 1.70 52.48
CA ALA A 235 5.24 2.64 53.10
C ALA A 235 5.47 4.05 52.60
N GLU A 236 6.73 4.50 52.59
CA GLU A 236 7.02 5.85 52.13
C GLU A 236 6.74 6.00 50.64
N ALA A 237 7.03 4.97 49.85
CA ALA A 237 6.74 5.04 48.43
C ALA A 237 5.24 5.21 48.19
N GLN A 238 4.42 4.46 48.92
CA GLN A 238 2.98 4.64 48.81
C GLN A 238 2.54 5.99 49.35
N LYS A 239 3.32 6.56 50.28
CA LYS A 239 2.97 7.86 50.83
C LYS A 239 3.26 9.00 49.87
N ASP A 240 4.04 8.75 48.81
CA ASP A 240 4.33 9.73 47.78
C ASP A 240 3.65 9.43 46.45
N THR A 241 3.01 8.28 46.31
CA THR A 241 2.51 7.83 45.02
C THR A 241 1.15 7.16 45.20
N VAL A 242 0.47 6.99 44.06
CA VAL A 242 -0.72 6.14 43.98
C VAL A 242 -0.55 5.23 42.78
N PRO A 243 -1.22 4.08 42.78
CA PRO A 243 -1.13 3.19 41.61
C PRO A 243 -1.68 3.89 40.38
N PHE A 244 -1.10 3.57 39.22
CA PHE A 244 -1.56 4.19 37.99
C PHE A 244 -3.02 3.84 37.72
N TRP A 245 -3.39 2.57 37.90
CA TRP A 245 -4.78 2.15 37.81
C TRP A 245 -5.42 2.19 39.18
N PRO A 246 -6.61 2.79 39.36
CA PRO A 246 -7.45 3.55 38.43
C PRO A 246 -7.20 5.04 38.47
N TYR A 247 -6.36 5.48 39.41
CA TYR A 247 -6.33 6.89 39.77
C TYR A 247 -5.91 7.77 38.60
N PHE A 248 -4.89 7.37 37.86
CA PHE A 248 -4.44 8.15 36.72
C PHE A 248 -4.96 7.61 35.39
N ILE A 249 -5.34 6.33 35.33
CA ILE A 249 -6.03 5.82 34.16
C ILE A 249 -7.29 6.63 33.90
N ILE A 250 -8.13 6.80 34.92
CA ILE A 250 -9.39 7.51 34.75
C ILE A 250 -9.14 8.99 34.49
N LYS A 251 -8.13 9.57 35.15
CA LYS A 251 -7.82 10.98 34.93
C LYS A 251 -7.42 11.23 33.49
N ASP A 252 -6.47 10.44 32.98
CA ASP A 252 -6.02 10.61 31.60
C ASP A 252 -7.11 10.27 30.61
N VAL A 253 -7.97 9.29 30.93
CA VAL A 253 -9.05 8.97 30.02
C VAL A 253 -10.05 10.12 29.95
N PHE A 254 -10.34 10.75 31.09
CA PHE A 254 -11.23 11.92 31.08
C PHE A 254 -10.63 13.06 30.28
N ALA A 255 -9.34 13.32 30.46
CA ALA A 255 -8.67 14.36 29.67
C ALA A 255 -8.76 14.04 28.19
N LEU A 256 -8.52 12.78 27.82
CA LEU A 256 -8.61 12.38 26.43
C LEU A 256 -10.03 12.52 25.91
N ALA A 257 -11.03 12.26 26.76
CA ALA A 257 -12.42 12.41 26.33
C ALA A 257 -12.73 13.87 26.02
N VAL A 258 -12.26 14.79 26.85
CA VAL A 258 -12.48 16.22 26.56
C VAL A 258 -11.74 16.63 25.28
N VAL A 259 -10.49 16.18 25.14
CA VAL A 259 -9.73 16.51 23.94
C VAL A 259 -10.42 15.96 22.71
N LEU A 260 -10.98 14.76 22.81
CA LEU A 260 -11.69 14.16 21.68
C LEU A 260 -13.00 14.86 21.41
N LEU A 261 -13.67 15.38 22.44
CA LEU A 261 -14.85 16.21 22.22
C LEU A 261 -14.49 17.39 21.33
N VAL A 262 -13.43 18.10 21.68
CA VAL A 262 -13.02 19.25 20.88
C VAL A 262 -12.61 18.81 19.48
N PHE A 263 -11.85 17.71 19.39
CA PHE A 263 -11.36 17.24 18.10
C PHE A 263 -12.50 16.85 17.17
N PHE A 264 -13.49 16.13 17.70
CA PHE A 264 -14.62 15.73 16.88
C PHE A 264 -15.49 16.91 16.50
N ALA A 265 -15.64 17.90 17.38
CA ALA A 265 -16.34 19.11 16.99
C ALA A 265 -15.64 19.79 15.82
N ILE A 266 -14.31 19.89 15.89
CA ILE A 266 -13.55 20.50 14.80
C ILE A 266 -13.73 19.71 13.52
N VAL A 267 -13.63 18.38 13.61
CA VAL A 267 -13.72 17.54 12.42
C VAL A 267 -15.11 17.61 11.80
N GLY A 268 -16.15 17.69 12.64
CA GLY A 268 -17.50 17.67 12.13
C GLY A 268 -17.99 19.00 11.60
N PHE A 269 -17.44 20.11 12.10
CA PHE A 269 -17.93 21.43 11.74
C PHE A 269 -16.91 22.32 11.06
N MET A 270 -15.65 21.92 11.00
CA MET A 270 -14.67 22.66 10.21
C MET A 270 -13.49 21.75 9.91
N PRO A 271 -13.71 20.67 9.18
CA PRO A 271 -12.64 19.69 8.97
C PRO A 271 -11.43 20.25 8.26
N ASN A 272 -11.61 21.17 7.33
CA ASN A 272 -10.55 21.68 6.48
C ASN A 272 -10.15 23.10 6.84
N TYR A 273 -10.24 23.44 8.13
CA TYR A 273 -9.71 24.72 8.59
C TYR A 273 -8.20 24.70 8.69
N LEU A 274 -7.62 23.56 9.05
CA LEU A 274 -6.19 23.43 9.23
C LEU A 274 -5.45 23.04 7.95
N GLY A 275 -6.17 22.80 6.86
CA GLY A 275 -5.56 22.47 5.59
C GLY A 275 -5.30 23.69 4.74
N HIS A 276 -5.14 23.45 3.44
CA HIS A 276 -4.98 24.49 2.45
C HIS A 276 -5.93 24.22 1.28
N PRO A 277 -6.66 25.23 0.78
CA PRO A 277 -7.53 24.98 -0.36
C PRO A 277 -6.80 24.47 -1.58
N ASP A 278 -5.54 24.87 -1.76
CA ASP A 278 -4.80 24.50 -2.97
C ASP A 278 -4.61 23.00 -3.10
N ASN A 279 -4.68 22.25 -2.00
CA ASN A 279 -4.55 20.80 -2.09
C ASN A 279 -5.80 20.14 -2.67
N TYR A 280 -6.88 20.89 -2.87
CA TYR A 280 -8.03 20.41 -3.61
C TYR A 280 -7.94 20.71 -5.10
N ILE A 281 -6.73 20.92 -5.61
CA ILE A 281 -6.47 21.13 -7.02
C ILE A 281 -5.51 20.03 -7.47
N GLU A 282 -5.83 19.39 -8.59
CA GLU A 282 -4.96 18.34 -9.10
C GLU A 282 -3.56 18.86 -9.31
N ALA A 283 -2.57 18.05 -8.94
CA ALA A 283 -1.18 18.47 -9.04
C ALA A 283 -0.85 18.85 -10.48
N ASN A 284 -0.21 20.01 -10.63
CA ASN A 284 0.17 20.54 -11.94
C ASN A 284 1.68 20.75 -11.97
N PRO A 285 2.47 19.84 -12.56
CA PRO A 285 3.91 20.05 -12.58
C PRO A 285 4.36 21.30 -13.33
N LEU A 286 3.51 21.85 -14.20
CA LEU A 286 3.90 22.98 -15.03
C LEU A 286 3.59 24.33 -14.41
N SER A 287 3.03 24.37 -13.20
CA SER A 287 2.69 25.64 -12.57
C SER A 287 2.68 25.44 -11.06
N THR A 288 3.12 26.47 -10.34
CA THR A 288 3.16 26.45 -8.89
C THR A 288 2.11 27.38 -8.31
N PRO A 289 1.53 27.06 -7.15
CA PRO A 289 0.62 28.01 -6.51
C PRO A 289 1.32 29.31 -6.17
N ALA A 290 0.54 30.40 -6.21
CA ALA A 290 1.11 31.71 -5.96
C ALA A 290 1.70 31.83 -4.57
N HIS A 291 1.31 30.97 -3.63
CA HIS A 291 1.87 30.98 -2.28
C HIS A 291 1.73 29.58 -1.70
N ILE A 292 2.84 28.84 -1.64
CA ILE A 292 2.86 27.53 -1.02
C ILE A 292 3.14 27.72 0.47
N VAL A 293 2.38 27.02 1.30
CA VAL A 293 2.51 27.12 2.75
C VAL A 293 2.54 25.71 3.34
N PRO A 294 3.53 25.35 4.14
CA PRO A 294 3.49 24.05 4.81
C PRO A 294 2.39 23.97 5.84
N GLU A 295 2.20 22.76 6.37
CA GLU A 295 1.29 22.56 7.48
C GLU A 295 1.82 23.27 8.72
N TRP A 296 0.90 23.60 9.63
CA TRP A 296 1.28 24.43 10.77
C TRP A 296 2.34 23.77 11.63
N TYR A 297 2.38 22.45 11.67
CA TYR A 297 3.35 21.77 12.52
C TYR A 297 4.75 21.71 11.91
N PHE A 298 4.91 22.13 10.66
CA PHE A 298 6.22 22.28 10.05
C PHE A 298 6.60 23.74 9.83
N LEU A 299 5.67 24.67 10.03
CA LEU A 299 5.97 26.09 9.84
C LEU A 299 7.11 26.60 10.70
N PRO A 300 7.29 26.22 11.96
CA PRO A 300 8.42 26.77 12.72
C PRO A 300 9.77 26.46 12.11
N PHE A 301 10.01 25.20 11.75
CA PHE A 301 11.29 24.83 11.18
C PHE A 301 11.42 25.28 9.73
N TYR A 302 10.30 25.39 9.02
CA TYR A 302 10.33 26.03 7.71
C TYR A 302 10.78 27.48 7.84
N ALA A 303 10.29 28.18 8.86
CA ALA A 303 10.72 29.55 9.10
C ALA A 303 12.20 29.60 9.44
N ILE A 304 12.68 28.66 10.25
CA ILE A 304 14.10 28.62 10.58
C ILE A 304 14.92 28.40 9.31
N LEU A 305 14.43 27.57 8.40
CA LEU A 305 15.09 27.40 7.12
C LEU A 305 15.13 28.71 6.34
N ARG A 306 14.01 29.42 6.30
CA ARG A 306 13.93 30.65 5.51
C ARG A 306 14.73 31.79 6.12
N ALA A 307 14.98 31.75 7.42
CA ALA A 307 15.52 32.92 8.11
C ALA A 307 16.91 33.29 7.58
N PHE A 308 17.77 32.31 7.41
CA PHE A 308 19.19 32.57 7.10
C PHE A 308 19.34 32.67 5.60
N THR A 309 19.40 33.90 5.10
CA THR A 309 19.61 34.20 3.69
C THR A 309 21.09 34.47 3.45
N ALA A 310 21.42 34.90 2.24
CA ALA A 310 22.82 35.17 1.91
C ALA A 310 23.36 36.38 2.64
N ASP A 311 22.50 37.34 2.97
CA ASP A 311 22.96 38.58 3.57
C ASP A 311 23.36 38.44 5.03
N VAL A 312 22.93 37.38 5.72
CA VAL A 312 23.18 37.26 7.14
C VAL A 312 24.67 37.06 7.38
N TRP A 313 25.18 37.70 8.43
CA TRP A 313 26.63 37.69 8.69
C TRP A 313 27.12 36.28 8.96
N VAL A 314 26.37 35.50 9.73
CA VAL A 314 26.80 34.14 10.04
C VAL A 314 26.85 33.29 8.77
N VAL A 315 25.90 33.52 7.86
CA VAL A 315 25.93 32.79 6.59
C VAL A 315 27.18 33.14 5.79
N GLN A 316 27.53 34.43 5.76
CA GLN A 316 28.74 34.84 5.04
C GLN A 316 29.98 34.25 5.68
N ILE A 317 30.03 34.20 7.02
CA ILE A 317 31.17 33.60 7.69
C ILE A 317 31.26 32.12 7.35
N ALA A 318 30.13 31.41 7.35
CA ALA A 318 30.15 29.99 7.00
C ALA A 318 30.61 29.80 5.57
N ASN A 319 30.16 30.66 4.66
CA ASN A 319 30.60 30.56 3.27
C ASN A 319 32.10 30.78 3.15
N PHE A 320 32.63 31.76 3.87
CA PHE A 320 34.05 32.06 3.78
C PHE A 320 34.89 30.92 4.36
N ILE A 321 34.50 30.43 5.53
CA ILE A 321 35.29 29.39 6.20
C ILE A 321 35.30 28.10 5.38
N SER A 322 34.19 27.81 4.70
CA SER A 322 34.06 26.57 3.93
C SER A 322 34.53 26.71 2.49
N PHE A 323 35.13 27.83 2.13
CA PHE A 323 35.61 28.06 0.76
C PHE A 323 34.48 27.96 -0.25
N GLY A 324 33.27 28.36 0.15
CA GLY A 324 32.12 28.32 -0.72
C GLY A 324 31.37 27.01 -0.74
N ILE A 325 31.83 25.99 -0.03
CA ILE A 325 31.12 24.72 0.01
C ILE A 325 29.76 24.89 0.68
N ILE A 326 29.73 25.60 1.80
CA ILE A 326 28.49 25.86 2.52
C ILE A 326 27.94 27.19 2.01
N ASP A 327 26.95 27.12 1.13
CA ASP A 327 26.29 28.29 0.60
C ASP A 327 25.03 28.59 1.40
N ALA A 328 24.30 29.64 1.00
CA ALA A 328 23.15 30.08 1.78
C ALA A 328 22.08 29.00 1.85
N LYS A 329 21.83 28.31 0.74
CA LYS A 329 20.81 27.27 0.72
C LYS A 329 21.17 26.12 1.65
N PHE A 330 22.38 25.59 1.50
CA PHE A 330 22.80 24.50 2.38
C PHE A 330 22.93 24.96 3.82
N PHE A 331 23.33 26.21 4.04
CA PHE A 331 23.37 26.72 5.40
C PHE A 331 21.98 26.73 6.01
N GLY A 332 20.97 27.13 5.24
CA GLY A 332 19.61 27.11 5.74
C GLY A 332 19.14 25.69 6.06
N VAL A 333 19.48 24.74 5.19
CA VAL A 333 19.11 23.35 5.47
C VAL A 333 19.79 22.86 6.75
N LEU A 334 21.08 23.16 6.90
CA LEU A 334 21.79 22.77 8.10
C LEU A 334 21.18 23.41 9.34
N ALA A 335 20.77 24.68 9.25
CA ALA A 335 20.13 25.33 10.38
C ALA A 335 18.80 24.68 10.73
N MET A 336 18.02 24.34 9.72
CA MET A 336 16.73 23.69 9.97
C MET A 336 16.93 22.37 10.70
N PHE A 337 17.90 21.57 10.27
CA PHE A 337 18.14 20.30 10.97
C PHE A 337 18.82 20.51 12.31
N GLY A 338 19.67 21.53 12.43
CA GLY A 338 20.37 21.79 13.66
C GLY A 338 19.47 22.33 14.75
N ALA A 339 18.34 22.94 14.40
CA ALA A 339 17.35 23.30 15.40
C ALA A 339 16.86 22.06 16.14
N ILE A 340 16.44 21.05 15.39
CA ILE A 340 16.02 19.80 16.00
C ILE A 340 17.19 19.12 16.69
N LEU A 341 18.39 19.27 16.16
CA LEU A 341 19.57 18.71 16.83
C LEU A 341 19.74 19.31 18.22
N VAL A 342 19.76 20.65 18.32
CA VAL A 342 19.95 21.28 19.62
C VAL A 342 18.80 20.95 20.54
N MET A 343 17.60 20.79 20.00
CA MET A 343 16.51 20.27 20.84
C MET A 343 16.81 18.87 21.33
N ALA A 344 17.55 18.09 20.53
CA ALA A 344 17.75 16.67 20.84
C ALA A 344 18.66 16.48 22.05
N LEU A 345 19.80 17.16 22.07
CA LEU A 345 20.82 16.93 23.09
C LEU A 345 20.75 17.98 24.19
N VAL A 346 19.54 18.41 24.55
CA VAL A 346 19.33 19.30 25.67
C VAL A 346 19.70 18.66 27.01
N PRO A 347 19.66 17.33 27.20
CA PRO A 347 20.07 16.79 28.52
C PRO A 347 21.50 17.11 28.89
N TRP A 348 22.36 17.39 27.91
CA TRP A 348 23.76 17.67 28.18
C TRP A 348 24.11 19.15 28.08
N LEU A 349 23.20 19.98 27.58
CA LEU A 349 23.40 21.43 27.55
C LEU A 349 22.89 22.08 28.83
N ASP A 350 21.78 21.60 29.36
CA ASP A 350 21.24 22.13 30.61
C ASP A 350 22.08 21.58 31.76
N THR A 351 22.90 22.43 32.36
CA THR A 351 23.82 22.03 33.41
C THR A 351 23.36 22.45 34.80
N SER A 352 22.07 22.72 34.97
CA SER A 352 21.55 23.13 36.27
C SER A 352 21.27 21.91 37.12
N PRO A 353 21.78 21.82 38.36
CA PRO A 353 21.48 20.64 39.19
C PRO A 353 20.00 20.41 39.45
N VAL A 354 19.23 21.49 39.65
CA VAL A 354 17.82 21.33 39.98
C VAL A 354 17.05 20.90 38.74
N ARG A 355 16.14 19.94 38.90
CA ARG A 355 15.46 19.34 37.77
C ARG A 355 14.25 20.15 37.33
N SER A 356 13.27 20.33 38.22
CA SER A 356 12.06 21.03 37.84
C SER A 356 12.34 22.52 37.63
N GLY A 357 11.74 23.07 36.58
CA GLY A 357 11.87 24.49 36.30
C GLY A 357 11.02 25.38 37.16
N ARG A 358 10.18 24.80 38.02
CA ARG A 358 9.32 25.62 38.88
C ARG A 358 10.11 26.33 39.95
N TYR A 359 11.27 25.79 40.33
CA TYR A 359 12.09 26.35 41.40
C TYR A 359 13.32 27.06 40.85
N ARG A 360 13.29 27.45 39.58
CA ARG A 360 14.37 28.18 38.94
C ARG A 360 13.86 29.57 38.57
N PRO A 361 14.15 30.60 39.36
CA PRO A 361 13.42 31.86 39.19
C PRO A 361 13.56 32.49 37.81
N MET A 362 14.74 32.43 37.20
CA MET A 362 14.98 33.10 35.93
C MET A 362 14.95 32.17 34.74
N PHE A 363 14.98 30.85 34.95
CA PHE A 363 14.75 29.93 33.85
C PHE A 363 13.33 30.04 33.32
N LYS A 364 12.38 30.42 34.18
CA LYS A 364 11.00 30.56 33.74
C LYS A 364 10.86 31.62 32.66
N ILE A 365 11.56 32.75 32.83
CA ILE A 365 11.47 33.84 31.86
C ILE A 365 11.92 33.34 30.49
N TYR A 366 13.07 32.68 30.44
CA TYR A 366 13.59 32.23 29.17
C TYR A 366 12.76 31.11 28.58
N PHE A 367 12.19 30.23 29.42
CA PHE A 367 11.33 29.19 28.88
C PHE A 367 10.07 29.77 28.25
N TRP A 368 9.44 30.74 28.91
CA TRP A 368 8.24 31.32 28.31
C TRP A 368 8.57 32.18 27.10
N LEU A 369 9.75 32.79 27.09
CA LEU A 369 10.21 33.44 25.87
C LEU A 369 10.37 32.43 24.74
N LEU A 370 10.89 31.24 25.06
CA LEU A 370 11.01 30.20 24.04
C LEU A 370 9.65 29.75 23.55
N ALA A 371 8.67 29.65 24.44
CA ALA A 371 7.32 29.27 24.04
C ALA A 371 6.73 30.31 23.09
N ALA A 372 6.80 31.57 23.48
CA ALA A 372 6.36 32.64 22.58
C ALA A 372 7.14 32.61 21.28
N ASP A 373 8.42 32.25 21.34
CA ASP A 373 9.25 32.21 20.14
C ASP A 373 8.80 31.09 19.21
N PHE A 374 8.43 29.94 19.76
CA PHE A 374 7.92 28.85 18.94
C PHE A 374 6.62 29.25 18.27
N VAL A 375 5.74 29.93 19.01
CA VAL A 375 4.50 30.42 18.41
C VAL A 375 4.80 31.43 17.31
N ILE A 376 5.77 32.31 17.54
CA ILE A 376 6.10 33.34 16.57
C ILE A 376 6.72 32.71 15.32
N LEU A 377 7.54 31.68 15.50
CA LEU A 377 8.08 30.95 14.35
C LEU A 377 6.97 30.30 13.55
N THR A 378 6.00 29.69 14.24
CA THR A 378 4.84 29.14 13.55
C THR A 378 4.13 30.22 12.73
N TRP A 379 3.92 31.39 13.33
CA TRP A 379 3.20 32.45 12.63
C TRP A 379 3.99 32.99 11.44
N VAL A 380 5.30 33.18 11.62
CA VAL A 380 6.10 33.82 10.59
C VAL A 380 6.51 32.86 9.48
N GLY A 381 6.37 31.55 9.70
CA GLY A 381 6.66 30.61 8.62
C GLY A 381 5.74 30.81 7.44
N ALA A 382 4.49 31.17 7.68
CA ALA A 382 3.52 31.34 6.61
C ALA A 382 3.64 32.69 5.91
N GLN A 383 4.44 33.60 6.43
CA GLN A 383 4.59 34.92 5.84
C GLN A 383 5.67 34.91 4.77
N GLN A 384 5.68 35.97 3.96
CA GLN A 384 6.75 36.15 2.99
C GLN A 384 8.03 36.59 3.70
N THR A 385 9.14 36.52 2.97
CA THR A 385 10.45 36.87 3.51
C THR A 385 10.79 38.33 3.28
N THR A 386 9.78 39.19 3.11
CA THR A 386 10.01 40.61 2.95
C THR A 386 10.00 41.31 4.30
N PHE A 387 10.42 42.58 4.29
CA PHE A 387 10.43 43.34 5.52
C PHE A 387 9.02 43.49 6.05
N PRO A 388 8.80 43.42 7.38
CA PRO A 388 9.72 43.15 8.49
C PRO A 388 9.81 41.68 8.84
N TYR A 389 9.21 40.83 8.03
CA TYR A 389 9.12 39.42 8.38
C TYR A 389 10.50 38.77 8.42
N ASP A 390 11.41 39.19 7.55
CA ASP A 390 12.74 38.60 7.54
C ASP A 390 13.47 38.87 8.85
N TRP A 391 13.40 40.09 9.36
CA TRP A 391 14.11 40.43 10.59
C TRP A 391 13.55 39.67 11.78
N ILE A 392 12.23 39.63 11.92
CA ILE A 392 11.64 38.93 13.05
C ILE A 392 11.90 37.43 12.94
N SER A 393 11.89 36.90 11.72
CA SER A 393 12.23 35.49 11.54
C SER A 393 13.66 35.21 11.95
N LEU A 394 14.59 36.08 11.56
CA LEU A 394 15.98 35.91 11.96
C LEU A 394 16.13 35.97 13.47
N ILE A 395 15.47 36.93 14.12
CA ILE A 395 15.58 37.06 15.56
C ILE A 395 14.99 35.84 16.26
N ALA A 396 13.86 35.33 15.74
CA ALA A 396 13.24 34.16 16.34
C ALA A 396 14.14 32.95 16.24
N SER A 397 14.73 32.72 15.07
CA SER A 397 15.65 31.59 14.91
C SER A 397 16.87 31.76 15.81
N ALA A 398 17.40 32.99 15.89
CA ALA A 398 18.57 33.24 16.72
C ALA A 398 18.27 32.94 18.17
N TYR A 399 17.10 33.35 18.67
CA TYR A 399 16.78 33.05 20.05
C TYR A 399 16.56 31.57 20.26
N TRP A 400 15.96 30.89 19.28
CA TRP A 400 15.77 29.45 19.41
C TRP A 400 17.10 28.75 19.59
N PHE A 401 18.11 29.15 18.81
CA PHE A 401 19.42 28.51 18.94
C PHE A 401 20.12 28.95 20.22
N ALA A 402 19.97 30.22 20.60
CA ALA A 402 20.66 30.73 21.78
C ALA A 402 20.11 30.12 23.06
N TYR A 403 18.84 29.75 23.08
CA TYR A 403 18.27 29.15 24.28
C TYR A 403 19.01 27.88 24.64
N PHE A 404 19.17 26.97 23.68
CA PHE A 404 19.84 25.71 23.96
C PHE A 404 21.36 25.87 24.02
N LEU A 405 21.94 26.66 23.13
CA LEU A 405 23.39 26.72 23.01
C LEU A 405 24.05 27.70 23.97
N VAL A 406 23.34 28.75 24.39
CA VAL A 406 23.95 29.81 25.17
C VAL A 406 23.29 29.93 26.53
N ILE A 407 21.96 30.09 26.55
CA ILE A 407 21.29 30.48 27.78
C ILE A 407 21.36 29.36 28.81
N LEU A 408 21.04 28.13 28.42
CA LEU A 408 20.94 27.05 29.40
C LEU A 408 22.28 26.73 30.05
N PRO A 409 23.39 26.58 29.33
CA PRO A 409 24.67 26.37 30.02
C PRO A 409 25.05 27.49 30.97
N ILE A 410 24.73 28.74 30.63
CA ILE A 410 25.07 29.85 31.51
C ILE A 410 24.21 29.82 32.77
N LEU A 411 22.91 29.61 32.59
CA LEU A 411 22.01 29.53 33.75
C LEU A 411 22.40 28.38 34.66
N GLY A 412 22.95 27.31 34.11
CA GLY A 412 23.43 26.24 34.96
C GLY A 412 24.49 26.68 35.95
N ALA A 413 25.17 27.79 35.68
CA ALA A 413 26.24 28.30 36.53
C ALA A 413 25.82 29.50 37.36
N ILE A 414 25.15 30.49 36.77
CA ILE A 414 24.89 31.74 37.47
C ILE A 414 23.57 31.77 38.23
N GLU A 415 22.68 30.82 37.99
CA GLU A 415 21.35 30.87 38.58
C GLU A 415 21.42 30.53 40.07
N LYS A 416 20.39 30.98 40.80
CA LYS A 416 20.27 30.75 42.25
C LYS A 416 18.88 30.18 42.51
N PRO A 417 18.66 28.90 42.24
CA PRO A 417 17.31 28.35 42.37
C PRO A 417 16.87 28.26 43.83
N VAL A 418 15.56 28.18 44.01
CA VAL A 418 14.97 28.04 45.33
C VAL A 418 14.87 26.56 45.67
N ALA A 419 14.77 26.28 46.97
CA ALA A 419 14.77 24.90 47.43
C ALA A 419 13.43 24.22 47.10
N PRO A 420 13.44 23.02 46.53
CA PRO A 420 12.17 22.31 46.33
C PRO A 420 11.66 21.75 47.64
N PRO A 421 10.43 21.23 47.66
CA PRO A 421 9.94 20.56 48.87
C PRO A 421 10.78 19.34 49.21
N ALA A 422 10.68 18.93 50.48
CA ALA A 422 11.45 17.78 50.93
C ALA A 422 10.99 16.51 50.22
N THR A 423 9.69 16.35 50.03
CA THR A 423 9.12 15.13 49.47
C THR A 423 7.94 15.49 48.58
N ILE A 424 7.48 14.52 47.80
CA ILE A 424 6.25 14.71 47.03
C ILE A 424 5.06 14.80 47.96
N GLU A 425 5.13 14.14 49.12
CA GLU A 425 4.05 14.22 50.09
C GLU A 425 3.81 15.65 50.52
N GLU A 426 4.89 16.39 50.78
CA GLU A 426 4.75 17.78 51.22
C GLU A 426 4.08 18.63 50.14
N ASP A 427 4.42 18.40 48.88
CA ASP A 427 3.81 19.15 47.79
C ASP A 427 2.33 18.80 47.64
N PHE A 428 1.99 17.51 47.72
CA PHE A 428 0.62 17.10 47.49
C PHE A 428 -0.30 17.57 48.61
N ASN A 429 0.23 17.75 49.82
CA ASN A 429 -0.57 18.17 50.97
C ASN A 429 -0.58 19.68 51.14
N ALA A 430 -0.46 20.44 50.06
CA ALA A 430 -0.52 21.89 50.14
C ALA A 430 -0.73 22.48 48.75
N ALA B 1 0.85 36.64 -5.28
CA ALA B 1 -0.61 36.95 -5.22
C ALA B 1 -0.99 37.39 -3.81
N GLY B 2 -2.29 37.42 -3.52
CA GLY B 2 -2.74 37.83 -2.21
C GLY B 2 -4.20 37.48 -2.01
N GLY B 3 -4.74 37.95 -0.89
CA GLY B 3 -6.12 37.71 -0.52
C GLY B 3 -6.99 38.92 -0.82
N GLY B 4 -8.08 38.68 -1.55
CA GLY B 4 -8.99 39.73 -1.92
C GLY B 4 -10.14 39.90 -0.94
N HIS B 5 -11.04 40.81 -1.29
CA HIS B 5 -12.24 41.08 -0.50
C HIS B 5 -13.44 40.42 -1.15
N VAL B 6 -14.16 39.63 -0.36
CA VAL B 6 -15.33 38.89 -0.82
C VAL B 6 -16.53 39.33 0.00
N GLU B 7 -17.66 39.55 -0.67
CA GLU B 7 -18.88 39.96 0.01
C GLU B 7 -19.49 38.74 0.71
N ASP B 8 -19.56 38.80 2.02
CA ASP B 8 -20.12 37.69 2.79
C ASP B 8 -21.60 37.53 2.49
N VAL B 9 -22.04 36.29 2.28
CA VAL B 9 -23.39 35.97 1.88
C VAL B 9 -23.99 35.07 2.96
N PRO B 10 -25.22 35.31 3.44
CA PRO B 10 -25.83 34.34 4.36
C PRO B 10 -26.41 33.11 3.66
N PHE B 11 -25.54 32.15 3.37
CA PHE B 11 -25.97 30.90 2.75
C PHE B 11 -26.73 30.05 3.75
N SER B 12 -27.63 29.21 3.23
CA SER B 12 -28.48 28.39 4.09
C SER B 12 -27.70 27.29 4.80
N PHE B 13 -26.48 27.00 4.36
CA PHE B 13 -25.70 25.88 4.88
C PHE B 13 -24.60 26.34 5.83
N GLU B 14 -24.71 27.55 6.37
CA GLU B 14 -23.70 28.09 7.27
C GLU B 14 -24.05 27.75 8.72
N GLY B 15 -23.01 27.48 9.50
CA GLY B 15 -23.18 27.22 10.92
C GLY B 15 -23.48 25.77 11.19
N PRO B 16 -23.43 25.37 12.47
CA PRO B 16 -23.63 23.94 12.78
C PRO B 16 -24.97 23.40 12.31
N PHE B 17 -26.03 24.19 12.42
CA PHE B 17 -27.36 23.77 11.99
C PHE B 17 -27.66 24.25 10.57
N GLY B 18 -26.74 23.97 9.65
CA GLY B 18 -26.86 24.39 8.27
C GLY B 18 -27.31 23.22 7.40
N THR B 19 -28.20 23.51 6.47
CA THR B 19 -28.75 22.51 5.57
C THR B 19 -28.90 23.10 4.19
N PHE B 20 -28.56 22.31 3.16
CA PHE B 20 -28.74 22.76 1.80
C PHE B 20 -30.22 22.96 1.52
N ASP B 21 -30.55 24.11 0.92
CA ASP B 21 -31.91 24.36 0.46
C ASP B 21 -32.12 23.61 -0.84
N GLN B 22 -33.03 22.64 -0.83
CA GLN B 22 -33.19 21.75 -1.98
C GLN B 22 -33.57 22.53 -3.22
N HIS B 23 -34.52 23.45 -3.11
CA HIS B 23 -34.93 24.24 -4.26
C HIS B 23 -33.79 25.10 -4.78
N GLN B 24 -33.01 25.68 -3.87
CA GLN B 24 -31.88 26.49 -4.29
C GLN B 24 -30.86 25.64 -5.03
N LEU B 25 -30.62 24.42 -4.56
CA LEU B 25 -29.70 23.53 -5.25
C LEU B 25 -30.23 23.14 -6.63
N GLN B 26 -31.54 22.93 -6.75
CA GLN B 26 -32.10 22.64 -8.06
C GLN B 26 -31.93 23.82 -9.01
N ARG B 27 -32.18 25.04 -8.52
CA ARG B 27 -31.96 26.22 -9.36
C ARG B 27 -30.49 26.36 -9.73
N GLY B 28 -29.59 26.06 -8.79
CA GLY B 28 -28.18 26.10 -9.10
C GLY B 28 -27.78 25.09 -10.15
N LEU B 29 -28.35 23.89 -10.08
CA LEU B 29 -28.10 22.90 -11.13
C LEU B 29 -28.60 23.38 -12.47
N GLN B 30 -29.79 24.00 -12.49
CA GLN B 30 -30.32 24.51 -13.74
C GLN B 30 -29.39 25.54 -14.36
N VAL B 31 -28.98 26.54 -13.56
CA VAL B 31 -28.15 27.60 -14.10
C VAL B 31 -26.75 27.09 -14.43
N TYR B 32 -26.26 26.07 -13.72
CA TYR B 32 -25.00 25.45 -14.13
C TYR B 32 -25.13 24.78 -15.48
N THR B 33 -26.25 24.06 -15.71
CA THR B 33 -26.42 23.35 -16.97
C THR B 33 -26.52 24.30 -18.14
N GLU B 34 -27.25 25.40 -17.98
CA GLU B 34 -27.54 26.29 -19.10
C GLU B 34 -26.48 27.34 -19.34
N VAL B 35 -25.57 27.57 -18.38
CA VAL B 35 -24.57 28.62 -18.52
C VAL B 35 -23.17 28.05 -18.33
N CYS B 36 -22.90 27.51 -17.14
CA CYS B 36 -21.52 27.17 -16.78
C CYS B 36 -21.03 25.95 -17.53
N ALA B 37 -21.92 24.98 -17.77
CA ALA B 37 -21.50 23.69 -18.33
C ALA B 37 -20.92 23.84 -19.73
N ALA B 38 -21.19 24.94 -20.42
CA ALA B 38 -20.66 25.12 -21.77
C ALA B 38 -19.15 25.13 -21.77
N CYS B 39 -18.53 25.84 -20.82
CA CYS B 39 -17.08 25.93 -20.73
C CYS B 39 -16.48 25.05 -19.65
N HIS B 40 -17.25 24.66 -18.62
CA HIS B 40 -16.74 23.99 -17.44
C HIS B 40 -17.17 22.53 -17.41
N GLY B 41 -16.60 21.79 -16.47
CA GLY B 41 -16.96 20.40 -16.24
C GLY B 41 -16.64 20.04 -14.81
N MET B 42 -17.27 18.96 -14.34
CA MET B 42 -17.08 18.49 -12.96
C MET B 42 -16.76 16.99 -13.02
N LYS B 43 -15.47 16.67 -13.22
CA LYS B 43 -15.09 15.30 -13.48
C LYS B 43 -15.25 14.38 -12.27
N PHE B 44 -15.30 14.94 -11.06
CA PHE B 44 -15.36 14.14 -9.85
C PHE B 44 -16.77 13.94 -9.31
N VAL B 45 -17.78 14.48 -9.99
CA VAL B 45 -19.15 14.50 -9.49
C VAL B 45 -19.96 13.47 -10.29
N PRO B 46 -20.35 12.34 -9.69
CA PRO B 46 -21.27 11.44 -10.40
C PRO B 46 -22.61 12.12 -10.66
N ILE B 47 -23.19 11.81 -11.83
CA ILE B 47 -24.52 12.33 -12.12
C ILE B 47 -25.55 11.70 -11.19
N ARG B 48 -25.37 10.43 -10.85
CA ARG B 48 -26.28 9.74 -9.95
C ARG B 48 -26.37 10.41 -8.60
N SER B 49 -25.36 11.19 -8.21
CA SER B 49 -25.41 11.91 -6.95
C SER B 49 -26.50 12.98 -6.91
N LEU B 50 -27.10 13.32 -8.06
CA LEU B 50 -28.21 14.25 -8.04
C LEU B 50 -29.41 13.68 -7.30
N SER B 51 -29.55 12.35 -7.28
CA SER B 51 -30.67 11.69 -6.62
C SER B 51 -30.41 11.36 -5.16
N GLU B 52 -29.17 11.51 -4.69
CA GLU B 52 -28.83 11.09 -3.34
C GLU B 52 -29.50 12.01 -2.32
N PRO B 53 -29.68 11.54 -1.08
CA PRO B 53 -30.26 12.39 -0.05
C PRO B 53 -29.31 13.51 0.35
N GLY B 54 -29.89 14.57 0.88
CA GLY B 54 -29.10 15.72 1.29
C GLY B 54 -28.47 16.46 0.13
N GLY B 55 -29.20 16.62 -0.96
CA GLY B 55 -28.72 17.34 -2.12
C GLY B 55 -29.90 17.89 -2.90
N PRO B 56 -29.77 18.01 -4.22
CA PRO B 56 -30.95 18.35 -5.03
C PRO B 56 -32.08 17.35 -4.88
N GLU B 57 -31.75 16.07 -4.70
CA GLU B 57 -32.73 15.01 -4.47
C GLU B 57 -33.77 14.96 -5.58
N LEU B 58 -33.30 15.03 -6.82
CA LEU B 58 -34.19 14.91 -7.95
C LEU B 58 -34.70 13.48 -8.06
N PRO B 59 -35.86 13.27 -8.68
CA PRO B 59 -36.33 11.89 -8.90
C PRO B 59 -35.35 11.10 -9.75
N GLU B 60 -35.36 9.78 -9.56
CA GLU B 60 -34.42 8.93 -10.29
C GLU B 60 -34.63 9.04 -11.79
N ASP B 61 -35.89 9.04 -12.25
CA ASP B 61 -36.16 9.11 -13.67
C ASP B 61 -35.71 10.46 -14.25
N GLN B 62 -35.90 11.54 -13.51
CA GLN B 62 -35.45 12.84 -13.99
C GLN B 62 -33.93 12.89 -14.13
N VAL B 63 -33.21 12.32 -13.16
CA VAL B 63 -31.76 12.29 -13.26
C VAL B 63 -31.32 11.43 -14.44
N ARG B 64 -32.00 10.30 -14.66
CA ARG B 64 -31.65 9.45 -15.78
C ARG B 64 -31.91 10.14 -17.11
N ALA B 65 -32.98 10.93 -17.19
CA ALA B 65 -33.21 11.74 -18.39
C ALA B 65 -32.17 12.83 -18.54
N TYR B 66 -31.77 13.44 -17.44
CA TYR B 66 -30.77 14.50 -17.49
C TYR B 66 -29.43 13.97 -17.97
N ALA B 67 -29.05 12.77 -17.54
CA ALA B 67 -27.76 12.21 -17.93
C ALA B 67 -27.70 11.90 -19.42
N THR B 68 -28.84 11.83 -20.12
CA THR B 68 -28.82 11.48 -21.53
C THR B 68 -28.32 12.61 -22.42
N GLN B 69 -28.24 13.84 -21.89
CA GLN B 69 -27.82 14.97 -22.70
C GLN B 69 -26.33 15.00 -22.96
N PHE B 70 -25.55 14.13 -22.31
CA PHE B 70 -24.11 14.09 -22.47
C PHE B 70 -23.72 12.95 -23.39
N THR B 71 -22.75 13.21 -24.26
CA THR B 71 -22.16 12.19 -25.11
C THR B 71 -20.81 11.79 -24.49
N VAL B 72 -20.69 10.52 -24.12
CA VAL B 72 -19.54 10.02 -23.38
C VAL B 72 -18.93 8.85 -24.14
N THR B 73 -17.61 8.78 -24.15
CA THR B 73 -16.89 7.67 -24.78
C THR B 73 -16.90 6.48 -23.83
N ASP B 74 -17.47 5.37 -24.28
CA ASP B 74 -17.61 4.20 -23.43
C ASP B 74 -16.24 3.61 -23.11
N GLU B 75 -16.04 3.26 -21.83
CA GLU B 75 -14.82 2.58 -21.42
C GLU B 75 -14.76 1.16 -21.98
N GLU B 76 -15.91 0.51 -22.12
CA GLU B 76 -15.92 -0.88 -22.55
C GLU B 76 -15.48 -1.01 -24.00
N THR B 77 -16.04 -0.17 -24.89
CA THR B 77 -15.81 -0.28 -26.31
C THR B 77 -15.18 0.95 -26.95
N GLY B 78 -14.98 2.04 -26.21
CA GLY B 78 -14.37 3.21 -26.79
C GLY B 78 -15.19 3.83 -27.90
N GLU B 79 -16.52 3.86 -27.74
CA GLU B 79 -17.42 4.44 -28.72
C GLU B 79 -18.36 5.41 -28.02
N ASP B 80 -18.72 6.49 -28.72
CA ASP B 80 -19.60 7.49 -28.13
C ASP B 80 -20.98 6.92 -27.88
N ARG B 81 -21.59 7.34 -26.78
CA ARG B 81 -22.91 6.89 -26.39
C ARG B 81 -23.55 7.94 -25.51
N GLU B 82 -24.86 7.80 -25.30
CA GLU B 82 -25.56 8.69 -24.38
C GLU B 82 -25.10 8.43 -22.95
N GLY B 83 -25.04 9.50 -22.16
CA GLY B 83 -24.60 9.37 -20.79
C GLY B 83 -25.60 8.61 -19.94
N LYS B 84 -25.10 8.08 -18.84
CA LYS B 84 -25.88 7.32 -17.87
C LYS B 84 -25.62 7.88 -16.49
N PRO B 85 -26.53 7.64 -15.54
CA PRO B 85 -26.32 8.20 -14.19
C PRO B 85 -25.02 7.77 -13.54
N THR B 86 -24.49 6.60 -13.90
CA THR B 86 -23.23 6.16 -13.33
C THR B 86 -22.03 6.96 -13.79
N ASP B 87 -22.18 7.75 -14.87
CA ASP B 87 -21.08 8.52 -15.40
C ASP B 87 -20.96 9.87 -14.70
N HIS B 88 -19.74 10.33 -14.53
CA HIS B 88 -19.50 11.66 -14.00
C HIS B 88 -19.84 12.71 -15.04
N PHE B 89 -19.90 13.97 -14.61
CA PHE B 89 -20.13 15.05 -15.55
C PHE B 89 -18.95 15.16 -16.50
N PRO B 90 -19.16 15.71 -17.70
CA PRO B 90 -18.04 15.81 -18.65
C PRO B 90 -16.93 16.69 -18.12
N HIS B 91 -15.74 16.50 -18.68
CA HIS B 91 -14.62 17.38 -18.38
C HIS B 91 -14.89 18.77 -18.96
N SER B 92 -13.99 19.69 -18.66
CA SER B 92 -14.11 21.05 -19.18
C SER B 92 -13.99 21.05 -20.69
N ALA B 93 -15.05 21.51 -21.37
CA ALA B 93 -15.00 21.61 -22.83
C ALA B 93 -13.93 22.59 -23.26
N LEU B 94 -13.80 23.71 -22.55
CA LEU B 94 -12.77 24.69 -22.81
C LEU B 94 -11.57 24.39 -21.92
N GLU B 95 -10.38 24.34 -22.53
CA GLU B 95 -9.18 23.91 -21.80
C GLU B 95 -8.87 24.85 -20.64
N ASN B 96 -8.80 26.15 -20.92
CA ASN B 96 -8.42 27.13 -19.91
C ASN B 96 -9.59 27.47 -18.99
N ALA B 97 -10.20 26.45 -18.39
CA ALA B 97 -11.32 26.61 -17.49
C ALA B 97 -11.30 25.44 -16.51
N PRO B 98 -11.00 25.66 -15.24
CA PRO B 98 -10.70 24.52 -14.35
C PRO B 98 -11.96 23.74 -14.04
N ASP B 99 -11.75 22.64 -13.32
CA ASP B 99 -12.87 21.81 -12.90
C ASP B 99 -13.60 22.48 -11.74
N LEU B 100 -14.93 22.53 -11.82
CA LEU B 100 -15.74 23.17 -10.81
C LEU B 100 -16.21 22.21 -9.72
N SER B 101 -15.71 20.97 -9.72
CA SER B 101 -16.13 20.01 -8.71
C SER B 101 -15.76 20.49 -7.31
N LEU B 102 -14.49 20.86 -7.11
CA LEU B 102 -13.99 21.23 -5.79
C LEU B 102 -13.65 22.71 -5.69
N MET B 103 -14.22 23.54 -6.57
CA MET B 103 -13.89 24.96 -6.55
C MET B 103 -14.32 25.60 -5.23
N ALA B 104 -15.47 25.20 -4.70
CA ALA B 104 -15.97 25.78 -3.46
C ALA B 104 -15.11 25.42 -2.26
N LYS B 105 -14.21 24.43 -2.38
CA LYS B 105 -13.24 24.14 -1.35
C LYS B 105 -11.82 24.52 -1.74
N ALA B 106 -11.58 24.83 -3.00
CA ALA B 106 -10.25 25.18 -3.50
C ALA B 106 -9.97 26.67 -3.44
N ARG B 107 -10.89 27.47 -2.91
CA ARG B 107 -10.71 28.90 -2.78
C ARG B 107 -11.08 29.34 -1.38
N ALA B 108 -10.31 30.28 -0.84
CA ALA B 108 -10.56 30.85 0.47
C ALA B 108 -10.99 32.30 0.26
N GLY B 109 -12.26 32.59 0.52
CA GLY B 109 -12.74 33.95 0.38
C GLY B 109 -12.30 34.88 1.50
N PHE B 110 -11.97 34.33 2.66
CA PHE B 110 -11.61 35.12 3.84
C PHE B 110 -10.15 34.91 4.17
N HIS B 111 -9.42 36.01 4.33
CA HIS B 111 -8.02 36.00 4.69
C HIS B 111 -7.77 37.03 5.77
N GLY B 112 -6.67 36.84 6.50
CA GLY B 112 -6.24 37.81 7.48
C GLY B 112 -6.68 37.47 8.89
N PRO B 113 -6.70 38.47 9.79
CA PRO B 113 -6.37 39.89 9.57
C PRO B 113 -4.89 40.12 9.22
N MET B 114 -3.98 39.35 9.82
CA MET B 114 -2.55 39.46 9.54
C MET B 114 -1.94 38.07 9.45
N GLY B 115 -2.62 37.16 8.75
CA GLY B 115 -2.15 35.81 8.62
C GLY B 115 -2.40 34.93 9.82
N THR B 116 -3.10 35.44 10.85
CA THR B 116 -3.37 34.64 12.04
C THR B 116 -4.46 33.60 11.80
N GLY B 117 -5.28 33.77 10.77
CA GLY B 117 -6.36 32.84 10.51
C GLY B 117 -7.60 33.04 11.34
N ILE B 118 -7.68 34.13 12.10
CA ILE B 118 -8.85 34.37 12.95
C ILE B 118 -10.09 34.62 12.10
N SER B 119 -9.91 35.28 10.95
CA SER B 119 -11.07 35.61 10.11
C SER B 119 -11.76 34.35 9.62
N GLN B 120 -10.98 33.35 9.17
CA GLN B 120 -11.60 32.11 8.72
C GLN B 120 -12.26 31.37 9.86
N LEU B 121 -11.76 31.54 11.08
CA LEU B 121 -12.34 30.83 12.23
C LEU B 121 -13.79 31.23 12.45
N PHE B 122 -14.09 32.53 12.34
CA PHE B 122 -15.43 33.02 12.57
C PHE B 122 -16.26 33.16 11.30
N ASN B 123 -15.63 33.11 10.12
CA ASN B 123 -16.34 33.28 8.86
C ASN B 123 -16.27 32.05 7.95
N GLY B 124 -15.53 31.01 8.33
CA GLY B 124 -15.36 29.86 7.46
C GLY B 124 -14.31 30.09 6.40
N ILE B 125 -14.17 29.10 5.52
CA ILE B 125 -13.19 29.22 4.44
C ILE B 125 -13.63 30.27 3.43
N GLY B 126 -14.93 30.30 3.11
CA GLY B 126 -15.47 31.32 2.23
C GLY B 126 -15.39 31.03 0.76
N GLY B 127 -15.28 29.77 0.36
CA GLY B 127 -15.22 29.40 -1.03
C GLY B 127 -16.47 29.77 -1.80
N PRO B 128 -17.65 29.43 -1.27
CA PRO B 128 -18.89 29.88 -1.93
C PRO B 128 -18.98 31.40 -2.03
N GLU B 129 -18.56 32.11 -0.99
CA GLU B 129 -18.55 33.56 -1.06
C GLU B 129 -17.61 34.05 -2.16
N TYR B 130 -16.46 33.40 -2.30
CA TYR B 130 -15.54 33.77 -3.36
C TYR B 130 -16.16 33.56 -4.73
N ILE B 131 -16.85 32.44 -4.92
CA ILE B 131 -17.49 32.17 -6.21
C ILE B 131 -18.56 33.22 -6.48
N TYR B 132 -19.37 33.54 -5.48
CA TYR B 132 -20.39 34.56 -5.65
C TYR B 132 -19.78 35.90 -6.02
N SER B 133 -18.70 36.28 -5.35
CA SER B 133 -18.05 37.55 -5.63
C SER B 133 -17.45 37.57 -7.04
N VAL B 134 -16.88 36.44 -7.47
CA VAL B 134 -16.29 36.36 -8.80
C VAL B 134 -17.38 36.50 -9.87
N LEU B 135 -18.51 35.83 -9.67
CA LEU B 135 -19.54 35.86 -10.69
C LEU B 135 -20.15 37.24 -10.84
N THR B 136 -20.33 37.95 -9.73
CA THR B 136 -20.95 39.27 -9.74
C THR B 136 -19.91 40.39 -9.68
N GLY B 137 -18.63 40.07 -9.85
CA GLY B 137 -17.57 41.04 -9.68
C GLY B 137 -17.11 41.72 -10.97
N PHE B 138 -17.94 41.67 -12.01
CA PHE B 138 -17.61 42.28 -13.28
C PHE B 138 -18.29 43.64 -13.37
N PRO B 139 -17.56 44.76 -13.28
CA PRO B 139 -18.23 46.07 -13.41
C PRO B 139 -18.46 46.45 -14.86
N GLU B 140 -19.36 47.41 -15.04
CA GLU B 140 -19.70 47.86 -16.39
C GLU B 140 -18.49 48.50 -17.06
N GLU B 141 -17.81 49.42 -16.35
CA GLU B 141 -16.64 50.11 -16.88
C GLU B 141 -15.39 49.66 -16.13
N PRO B 142 -14.28 49.37 -16.82
CA PRO B 142 -13.06 48.99 -16.11
C PRO B 142 -12.49 50.18 -15.35
N PRO B 143 -11.40 49.97 -14.59
CA PRO B 143 -10.76 51.10 -13.91
C PRO B 143 -10.23 52.12 -14.90
N LYS B 144 -10.13 53.37 -14.44
CA LYS B 144 -9.73 54.45 -15.33
C LYS B 144 -8.28 54.33 -15.77
N CYS B 145 -7.41 53.81 -14.90
CA CYS B 145 -6.00 53.63 -15.26
C CYS B 145 -5.85 52.63 -16.40
N ALA B 146 -6.62 51.55 -16.37
CA ALA B 146 -6.50 50.53 -17.40
C ALA B 146 -7.07 50.94 -18.75
N GLU B 147 -7.90 51.98 -18.81
CA GLU B 147 -8.57 52.32 -20.05
C GLU B 147 -7.55 52.69 -21.12
N GLY B 148 -7.70 52.08 -22.30
CA GLY B 148 -6.73 52.21 -23.36
C GLY B 148 -5.57 51.25 -23.28
N HIS B 149 -5.47 50.46 -22.20
CA HIS B 149 -4.39 49.50 -22.01
C HIS B 149 -4.90 48.13 -21.58
N GLU B 150 -6.18 47.85 -21.80
CA GLU B 150 -6.76 46.61 -21.34
C GLU B 150 -6.15 45.44 -22.09
N PRO B 151 -5.81 44.34 -21.41
CA PRO B 151 -5.36 43.15 -22.15
C PRO B 151 -6.45 42.64 -23.06
N ASP B 152 -6.04 42.10 -24.20
CA ASP B 152 -6.99 41.58 -25.17
C ASP B 152 -7.41 40.16 -24.76
N GLY B 153 -8.71 39.91 -24.79
CA GLY B 153 -9.22 38.62 -24.36
C GLY B 153 -9.31 38.43 -22.87
N PHE B 154 -9.29 39.52 -22.10
CA PHE B 154 -9.42 39.47 -20.65
C PHE B 154 -10.39 40.56 -20.20
N TYR B 155 -11.02 40.32 -19.06
CA TYR B 155 -12.05 41.19 -18.52
C TYR B 155 -11.75 41.45 -17.05
N TYR B 156 -12.00 42.68 -16.61
CA TYR B 156 -11.72 43.04 -15.23
C TYR B 156 -12.72 42.40 -14.30
N ASN B 157 -12.25 41.97 -13.13
CA ASN B 157 -13.09 41.33 -12.12
C ASN B 157 -12.64 41.83 -10.76
N ARG B 158 -13.57 42.41 -10.01
CA ARG B 158 -13.22 43.00 -8.72
C ARG B 158 -12.75 41.96 -7.71
N ALA B 159 -13.19 40.72 -7.86
CA ALA B 159 -12.88 39.67 -6.90
C ALA B 159 -11.67 38.84 -7.28
N PHE B 160 -11.35 38.75 -8.57
CA PHE B 160 -10.23 37.93 -9.00
C PHE B 160 -8.91 38.57 -8.58
N GLN B 161 -8.00 37.75 -8.04
CA GLN B 161 -6.74 38.23 -7.50
C GLN B 161 -5.56 37.39 -7.98
N ASN B 162 -5.62 36.88 -9.21
CA ASN B 162 -4.53 36.08 -9.75
C ASN B 162 -4.22 36.38 -11.20
N GLY B 163 -4.87 37.37 -11.81
CA GLY B 163 -4.65 37.67 -13.21
C GLY B 163 -3.62 38.77 -13.41
N SER B 164 -3.38 39.06 -14.68
CA SER B 164 -2.46 40.14 -15.03
C SER B 164 -3.10 41.49 -14.76
N VAL B 165 -2.27 42.51 -14.70
CA VAL B 165 -2.72 43.89 -14.46
C VAL B 165 -1.98 44.79 -15.45
N PRO B 166 -2.62 45.80 -16.03
CA PRO B 166 -1.87 46.71 -16.91
C PRO B 166 -0.80 47.46 -16.14
N ASP B 167 0.26 47.84 -16.84
CA ASP B 167 1.33 48.61 -16.22
C ASP B 167 0.83 49.94 -15.69
N THR B 168 -0.24 50.48 -16.29
CA THR B 168 -0.76 51.77 -15.86
C THR B 168 -1.32 51.69 -14.44
N CYS B 169 -2.03 50.62 -14.12
CA CYS B 169 -2.68 50.52 -12.82
C CYS B 169 -1.74 50.10 -11.71
N LYS B 170 -0.51 49.71 -12.03
CA LYS B 170 0.47 49.38 -11.01
C LYS B 170 1.04 50.65 -10.39
N ASP B 171 1.68 50.48 -9.24
CA ASP B 171 2.28 51.58 -8.50
C ASP B 171 3.80 51.53 -8.63
N ALA B 172 4.47 52.49 -7.97
CA ALA B 172 5.93 52.50 -7.98
C ALA B 172 6.51 51.27 -7.31
N ASN B 173 5.90 50.85 -6.19
CA ASN B 173 6.39 49.68 -5.48
C ASN B 173 6.20 48.40 -6.28
N GLY B 174 5.34 48.41 -7.29
CA GLY B 174 5.09 47.25 -8.12
C GLY B 174 3.82 46.49 -7.81
N VAL B 175 3.01 46.97 -6.86
CA VAL B 175 1.76 46.32 -6.47
C VAL B 175 0.62 46.94 -7.26
N LYS B 176 -0.41 46.16 -7.53
CA LYS B 176 -1.55 46.65 -8.29
C LYS B 176 -2.39 47.59 -7.43
N THR B 177 -2.75 48.74 -7.99
CA THR B 177 -3.64 49.66 -7.28
C THR B 177 -5.07 49.18 -7.31
N THR B 178 -5.51 48.60 -8.41
CA THR B 178 -6.88 48.12 -8.52
C THR B 178 -7.12 46.96 -7.57
N ALA B 179 -8.32 46.94 -6.97
CA ALA B 179 -8.68 45.85 -6.07
C ALA B 179 -8.78 44.53 -6.84
N GLY B 180 -9.25 44.58 -8.07
CA GLY B 180 -9.49 43.39 -8.86
C GLY B 180 -8.31 43.02 -9.74
N SER B 181 -8.59 42.18 -10.72
CA SER B 181 -7.58 41.70 -11.64
C SER B 181 -8.28 41.26 -12.91
N TRP B 182 -7.51 40.98 -13.95
CA TRP B 182 -8.07 40.65 -15.26
C TRP B 182 -8.13 39.14 -15.42
N ILE B 183 -9.35 38.61 -15.51
CA ILE B 183 -9.60 37.18 -15.67
C ILE B 183 -9.89 36.90 -17.14
N ALA B 184 -9.74 35.63 -17.53
CA ALA B 184 -9.87 35.21 -18.91
C ALA B 184 -11.27 34.70 -19.25
N MET B 185 -12.30 35.23 -18.59
CA MET B 185 -13.65 34.67 -18.65
C MET B 185 -14.65 35.80 -18.79
N PRO B 186 -15.48 35.86 -19.84
CA PRO B 186 -16.42 36.97 -19.96
C PRO B 186 -17.48 36.90 -18.89
N PRO B 187 -18.23 37.97 -18.64
CA PRO B 187 -19.28 37.91 -17.63
C PRO B 187 -20.30 36.85 -18.00
N PRO B 188 -20.41 35.76 -17.20
CA PRO B 188 -21.32 34.68 -17.59
C PRO B 188 -22.77 34.98 -17.27
N LEU B 189 -23.02 35.66 -16.15
CA LEU B 189 -24.37 35.91 -15.69
C LEU B 189 -24.94 37.18 -16.32
N MET B 190 -26.26 37.28 -16.29
CA MET B 190 -27.00 38.34 -16.96
C MET B 190 -28.46 38.22 -16.55
N ASP B 191 -29.12 39.37 -16.37
CA ASP B 191 -30.48 39.35 -15.84
C ASP B 191 -31.40 38.54 -16.74
N ASP B 192 -32.20 37.67 -16.11
CA ASP B 192 -33.15 36.81 -16.82
C ASP B 192 -32.47 35.96 -17.88
N LEU B 193 -31.28 35.46 -17.55
CA LEU B 193 -30.58 34.56 -18.46
C LEU B 193 -31.14 33.15 -18.40
N VAL B 194 -31.66 32.73 -17.25
CA VAL B 194 -32.26 31.42 -17.08
C VAL B 194 -33.69 31.60 -16.59
N GLU B 195 -34.61 30.82 -17.15
CA GLU B 195 -36.02 30.86 -16.78
C GLU B 195 -36.28 29.82 -15.71
N TYR B 196 -36.44 30.27 -14.47
CA TYR B 196 -36.79 29.38 -13.38
C TYR B 196 -38.27 29.04 -13.45
N ALA B 197 -38.59 27.75 -13.37
CA ALA B 197 -39.97 27.32 -13.45
C ALA B 197 -40.78 27.82 -12.25
N ASP B 198 -40.20 27.78 -11.06
CA ASP B 198 -40.94 28.14 -9.85
C ASP B 198 -41.15 29.64 -9.72
N GLY B 199 -40.65 30.45 -10.65
CA GLY B 199 -40.86 31.88 -10.64
C GLY B 199 -39.86 32.67 -9.82
N HIS B 200 -38.87 32.02 -9.22
CA HIS B 200 -37.85 32.74 -8.46
C HIS B 200 -37.11 33.68 -9.39
N ASP B 201 -36.73 34.85 -8.86
CA ASP B 201 -36.12 35.88 -9.69
C ASP B 201 -34.78 35.40 -10.23
N ALA B 202 -34.48 35.82 -11.47
CA ALA B 202 -33.29 35.39 -12.19
C ALA B 202 -32.29 36.52 -12.38
N SER B 203 -32.16 37.37 -11.36
CA SER B 203 -31.16 38.42 -11.39
C SER B 203 -29.77 37.80 -11.22
N VAL B 204 -28.75 38.60 -11.51
CA VAL B 204 -27.38 38.12 -11.39
C VAL B 204 -27.06 37.72 -9.96
N HIS B 205 -27.59 38.48 -8.99
CA HIS B 205 -27.34 38.14 -7.58
C HIS B 205 -27.95 36.79 -7.23
N ALA B 206 -29.24 36.60 -7.55
CA ALA B 206 -29.90 35.35 -7.21
C ALA B 206 -29.25 34.18 -7.93
N MET B 207 -28.96 34.35 -9.23
CA MET B 207 -28.34 33.27 -9.98
C MET B 207 -26.97 32.92 -9.41
N ALA B 208 -26.17 33.94 -9.08
CA ALA B 208 -24.84 33.68 -8.54
C ALA B 208 -24.92 32.97 -7.20
N GLU B 209 -25.86 33.37 -6.35
CA GLU B 209 -26.05 32.68 -5.08
C GLU B 209 -26.43 31.22 -5.31
N ASP B 210 -27.32 30.97 -6.27
CA ASP B 210 -27.72 29.60 -6.57
C ASP B 210 -26.54 28.77 -7.07
N VAL B 211 -25.74 29.33 -7.97
CA VAL B 211 -24.59 28.58 -8.49
C VAL B 211 -23.62 28.28 -7.36
N SER B 212 -23.38 29.27 -6.50
CA SER B 212 -22.46 29.05 -5.39
C SER B 212 -22.94 27.95 -4.47
N ALA B 213 -24.25 27.92 -4.18
CA ALA B 213 -24.78 26.85 -3.34
C ALA B 213 -24.62 25.50 -4.02
N PHE B 214 -24.92 25.42 -5.31
CA PHE B 214 -24.81 24.14 -6.01
C PHE B 214 -23.36 23.67 -6.07
N LEU B 215 -22.43 24.60 -6.29
CA LEU B 215 -21.03 24.21 -6.35
C LEU B 215 -20.50 23.83 -4.97
N MET B 216 -21.01 24.44 -3.91
CA MET B 216 -20.68 23.97 -2.57
C MET B 216 -21.15 22.55 -2.38
N TRP B 217 -22.37 22.25 -2.83
CA TRP B 217 -22.85 20.88 -2.70
C TRP B 217 -21.98 19.92 -3.49
N ALA B 218 -21.60 20.30 -4.71
CA ALA B 218 -20.77 19.43 -5.53
C ALA B 218 -19.43 19.17 -4.87
N ALA B 219 -18.83 20.21 -4.27
CA ALA B 219 -17.54 20.04 -3.61
C ALA B 219 -17.63 19.08 -2.44
N GLU B 220 -18.63 19.27 -1.58
CA GLU B 220 -18.82 18.45 -0.39
C GLU B 220 -20.27 17.99 -0.35
N PRO B 221 -20.62 16.95 -1.12
CA PRO B 221 -22.01 16.50 -1.17
C PRO B 221 -22.49 15.85 0.11
N LYS B 222 -21.62 15.56 1.07
CA LYS B 222 -21.97 14.93 2.32
C LYS B 222 -21.69 15.85 3.49
N LEU B 223 -22.02 17.14 3.31
CA LEU B 223 -21.82 18.12 4.38
C LEU B 223 -22.82 17.93 5.50
N MET B 224 -24.10 17.72 5.17
CA MET B 224 -25.11 17.54 6.21
C MET B 224 -24.87 16.23 6.97
N ALA B 225 -24.50 15.17 6.26
CA ALA B 225 -24.13 13.93 6.93
C ALA B 225 -22.94 14.14 7.85
N ARG B 226 -21.96 14.92 7.41
CA ARG B 226 -20.82 15.22 8.25
C ARG B 226 -21.24 15.95 9.51
N LYS B 227 -22.11 16.95 9.38
CA LYS B 227 -22.54 17.70 10.55
C LYS B 227 -23.34 16.81 11.50
N GLN B 228 -24.19 15.93 10.97
CA GLN B 228 -24.94 15.03 11.84
C GLN B 228 -24.02 14.07 12.58
N ALA B 229 -23.02 13.52 11.88
CA ALA B 229 -22.05 12.66 12.54
C ALA B 229 -21.27 13.43 13.59
N GLY B 230 -20.91 14.67 13.29
CA GLY B 230 -20.20 15.48 14.26
C GLY B 230 -21.01 15.72 15.52
N PHE B 231 -22.29 16.05 15.36
CA PHE B 231 -23.15 16.23 16.53
C PHE B 231 -23.27 14.94 17.32
N THR B 232 -23.44 13.81 16.64
CA THR B 232 -23.58 12.54 17.34
C THR B 232 -22.32 12.22 18.14
N ALA B 233 -21.15 12.39 17.52
CA ALA B 233 -19.90 12.13 18.23
C ALA B 233 -19.72 13.09 19.39
N VAL B 234 -20.06 14.36 19.18
CA VAL B 234 -19.89 15.36 20.24
C VAL B 234 -20.77 15.00 21.43
N MET B 235 -21.99 14.53 21.18
CA MET B 235 -22.88 14.19 22.29
C MET B 235 -22.43 12.93 23.00
N PHE B 236 -22.01 11.91 22.25
CA PHE B 236 -21.43 10.72 22.88
C PHE B 236 -20.28 11.10 23.80
N LEU B 237 -19.34 11.89 23.28
CA LEU B 237 -18.17 12.27 24.07
C LEU B 237 -18.54 13.19 25.22
N THR B 238 -19.61 13.99 25.07
CA THR B 238 -20.03 14.84 26.17
C THR B 238 -20.56 14.01 27.33
N VAL B 239 -21.45 13.06 27.04
CA VAL B 239 -21.96 12.20 28.10
C VAL B 239 -20.82 11.41 28.73
N LEU B 240 -19.93 10.86 27.90
CA LEU B 240 -18.81 10.09 28.41
C LEU B 240 -17.91 10.94 29.29
N SER B 241 -17.64 12.18 28.88
CA SER B 241 -16.75 13.04 29.64
C SER B 241 -17.37 13.46 30.96
N VAL B 242 -18.67 13.72 30.99
CA VAL B 242 -19.32 14.04 32.26
C VAL B 242 -19.24 12.85 33.21
N LEU B 243 -19.54 11.65 32.69
CA LEU B 243 -19.47 10.46 33.54
C LEU B 243 -18.06 10.22 34.04
N LEU B 244 -17.06 10.40 33.17
CA LEU B 244 -15.68 10.21 33.58
C LEU B 244 -15.24 11.27 34.58
N TYR B 245 -15.74 12.50 34.45
CA TYR B 245 -15.45 13.53 35.45
C TYR B 245 -15.98 13.12 36.81
N LEU B 246 -17.24 12.66 36.85
CA LEU B 246 -17.80 12.23 38.13
C LEU B 246 -17.02 11.06 38.70
N THR B 247 -16.65 10.10 37.86
CA THR B 247 -15.88 8.94 38.32
C THR B 247 -14.53 9.38 38.88
N ASN B 248 -13.83 10.26 38.18
CA ASN B 248 -12.53 10.73 38.64
C ASN B 248 -12.65 11.48 39.96
N LYS B 249 -13.68 12.32 40.08
CA LYS B 249 -13.91 13.04 41.33
C LYS B 249 -14.14 12.07 42.48
N ARG B 250 -15.00 11.07 42.26
CA ARG B 250 -15.28 10.11 43.32
C ARG B 250 -14.03 9.31 43.68
N LEU B 251 -13.24 8.91 42.69
CA LEU B 251 -12.04 8.13 42.96
C LEU B 251 -11.03 8.95 43.76
N TRP B 252 -10.74 10.17 43.31
CA TRP B 252 -9.74 10.98 43.98
C TRP B 252 -10.21 11.55 45.31
N ALA B 253 -11.52 11.54 45.59
CA ALA B 253 -11.97 11.97 46.90
C ALA B 253 -11.39 11.10 48.01
N GLY B 254 -11.10 9.83 47.69
CA GLY B 254 -10.56 8.94 48.71
C GLY B 254 -9.18 9.34 49.17
N VAL B 255 -8.30 9.70 48.24
CA VAL B 255 -6.93 10.05 48.60
C VAL B 255 -6.80 11.51 49.01
N LYS B 256 -7.56 12.41 48.38
CA LYS B 256 -7.55 13.82 48.74
C LYS B 256 -7.99 14.02 50.18
N GLY C 9 -21.40 -0.86 47.56
CA GLY C 9 -21.41 0.49 47.00
C GLY C 9 -22.47 0.65 45.93
N THR C 10 -23.70 0.95 46.34
CA THR C 10 -24.79 1.11 45.40
C THR C 10 -24.50 2.23 44.41
N ARG C 11 -24.37 3.46 44.92
CA ARG C 11 -24.10 4.59 44.04
C ARG C 11 -22.74 4.46 43.38
N ARG C 12 -21.77 3.91 44.09
CA ARG C 12 -20.43 3.75 43.51
C ARG C 12 -20.48 2.83 42.29
N ASP C 13 -21.10 1.65 42.45
CA ASP C 13 -21.23 0.74 41.34
C ASP C 13 -22.08 1.35 40.23
N PHE C 14 -23.16 2.04 40.59
CA PHE C 14 -24.01 2.63 39.56
C PHE C 14 -23.20 3.58 38.69
N LEU C 15 -22.43 4.47 39.31
CA LEU C 15 -21.65 5.44 38.55
C LEU C 15 -20.58 4.75 37.72
N TYR C 16 -19.84 3.80 38.32
CA TYR C 16 -18.75 3.17 37.58
C TYR C 16 -19.27 2.38 36.38
N TYR C 17 -20.35 1.62 36.57
CA TYR C 17 -20.86 0.83 35.46
C TYR C 17 -21.58 1.69 34.44
N ALA C 18 -22.16 2.81 34.85
CA ALA C 18 -22.71 3.75 33.86
C ALA C 18 -21.61 4.33 33.00
N THR C 19 -20.48 4.69 33.61
CA THR C 19 -19.34 5.14 32.82
C THR C 19 -18.87 4.06 31.87
N ALA C 20 -18.79 2.83 32.35
CA ALA C 20 -18.37 1.73 31.48
C ALA C 20 -19.34 1.55 30.31
N GLY C 21 -20.65 1.66 30.58
CA GLY C 21 -21.62 1.51 29.52
C GLY C 21 -21.55 2.61 28.48
N ALA C 22 -21.39 3.85 28.93
CA ALA C 22 -21.22 4.95 27.98
C ALA C 22 -19.97 4.76 27.14
N GLY C 23 -18.88 4.32 27.77
CA GLY C 23 -17.67 4.03 27.02
C GLY C 23 -17.88 2.93 26.00
N ALA C 24 -18.61 1.89 26.37
CA ALA C 24 -18.88 0.80 25.43
C ALA C 24 -19.71 1.29 24.26
N VAL C 25 -20.71 2.13 24.51
CA VAL C 25 -21.52 2.67 23.43
C VAL C 25 -20.67 3.50 22.48
N ALA C 26 -19.80 4.35 23.03
CA ALA C 26 -18.93 5.15 22.18
C ALA C 26 -17.97 4.26 21.38
N THR C 27 -17.43 3.23 22.02
CA THR C 27 -16.54 2.31 21.32
C THR C 27 -17.25 1.62 20.17
N GLY C 28 -18.49 1.16 20.41
CA GLY C 28 -19.23 0.53 19.33
C GLY C 28 -19.56 1.49 18.20
N ALA C 29 -19.92 2.73 18.55
CA ALA C 29 -20.22 3.72 17.53
C ALA C 29 -18.98 4.01 16.68
N ALA C 30 -17.80 4.01 17.29
CA ALA C 30 -16.58 4.21 16.53
C ALA C 30 -16.21 2.97 15.72
N VAL C 31 -16.48 1.78 16.25
CA VAL C 31 -16.05 0.55 15.59
C VAL C 31 -16.91 0.24 14.38
N TRP C 32 -18.21 0.53 14.45
CA TRP C 32 -19.11 0.12 13.36
C TRP C 32 -18.71 0.72 12.01
N PRO C 33 -18.35 2.00 11.88
CA PRO C 33 -17.91 2.50 10.58
C PRO C 33 -16.68 1.78 10.03
N LEU C 34 -15.78 1.32 10.90
CA LEU C 34 -14.59 0.61 10.42
C LEU C 34 -14.97 -0.67 9.69
N ILE C 35 -15.94 -1.40 10.22
CA ILE C 35 -16.46 -2.57 9.51
C ILE C 35 -17.26 -2.15 8.29
N ASN C 36 -18.09 -1.11 8.44
CA ASN C 36 -19.07 -0.78 7.41
C ASN C 36 -18.42 -0.24 6.14
N GLN C 37 -17.26 0.42 6.26
CA GLN C 37 -16.63 0.98 5.08
C GLN C 37 -16.19 -0.08 4.09
N MET C 38 -16.10 -1.35 4.51
CA MET C 38 -15.74 -2.44 3.61
C MET C 38 -16.91 -2.97 2.82
N ASN C 39 -18.14 -2.55 3.12
CA ASN C 39 -19.29 -2.97 2.35
C ASN C 39 -19.27 -2.27 0.99
N PRO C 40 -20.11 -2.71 0.06
CA PRO C 40 -20.12 -2.07 -1.27
C PRO C 40 -20.39 -0.59 -1.17
N SER C 41 -19.66 0.18 -1.97
CA SER C 41 -19.80 1.63 -1.95
C SER C 41 -20.96 2.07 -2.83
N ALA C 42 -21.28 3.36 -2.75
CA ALA C 42 -22.35 3.90 -3.58
C ALA C 42 -22.05 3.73 -5.06
N ASP C 43 -20.77 3.75 -5.44
CA ASP C 43 -20.40 3.54 -6.83
C ASP C 43 -20.77 2.14 -7.29
N VAL C 44 -20.48 1.13 -6.47
CA VAL C 44 -20.77 -0.24 -6.84
C VAL C 44 -22.28 -0.49 -6.82
N GLN C 45 -22.96 -0.03 -5.77
CA GLN C 45 -24.39 -0.27 -5.62
C GLN C 45 -25.21 0.45 -6.69
N ALA C 46 -24.65 1.47 -7.33
CA ALA C 46 -25.39 2.22 -8.33
C ALA C 46 -25.42 1.54 -9.69
N LEU C 47 -24.68 0.44 -9.88
CA LEU C 47 -24.65 -0.22 -11.16
C LEU C 47 -26.05 -0.71 -11.54
N ALA C 48 -26.47 -0.39 -12.76
CA ALA C 48 -27.82 -0.63 -13.23
C ALA C 48 -27.79 -1.61 -14.40
N SER C 49 -28.95 -1.80 -15.02
CA SER C 49 -29.08 -2.75 -16.11
C SER C 49 -28.27 -2.31 -17.34
N ILE C 50 -27.94 -3.28 -18.18
CA ILE C 50 -27.29 -3.03 -19.46
C ILE C 50 -28.18 -3.61 -20.56
N PHE C 51 -27.81 -3.32 -21.81
CA PHE C 51 -28.53 -3.78 -22.98
C PHE C 51 -27.56 -4.52 -23.90
N VAL C 52 -27.96 -5.70 -24.34
CA VAL C 52 -27.14 -6.58 -25.17
C VAL C 52 -27.86 -6.83 -26.48
N ASP C 53 -27.14 -6.63 -27.59
CA ASP C 53 -27.69 -6.85 -28.92
C ASP C 53 -27.46 -8.30 -29.33
N VAL C 54 -28.54 -8.98 -29.73
CA VAL C 54 -28.49 -10.37 -30.14
C VAL C 54 -28.99 -10.47 -31.57
N SER C 55 -28.76 -9.43 -32.36
CA SER C 55 -29.20 -9.45 -33.76
C SER C 55 -28.36 -10.39 -34.60
N SER C 56 -27.10 -10.61 -34.24
CA SER C 56 -26.17 -11.43 -35.00
C SER C 56 -25.76 -12.67 -34.22
N VAL C 57 -26.72 -13.33 -33.58
CA VAL C 57 -26.50 -14.57 -32.85
C VAL C 57 -27.33 -15.65 -33.52
N GLU C 58 -26.66 -16.70 -33.96
CA GLU C 58 -27.28 -17.83 -34.62
C GLU C 58 -27.55 -18.94 -33.63
N PRO C 59 -28.30 -19.98 -34.03
CA PRO C 59 -28.48 -21.12 -33.13
C PRO C 59 -27.15 -21.80 -32.82
N GLY C 60 -27.01 -22.24 -31.57
CA GLY C 60 -25.86 -23.03 -31.17
C GLY C 60 -24.65 -22.24 -30.76
N VAL C 61 -24.65 -20.92 -30.88
CA VAL C 61 -23.52 -20.07 -30.50
C VAL C 61 -23.89 -19.32 -29.23
N GLN C 62 -22.97 -19.30 -28.28
CA GLN C 62 -23.16 -18.63 -27.00
C GLN C 62 -22.46 -17.27 -27.03
N LEU C 63 -23.05 -16.32 -26.33
CA LEU C 63 -22.52 -14.96 -26.20
C LEU C 63 -22.28 -14.69 -24.73
N THR C 64 -21.04 -14.37 -24.37
CA THR C 64 -20.66 -14.10 -23.00
C THR C 64 -20.47 -12.60 -22.83
N VAL C 65 -21.22 -12.00 -21.90
CA VAL C 65 -21.12 -10.58 -21.60
C VAL C 65 -20.75 -10.43 -20.14
N LYS C 66 -20.32 -9.22 -19.78
CA LYS C 66 -19.92 -8.91 -18.41
C LYS C 66 -21.02 -8.08 -17.76
N PHE C 67 -21.46 -8.50 -16.57
CA PHE C 67 -22.50 -7.81 -15.83
C PHE C 67 -22.24 -8.05 -14.35
N LEU C 68 -22.21 -6.96 -13.58
CA LEU C 68 -21.91 -7.03 -12.14
C LEU C 68 -20.58 -7.74 -11.90
N GLY C 69 -19.64 -7.58 -12.83
CA GLY C 69 -18.35 -8.21 -12.69
C GLY C 69 -18.36 -9.72 -12.83
N LYS C 70 -19.37 -10.29 -13.47
CA LYS C 70 -19.48 -11.72 -13.66
C LYS C 70 -19.95 -12.00 -15.08
N PRO C 71 -19.69 -13.20 -15.60
CA PRO C 71 -20.15 -13.51 -16.96
C PRO C 71 -21.61 -13.92 -16.99
N ILE C 72 -22.30 -13.46 -18.04
CA ILE C 72 -23.66 -13.86 -18.35
C ILE C 72 -23.66 -14.50 -19.73
N PHE C 73 -24.27 -15.67 -19.83
CA PHE C 73 -24.37 -16.42 -21.08
C PHE C 73 -25.74 -16.18 -21.70
N ILE C 74 -25.74 -15.82 -22.98
CA ILE C 74 -26.94 -15.74 -23.79
C ILE C 74 -26.75 -16.73 -24.93
N ARG C 75 -27.54 -17.80 -24.93
CA ARG C 75 -27.38 -18.88 -25.89
C ARG C 75 -28.68 -19.09 -26.66
N ARG C 76 -28.57 -19.15 -27.98
CA ARG C 76 -29.69 -19.51 -28.85
C ARG C 76 -29.68 -21.03 -28.98
N ARG C 77 -30.48 -21.70 -28.15
CA ARG C 77 -30.51 -23.15 -28.16
C ARG C 77 -30.96 -23.68 -29.52
N THR C 78 -30.25 -24.69 -30.01
CA THR C 78 -30.61 -25.33 -31.27
C THR C 78 -31.79 -26.26 -31.05
N GLU C 79 -32.24 -26.89 -32.14
CA GLU C 79 -33.35 -27.83 -32.03
C GLU C 79 -32.97 -29.03 -31.16
N ALA C 80 -31.73 -29.51 -31.30
CA ALA C 80 -31.29 -30.63 -30.49
C ALA C 80 -31.27 -30.27 -29.01
N ASP C 81 -30.76 -29.08 -28.67
CA ASP C 81 -30.74 -28.66 -27.28
C ASP C 81 -32.15 -28.53 -26.73
N ILE C 82 -33.06 -27.97 -27.51
CA ILE C 82 -34.45 -27.83 -27.05
C ILE C 82 -35.06 -29.20 -26.81
N GLU C 83 -34.86 -30.13 -27.74
CA GLU C 83 -35.42 -31.46 -27.58
C GLU C 83 -34.84 -32.16 -26.35
N LEU C 84 -33.53 -32.03 -26.14
CA LEU C 84 -32.90 -32.70 -25.01
C LEU C 84 -33.37 -32.11 -23.69
N GLY C 85 -33.45 -30.78 -23.60
CA GLY C 85 -33.82 -30.15 -22.34
C GLY C 85 -35.24 -30.47 -21.92
N ARG C 86 -36.16 -30.57 -22.87
CA ARG C 86 -37.55 -30.83 -22.54
C ARG C 86 -37.82 -32.28 -22.20
N SER C 87 -36.92 -33.20 -22.55
CA SER C 87 -37.17 -34.61 -22.27
C SER C 87 -37.12 -34.90 -20.78
N VAL C 88 -36.14 -34.33 -20.07
CA VAL C 88 -35.93 -34.69 -18.68
C VAL C 88 -37.09 -34.18 -17.84
N GLN C 89 -37.67 -35.07 -17.03
CA GLN C 89 -38.73 -34.69 -16.11
C GLN C 89 -38.12 -34.14 -14.82
N LEU C 90 -38.99 -33.78 -13.88
CA LEU C 90 -38.52 -33.26 -12.60
C LEU C 90 -37.90 -34.35 -11.73
N GLY C 91 -38.09 -35.62 -12.06
CA GLY C 91 -37.63 -36.68 -11.18
C GLY C 91 -36.12 -36.70 -11.01
N GLN C 92 -35.38 -36.59 -12.11
CA GLN C 92 -33.93 -36.72 -12.08
C GLN C 92 -33.20 -35.41 -11.83
N LEU C 93 -33.90 -34.29 -11.78
CA LEU C 93 -33.25 -33.03 -11.50
C LEU C 93 -32.77 -33.00 -10.06
N VAL C 94 -31.57 -32.46 -9.84
CA VAL C 94 -31.02 -32.38 -8.49
C VAL C 94 -31.86 -31.46 -7.62
N ASP C 95 -32.25 -30.30 -8.16
CA ASP C 95 -33.10 -29.35 -7.46
C ASP C 95 -34.28 -28.98 -8.35
N THR C 96 -35.47 -28.92 -7.76
CA THR C 96 -36.68 -28.68 -8.52
C THR C 96 -36.81 -27.21 -8.93
N ASN C 97 -36.30 -26.29 -8.12
CA ASN C 97 -36.52 -24.88 -8.35
C ASN C 97 -35.86 -24.43 -9.66
N ALA C 98 -36.61 -23.68 -10.46
CA ALA C 98 -36.03 -23.10 -11.67
C ALA C 98 -34.99 -22.03 -11.33
N ARG C 99 -35.14 -21.38 -10.18
CA ARG C 99 -34.22 -20.33 -9.75
C ARG C 99 -34.16 -19.21 -10.76
N ASN C 100 -35.31 -18.93 -11.39
CA ASN C 100 -35.45 -17.85 -12.35
C ASN C 100 -36.07 -16.66 -11.64
N ALA C 101 -35.39 -15.51 -11.70
CA ALA C 101 -35.88 -14.31 -11.04
C ALA C 101 -37.03 -13.64 -11.79
N ASN C 102 -37.34 -14.09 -13.00
CA ASN C 102 -38.38 -13.48 -13.81
C ASN C 102 -39.75 -14.11 -13.61
N ILE C 103 -39.87 -15.15 -12.78
CA ILE C 103 -41.15 -15.79 -12.52
C ILE C 103 -41.29 -16.06 -11.03
N ASP C 104 -42.37 -16.73 -10.64
CA ASP C 104 -42.60 -17.05 -9.24
C ASP C 104 -41.45 -17.87 -8.68
N ALA C 105 -41.06 -17.57 -7.44
CA ALA C 105 -39.92 -18.24 -6.85
C ALA C 105 -40.15 -19.72 -6.66
N GLY C 106 -41.40 -20.15 -6.54
CA GLY C 106 -41.73 -21.55 -6.31
C GLY C 106 -41.87 -22.38 -7.56
N ALA C 107 -41.60 -21.82 -8.74
CA ALA C 107 -41.81 -22.56 -9.97
C ALA C 107 -40.79 -23.69 -10.12
N GLU C 108 -41.21 -24.75 -10.78
CA GLU C 108 -40.35 -25.90 -10.99
C GLU C 108 -39.35 -25.64 -12.12
N ALA C 109 -38.26 -26.42 -12.12
CA ALA C 109 -37.19 -26.25 -13.10
C ALA C 109 -37.52 -26.95 -14.41
N THR C 110 -38.60 -26.48 -15.03
CA THR C 110 -38.97 -26.94 -16.36
C THR C 110 -38.28 -26.07 -17.40
N ASP C 111 -38.07 -26.65 -18.60
CA ASP C 111 -37.40 -25.90 -19.65
C ASP C 111 -38.17 -24.64 -20.00
N GLN C 112 -39.50 -24.69 -19.94
CA GLN C 112 -40.29 -23.49 -20.21
C GLN C 112 -40.01 -22.40 -19.17
N ASN C 113 -39.71 -22.79 -17.94
CA ASN C 113 -39.42 -21.84 -16.87
C ASN C 113 -37.94 -21.51 -16.77
N ARG C 114 -37.11 -22.03 -17.67
CA ARG C 114 -35.69 -21.72 -17.71
C ARG C 114 -35.31 -20.83 -18.88
N THR C 115 -36.29 -20.32 -19.63
CA THR C 115 -36.02 -19.58 -20.86
C THR C 115 -36.89 -18.33 -20.91
N LEU C 116 -36.45 -17.37 -21.73
CA LEU C 116 -37.14 -16.09 -21.85
C LEU C 116 -38.29 -16.10 -22.84
N ASP C 117 -38.44 -17.15 -23.65
CA ASP C 117 -39.49 -17.23 -24.64
C ASP C 117 -40.17 -18.59 -24.54
N GLU C 118 -41.39 -18.67 -25.08
CA GLU C 118 -42.19 -19.88 -24.94
C GLU C 118 -41.64 -21.05 -25.74
N ALA C 119 -40.83 -20.78 -26.78
CA ALA C 119 -40.26 -21.84 -27.60
C ALA C 119 -38.93 -22.35 -27.08
N GLY C 120 -38.41 -21.78 -25.99
CA GLY C 120 -37.15 -22.23 -25.44
C GLY C 120 -35.96 -21.98 -26.31
N GLU C 121 -36.07 -21.14 -27.33
CA GLU C 121 -34.96 -20.90 -28.23
C GLU C 121 -33.86 -20.10 -27.54
N TRP C 122 -34.23 -19.16 -26.68
CA TRP C 122 -33.28 -18.30 -26.00
C TRP C 122 -33.03 -18.80 -24.59
N LEU C 123 -31.82 -18.54 -24.10
CA LEU C 123 -31.44 -18.94 -22.74
C LEU C 123 -30.46 -17.90 -22.21
N VAL C 124 -30.94 -17.03 -21.32
CA VAL C 124 -30.12 -16.05 -20.63
C VAL C 124 -29.87 -16.55 -19.23
N MET C 125 -28.62 -16.53 -18.79
CA MET C 125 -28.25 -17.29 -17.60
C MET C 125 -26.98 -16.69 -17.02
N TRP C 126 -26.80 -16.89 -15.72
CA TRP C 126 -25.55 -16.55 -15.06
C TRP C 126 -24.51 -17.62 -15.36
N GLY C 127 -23.37 -17.22 -15.90
CA GLY C 127 -22.31 -18.15 -16.21
C GLY C 127 -21.39 -18.39 -15.02
N VAL C 128 -21.98 -18.57 -13.85
CA VAL C 128 -21.24 -18.68 -12.59
C VAL C 128 -21.69 -19.96 -11.92
N CYS C 129 -20.76 -20.89 -11.72
CA CYS C 129 -21.08 -22.14 -11.05
C CYS C 129 -21.58 -21.86 -9.64
N THR C 130 -22.67 -22.52 -9.27
CA THR C 130 -23.26 -22.30 -7.95
C THR C 130 -22.46 -22.92 -6.82
N HIS C 131 -21.42 -23.71 -7.14
CA HIS C 131 -20.63 -24.34 -6.09
C HIS C 131 -19.70 -23.33 -5.42
N LEU C 132 -18.73 -22.81 -6.18
CA LEU C 132 -17.81 -21.81 -5.64
C LEU C 132 -17.48 -20.72 -6.65
N GLY C 133 -18.24 -20.58 -7.73
CA GLY C 133 -18.18 -19.42 -8.58
C GLY C 133 -17.41 -19.54 -9.87
N CYS C 134 -16.89 -20.72 -10.19
CA CYS C 134 -16.16 -20.86 -11.45
C CYS C 134 -17.12 -20.69 -12.63
N VAL C 135 -16.54 -20.68 -13.83
CA VAL C 135 -17.26 -20.40 -15.07
C VAL C 135 -17.41 -21.71 -15.83
N PRO C 136 -18.61 -22.29 -15.94
CA PRO C 136 -18.76 -23.51 -16.73
C PRO C 136 -18.40 -23.29 -18.19
N ILE C 137 -17.83 -24.32 -18.79
CA ILE C 137 -17.39 -24.28 -20.19
C ILE C 137 -18.54 -24.71 -21.07
N GLY C 138 -18.83 -23.93 -22.11
CA GLY C 138 -19.90 -24.21 -23.02
C GLY C 138 -19.47 -25.12 -24.15
N GLY C 139 -20.28 -25.12 -25.21
CA GLY C 139 -20.01 -25.96 -26.36
C GLY C 139 -20.57 -27.35 -26.28
N VAL C 140 -21.68 -27.53 -25.56
CA VAL C 140 -22.29 -28.85 -25.40
C VAL C 140 -21.29 -29.77 -24.71
N SER C 141 -20.69 -29.27 -23.62
CA SER C 141 -19.77 -30.07 -22.83
C SER C 141 -20.53 -30.87 -21.77
N GLY C 142 -19.80 -31.59 -20.94
CA GLY C 142 -20.41 -32.38 -19.90
C GLY C 142 -21.01 -33.66 -20.44
N ASP C 143 -21.68 -34.38 -19.54
CA ASP C 143 -22.34 -35.64 -19.86
C ASP C 143 -23.83 -35.48 -20.13
N PHE C 144 -24.32 -34.24 -20.23
CA PHE C 144 -25.75 -33.98 -20.42
C PHE C 144 -26.00 -32.96 -21.53
N GLY C 145 -25.06 -32.80 -22.45
CA GLY C 145 -25.27 -31.88 -23.56
C GLY C 145 -25.44 -30.44 -23.16
N GLY C 146 -24.74 -30.01 -22.10
CA GLY C 146 -24.83 -28.65 -21.62
C GLY C 146 -23.48 -28.05 -21.30
N TRP C 147 -23.30 -27.58 -20.06
CA TRP C 147 -22.08 -26.94 -19.62
C TRP C 147 -21.33 -27.84 -18.65
N PHE C 148 -20.04 -27.55 -18.49
CA PHE C 148 -19.17 -28.35 -17.63
C PHE C 148 -18.25 -27.41 -16.87
N CYS C 149 -18.38 -27.38 -15.55
CA CYS C 149 -17.48 -26.64 -14.68
C CYS C 149 -16.28 -27.52 -14.38
N PRO C 150 -15.07 -27.16 -14.83
CA PRO C 150 -13.92 -28.03 -14.61
C PRO C 150 -13.24 -27.86 -13.27
N CYS C 151 -13.57 -26.79 -12.52
CA CYS C 151 -12.93 -26.58 -11.24
C CYS C 151 -13.16 -27.76 -10.31
N HIS C 152 -14.38 -28.30 -10.31
CA HIS C 152 -14.69 -29.47 -9.51
C HIS C 152 -15.56 -30.46 -10.27
N GLY C 153 -15.52 -30.42 -11.60
CA GLY C 153 -16.16 -31.43 -12.42
C GLY C 153 -17.66 -31.50 -12.28
N SER C 154 -18.34 -30.35 -12.34
CA SER C 154 -19.79 -30.32 -12.26
C SER C 154 -20.39 -30.25 -13.66
N HIS C 155 -21.57 -30.84 -13.82
CA HIS C 155 -22.24 -30.92 -15.10
C HIS C 155 -23.57 -30.19 -15.02
N TYR C 156 -23.90 -29.43 -16.07
CA TYR C 156 -25.14 -28.70 -16.17
C TYR C 156 -25.84 -29.08 -17.46
N ASP C 157 -27.16 -29.28 -17.36
CA ASP C 157 -27.97 -29.75 -18.47
C ASP C 157 -27.97 -28.74 -19.61
N SER C 158 -28.63 -29.08 -20.73
CA SER C 158 -28.74 -28.15 -21.84
C SER C 158 -29.51 -26.89 -21.44
N ALA C 159 -30.40 -27.00 -20.47
CA ALA C 159 -31.14 -25.85 -19.95
C ALA C 159 -30.46 -25.18 -18.77
N GLY C 160 -29.24 -25.57 -18.45
CA GLY C 160 -28.52 -25.01 -17.33
C GLY C 160 -28.80 -25.64 -15.99
N ARG C 161 -29.65 -26.66 -15.93
CA ARG C 161 -29.96 -27.30 -14.67
C ARG C 161 -28.81 -28.19 -14.21
N ILE C 162 -28.58 -28.21 -12.90
CA ILE C 162 -27.51 -29.03 -12.35
C ILE C 162 -27.92 -30.50 -12.40
N ARG C 163 -27.03 -31.34 -12.92
CA ARG C 163 -27.27 -32.77 -13.04
C ARG C 163 -26.26 -33.63 -12.31
N LYS C 164 -25.01 -33.18 -12.17
CA LYS C 164 -23.99 -33.95 -11.49
C LYS C 164 -22.92 -33.01 -10.98
N GLY C 165 -22.32 -33.37 -9.85
CA GLY C 165 -21.25 -32.59 -9.27
C GLY C 165 -21.62 -32.02 -7.92
N PRO C 166 -20.71 -31.25 -7.33
CA PRO C 166 -20.96 -30.68 -6.00
C PRO C 166 -21.80 -29.41 -6.01
N ALA C 167 -22.25 -28.94 -7.18
CA ALA C 167 -23.04 -27.73 -7.23
C ALA C 167 -24.41 -27.99 -6.60
N PRO C 168 -24.85 -27.18 -5.64
CA PRO C 168 -26.13 -27.46 -4.98
C PRO C 168 -27.37 -26.92 -5.69
N GLU C 169 -27.20 -26.06 -6.70
CA GLU C 169 -28.33 -25.37 -7.30
C GLU C 169 -28.08 -25.18 -8.79
N ASN C 170 -29.16 -24.96 -9.53
CA ASN C 170 -29.06 -24.66 -10.94
C ASN C 170 -28.42 -23.30 -11.15
N LEU C 171 -27.92 -23.08 -12.36
CA LEU C 171 -27.35 -21.79 -12.70
C LEU C 171 -28.44 -20.73 -12.69
N PRO C 172 -28.35 -19.68 -11.87
CA PRO C 172 -29.46 -18.74 -11.78
C PRO C 172 -29.64 -17.94 -13.06
N ILE C 173 -30.87 -17.48 -13.25
CA ILE C 173 -31.24 -16.61 -14.38
C ILE C 173 -31.57 -15.24 -13.80
N PRO C 174 -30.96 -14.16 -14.30
CA PRO C 174 -31.28 -12.83 -13.77
C PRO C 174 -32.54 -12.28 -14.43
N LEU C 175 -32.90 -11.07 -14.02
CA LEU C 175 -33.99 -10.37 -14.69
C LEU C 175 -33.60 -10.09 -16.13
N ALA C 176 -34.51 -10.39 -17.06
CA ALA C 176 -34.23 -10.18 -18.47
C ALA C 176 -35.56 -10.08 -19.22
N LYS C 177 -35.49 -9.51 -20.41
CA LYS C 177 -36.66 -9.31 -21.24
C LYS C 177 -36.24 -8.78 -22.60
N PHE C 178 -37.05 -9.06 -23.61
CA PHE C 178 -36.81 -8.58 -24.97
C PHE C 178 -37.57 -7.26 -25.15
N ILE C 179 -36.88 -6.15 -24.89
CA ILE C 179 -37.50 -4.85 -25.11
C ILE C 179 -37.72 -4.60 -26.60
N ASP C 180 -36.78 -5.03 -27.43
CA ASP C 180 -36.88 -4.94 -28.89
C ASP C 180 -36.85 -6.35 -29.47
N GLU C 181 -36.83 -6.42 -30.80
CA GLU C 181 -36.73 -7.72 -31.46
C GLU C 181 -35.37 -8.36 -31.24
N THR C 182 -34.31 -7.57 -31.17
CA THR C 182 -32.93 -8.06 -31.09
C THR C 182 -32.16 -7.32 -30.00
N THR C 183 -32.75 -7.21 -28.81
CA THR C 183 -32.09 -6.60 -27.68
C THR C 183 -32.63 -7.23 -26.41
N ILE C 184 -31.73 -7.45 -25.45
CA ILE C 184 -32.08 -8.02 -24.15
C ILE C 184 -31.59 -7.06 -23.07
N GLN C 185 -32.46 -6.75 -22.10
CA GLN C 185 -32.13 -5.87 -21.00
C GLN C 185 -31.74 -6.72 -19.80
N LEU C 186 -30.44 -6.78 -19.52
CA LEU C 186 -29.92 -7.55 -18.40
C LEU C 186 -29.93 -6.70 -17.14
N GLY C 187 -30.55 -7.20 -16.09
CA GLY C 187 -30.62 -6.50 -14.82
C GLY C 187 -31.91 -5.71 -14.67
N TRP D 79 49.49 -4.89 14.22
CA TRP D 79 50.24 -6.13 14.32
C TRP D 79 49.74 -6.98 15.49
N LYS D 80 49.37 -6.31 16.59
CA LYS D 80 48.82 -7.02 17.73
C LYS D 80 47.57 -7.80 17.35
N TYR D 81 46.80 -7.28 16.40
CA TYR D 81 45.59 -7.93 15.89
C TYR D 81 45.81 -8.44 14.47
N ARG D 82 47.00 -8.98 14.21
CA ARG D 82 47.32 -9.45 12.87
C ARG D 82 46.36 -10.54 12.41
N TYR D 83 46.06 -11.50 13.28
CA TYR D 83 45.16 -12.58 12.90
C TYR D 83 43.72 -12.11 12.84
N ARG D 84 43.30 -11.30 13.81
CA ARG D 84 41.94 -10.77 13.77
C ARG D 84 41.73 -9.89 12.54
N LEU D 85 42.69 -9.02 12.24
CA LEU D 85 42.57 -8.16 11.07
C LEU D 85 42.79 -8.94 9.78
N GLY D 86 43.80 -9.82 9.76
CA GLY D 86 44.07 -10.58 8.56
C GLY D 86 42.96 -11.57 8.24
N GLY D 87 42.36 -12.17 9.27
CA GLY D 87 41.29 -13.11 9.02
C GLY D 87 40.07 -12.46 8.40
N PHE D 88 39.68 -11.28 8.91
CA PHE D 88 38.51 -10.60 8.38
C PHE D 88 38.69 -10.26 6.91
N ALA D 89 39.82 -9.65 6.56
CA ALA D 89 40.07 -9.30 5.18
C ALA D 89 40.19 -10.55 4.30
N SER D 90 40.91 -11.56 4.79
CA SER D 90 41.08 -12.78 4.00
C SER D 90 39.74 -13.46 3.76
N GLY D 91 38.89 -13.53 4.77
CA GLY D 91 37.58 -14.12 4.58
C GLY D 91 36.73 -13.35 3.60
N ALA D 92 36.78 -12.02 3.65
CA ALA D 92 36.04 -11.21 2.69
C ALA D 92 36.57 -11.39 1.28
N LEU D 93 37.90 -11.42 1.12
CA LEU D 93 38.48 -11.56 -0.22
C LEU D 93 38.14 -12.91 -0.82
N LEU D 94 38.18 -13.98 -0.02
CA LEU D 94 37.86 -15.30 -0.53
C LEU D 94 36.44 -15.36 -1.07
N ALA D 95 35.54 -14.54 -0.52
CA ALA D 95 34.17 -14.52 -1.01
C ALA D 95 34.05 -13.71 -2.30
N LEU D 96 34.55 -12.48 -2.28
CA LEU D 96 34.48 -11.64 -3.49
C LEU D 96 35.31 -12.22 -4.62
N ALA D 97 36.49 -12.75 -4.30
CA ALA D 97 37.37 -13.25 -5.33
C ALA D 97 36.73 -14.43 -6.07
N LEU D 98 36.07 -15.32 -5.33
CA LEU D 98 35.44 -16.48 -5.97
C LEU D 98 34.15 -16.08 -6.69
N ALA D 99 33.39 -15.14 -6.13
CA ALA D 99 32.14 -14.74 -6.75
C ALA D 99 32.33 -14.18 -8.15
N GLY D 100 33.53 -13.68 -8.47
CA GLY D 100 33.82 -13.15 -9.77
C GLY D 100 34.40 -14.17 -10.72
N ILE D 101 34.23 -15.46 -10.41
CA ILE D 101 34.76 -16.54 -11.22
C ILE D 101 33.61 -17.16 -12.02
N PHE D 102 32.58 -16.36 -12.30
CA PHE D 102 31.48 -16.77 -13.16
C PHE D 102 31.15 -15.64 -14.14
N GLY E 3 12.96 -21.30 33.90
CA GLY E 3 13.52 -21.06 35.22
C GLY E 3 14.83 -21.79 35.45
N ILE E 4 15.60 -21.96 34.39
CA ILE E 4 16.87 -22.67 34.47
C ILE E 4 17.88 -21.74 35.15
N PRO E 5 18.54 -22.15 36.24
CA PRO E 5 19.54 -21.27 36.85
C PRO E 5 20.68 -20.97 35.90
N HIS E 6 21.16 -19.73 35.96
CA HIS E 6 22.27 -19.29 35.12
C HIS E 6 22.71 -17.92 35.60
N ASP E 7 23.82 -17.46 35.05
CA ASP E 7 24.35 -16.14 35.40
C ASP E 7 23.46 -15.03 34.85
N HIS E 8 23.64 -13.84 35.40
CA HIS E 8 22.90 -12.66 34.99
C HIS E 8 23.86 -11.62 34.41
N TYR E 9 23.29 -10.69 33.65
CA TYR E 9 24.09 -9.67 33.00
C TYR E 9 24.75 -8.76 34.03
N GLU E 10 25.99 -8.39 33.74
CA GLU E 10 26.78 -7.51 34.62
C GLU E 10 27.40 -6.42 33.75
N PRO E 11 27.03 -5.15 33.92
CA PRO E 11 27.67 -4.09 33.12
C PRO E 11 29.17 -4.02 33.40
N ARG E 12 29.95 -4.09 32.33
CA ARG E 12 31.42 -4.08 32.42
C ARG E 12 31.99 -2.69 32.21
N THR E 13 31.74 -2.10 31.04
CA THR E 13 32.34 -0.83 30.67
C THR E 13 31.50 0.34 31.18
N GLY E 14 32.03 1.55 31.01
CA GLY E 14 31.36 2.73 31.53
C GLY E 14 30.03 2.99 30.85
N ILE E 15 29.98 2.89 29.53
CA ILE E 15 28.74 3.16 28.82
C ILE E 15 27.68 2.13 29.18
N GLU E 16 28.10 0.88 29.38
CA GLU E 16 27.15 -0.16 29.78
C GLU E 16 26.57 0.14 31.16
N LYS E 17 27.41 0.58 32.10
CA LYS E 17 26.90 0.95 33.41
C LYS E 17 25.95 2.14 33.31
N TRP E 18 26.29 3.12 32.47
CA TRP E 18 25.42 4.27 32.28
C TRP E 18 24.06 3.86 31.73
N LEU E 19 24.06 2.98 30.74
CA LEU E 19 22.81 2.62 30.09
C LEU E 19 21.97 1.66 30.92
N HIS E 20 22.62 0.80 31.73
CA HIS E 20 21.87 -0.18 32.49
C HIS E 20 20.97 0.48 33.52
N SER E 21 21.47 1.51 34.20
CA SER E 21 20.68 2.21 35.20
C SER E 21 19.51 2.98 34.61
N ARG E 22 19.49 3.18 33.30
CA ARG E 22 18.45 3.95 32.62
C ARG E 22 17.51 3.11 31.78
N LEU E 23 18.03 2.11 31.08
CA LEU E 23 17.21 1.21 30.29
C LEU E 23 17.93 -0.14 30.18
N PRO E 24 17.47 -1.20 30.88
CA PRO E 24 18.13 -2.50 30.79
C PRO E 24 17.79 -3.28 29.52
N ILE E 25 17.96 -2.64 28.36
CA ILE E 25 17.76 -3.33 27.10
C ILE E 25 18.90 -4.32 26.85
N VAL E 26 20.12 -3.95 27.21
CA VAL E 26 21.25 -4.85 27.02
C VAL E 26 21.11 -6.07 27.91
N ALA E 27 20.60 -5.89 29.13
CA ALA E 27 20.36 -7.03 30.00
C ALA E 27 19.32 -7.97 29.41
N LEU E 28 18.25 -7.42 28.84
CA LEU E 28 17.25 -8.26 28.21
C LEU E 28 17.83 -9.02 27.03
N ALA E 29 18.62 -8.35 26.19
CA ALA E 29 19.24 -9.03 25.07
C ALA E 29 20.18 -10.13 25.53
N TYR E 30 20.96 -9.86 26.58
CA TYR E 30 21.85 -10.87 27.13
C TYR E 30 21.09 -12.07 27.63
N ASP E 31 20.01 -11.85 28.39
CA ASP E 31 19.22 -12.97 28.88
C ASP E 31 18.58 -13.74 27.72
N THR E 32 18.21 -13.05 26.65
CA THR E 32 17.60 -13.73 25.52
C THR E 32 18.61 -14.62 24.80
N ILE E 33 19.80 -14.09 24.48
CA ILE E 33 20.76 -14.88 23.72
C ILE E 33 21.55 -15.86 24.58
N MET E 34 21.47 -15.76 25.90
CA MET E 34 22.21 -16.63 26.80
C MET E 34 21.32 -17.65 27.50
N ILE E 35 20.12 -17.91 26.97
CA ILE E 35 19.25 -18.88 27.61
C ILE E 35 19.92 -20.25 27.57
N PRO E 36 20.03 -20.97 28.69
CA PRO E 36 20.60 -22.32 28.62
C PRO E 36 19.69 -23.26 27.86
N THR E 37 20.13 -23.72 26.68
CA THR E 37 19.35 -24.65 25.89
C THR E 37 19.92 -26.05 25.99
N PRO E 38 19.11 -27.10 25.83
CA PRO E 38 19.65 -28.46 25.92
C PRO E 38 20.75 -28.69 24.90
N ARG E 39 21.74 -29.48 25.29
CA ARG E 39 22.90 -29.73 24.45
C ARG E 39 22.74 -30.94 23.54
N ASN E 40 21.57 -31.58 23.53
CA ASN E 40 21.34 -32.76 22.71
C ASN E 40 20.34 -32.49 21.58
N LEU E 41 20.05 -31.23 21.28
CA LEU E 41 19.12 -30.93 20.20
C LEU E 41 19.69 -31.38 18.87
N ASN E 42 18.84 -31.95 18.03
CA ASN E 42 19.24 -32.44 16.72
C ASN E 42 18.93 -31.36 15.68
N TRP E 43 19.12 -31.71 14.40
CA TRP E 43 19.02 -30.74 13.34
C TRP E 43 17.60 -30.28 13.07
N MET E 44 16.59 -30.91 13.66
CA MET E 44 15.21 -30.50 13.44
C MET E 44 14.84 -29.26 14.24
N TRP E 45 15.69 -28.81 15.16
CA TRP E 45 15.45 -27.58 15.90
C TRP E 45 15.92 -26.34 15.17
N ILE E 46 16.48 -26.48 13.96
CA ILE E 46 17.01 -25.33 13.24
C ILE E 46 15.96 -24.54 12.51
N TRP E 47 14.72 -25.00 12.47
CA TRP E 47 13.72 -24.36 11.62
C TRP E 47 13.14 -23.09 12.22
N GLY E 48 13.32 -22.86 13.52
CA GLY E 48 12.87 -21.58 14.07
C GLY E 48 13.65 -20.41 13.53
N VAL E 49 14.97 -20.54 13.46
CA VAL E 49 15.79 -19.47 12.88
C VAL E 49 15.49 -19.33 11.39
N VAL E 50 15.22 -20.45 10.72
CA VAL E 50 14.85 -20.39 9.32
C VAL E 50 13.56 -19.59 9.16
N LEU E 51 12.60 -19.82 10.04
CA LEU E 51 11.33 -19.10 9.94
C LEU E 51 11.49 -17.62 10.27
N ALA E 52 12.33 -17.30 11.24
CA ALA E 52 12.60 -15.90 11.54
C ALA E 52 13.21 -15.21 10.33
N PHE E 53 14.19 -15.85 9.69
CA PHE E 53 14.78 -15.28 8.50
C PHE E 53 13.76 -15.16 7.38
N CYS E 54 12.89 -16.15 7.23
CA CYS E 54 11.88 -16.10 6.17
C CYS E 54 10.93 -14.93 6.38
N LEU E 55 10.51 -14.70 7.63
CA LEU E 55 9.64 -13.57 7.91
C LEU E 55 10.35 -12.26 7.59
N VAL E 56 11.60 -12.12 8.02
CA VAL E 56 12.33 -10.87 7.76
C VAL E 56 12.50 -10.65 6.27
N LEU E 57 12.88 -11.71 5.54
CA LEU E 57 13.06 -11.61 4.09
C LEU E 57 11.77 -11.24 3.40
N GLN E 58 10.66 -11.87 3.79
CA GLN E 58 9.37 -11.56 3.18
C GLN E 58 9.01 -10.10 3.42
N ILE E 59 9.20 -9.62 4.65
CA ILE E 59 8.85 -8.23 4.95
C ILE E 59 9.70 -7.28 4.13
N VAL E 60 11.02 -7.51 4.10
CA VAL E 60 11.92 -6.58 3.41
C VAL E 60 11.62 -6.57 1.91
N THR E 61 11.53 -7.75 1.30
CA THR E 61 11.29 -7.82 -0.13
C THR E 61 9.92 -7.26 -0.48
N GLY E 62 8.92 -7.50 0.37
CA GLY E 62 7.60 -6.96 0.11
C GLY E 62 7.56 -5.45 0.21
N ILE E 63 8.26 -4.89 1.20
CA ILE E 63 8.35 -3.44 1.32
C ILE E 63 9.02 -2.85 0.09
N VAL E 64 10.05 -3.53 -0.42
CA VAL E 64 10.70 -3.10 -1.64
C VAL E 64 9.72 -3.14 -2.81
N LEU E 65 8.97 -4.23 -2.92
CA LEU E 65 8.07 -4.40 -4.07
C LEU E 65 6.93 -3.39 -4.02
N ALA E 66 6.41 -3.09 -2.84
CA ALA E 66 5.30 -2.17 -2.71
C ALA E 66 5.67 -0.77 -3.17
N MET E 67 6.96 -0.45 -3.25
CA MET E 67 7.39 0.84 -3.77
C MET E 67 7.18 0.96 -5.27
N HIS E 68 6.83 -0.12 -5.95
CA HIS E 68 6.69 -0.13 -7.40
C HIS E 68 5.39 -0.74 -7.89
N TYR E 69 4.61 -1.37 -7.01
CA TYR E 69 3.41 -2.11 -7.40
C TYR E 69 2.17 -1.22 -7.20
N THR E 70 1.30 -1.22 -8.20
CA THR E 70 0.08 -0.43 -8.16
C THR E 70 -1.13 -1.34 -7.91
N PRO E 71 -1.83 -1.25 -6.77
CA PRO E 71 -2.96 -2.16 -6.54
C PRO E 71 -4.24 -1.71 -7.25
N HIS E 72 -4.18 -1.69 -8.58
CA HIS E 72 -5.33 -1.35 -9.41
C HIS E 72 -5.45 -2.37 -10.53
N VAL E 73 -6.68 -2.76 -10.83
CA VAL E 73 -6.91 -3.85 -11.78
C VAL E 73 -6.33 -3.51 -13.14
N ASP E 74 -6.43 -2.25 -13.55
CA ASP E 74 -5.89 -1.83 -14.83
C ASP E 74 -4.38 -1.68 -14.83
N LEU E 75 -3.72 -1.81 -13.67
CA LEU E 75 -2.30 -1.53 -13.55
C LEU E 75 -1.52 -2.58 -12.76
N ALA E 76 -2.18 -3.51 -12.08
CA ALA E 76 -1.46 -4.43 -11.19
C ALA E 76 -0.55 -5.36 -11.98
N PHE E 77 -1.09 -6.02 -12.99
CA PHE E 77 -0.27 -6.91 -13.82
C PHE E 77 0.82 -6.13 -14.54
N ALA E 78 0.48 -4.97 -15.07
CA ALA E 78 1.46 -4.13 -15.72
C ALA E 78 2.54 -3.67 -14.74
N SER E 79 2.15 -3.35 -13.51
CA SER E 79 3.13 -2.92 -12.52
C SER E 79 4.07 -4.06 -12.15
N VAL E 80 3.55 -5.29 -12.05
CA VAL E 80 4.41 -6.42 -11.75
C VAL E 80 5.38 -6.66 -12.89
N GLU E 81 4.91 -6.54 -14.14
CA GLU E 81 5.83 -6.70 -15.27
C GLU E 81 6.86 -5.59 -15.28
N HIS E 82 6.46 -4.37 -14.92
CA HIS E 82 7.40 -3.27 -14.81
C HIS E 82 8.49 -3.60 -13.78
N ILE E 83 8.09 -4.17 -12.65
CA ILE E 83 9.06 -4.59 -11.65
C ILE E 83 10.00 -5.64 -12.24
N MET E 84 9.45 -6.61 -12.96
CA MET E 84 10.27 -7.68 -13.51
C MET E 84 11.29 -7.14 -14.50
N ARG E 85 10.90 -6.15 -15.30
CA ARG E 85 11.69 -5.73 -16.45
C ARG E 85 12.51 -4.48 -16.20
N ASN E 86 11.96 -3.47 -15.55
CA ASN E 86 12.54 -2.13 -15.55
C ASN E 86 13.33 -1.80 -14.28
N VAL E 87 12.77 -2.04 -13.09
CA VAL E 87 13.44 -1.59 -11.88
C VAL E 87 14.68 -2.45 -11.63
N ASN E 88 15.69 -1.83 -11.02
CA ASN E 88 16.99 -2.48 -10.83
C ASN E 88 16.86 -3.73 -9.97
N GLY E 89 17.18 -4.88 -10.55
CA GLY E 89 17.10 -6.12 -9.81
C GLY E 89 15.70 -6.51 -9.41
N GLY E 90 14.68 -5.90 -10.02
CA GLY E 90 13.31 -6.20 -9.64
C GLY E 90 12.91 -7.62 -9.93
N PHE E 91 13.48 -8.22 -10.97
CA PHE E 91 13.21 -9.63 -11.23
C PHE E 91 13.65 -10.49 -10.05
N MET E 92 14.84 -10.23 -9.53
CA MET E 92 15.33 -11.02 -8.41
C MET E 92 14.50 -10.78 -7.17
N LEU E 93 14.09 -9.53 -6.93
CA LEU E 93 13.27 -9.22 -5.76
C LEU E 93 11.90 -9.90 -5.86
N ARG E 94 11.29 -9.86 -7.04
CA ARG E 94 9.99 -10.52 -7.21
C ARG E 94 10.11 -12.02 -7.03
N TYR E 95 11.13 -12.64 -7.62
CA TYR E 95 11.28 -14.08 -7.44
C TYR E 95 11.59 -14.43 -6.00
N LEU E 96 12.39 -13.60 -5.32
CA LEU E 96 12.66 -13.84 -3.90
C LEU E 96 11.38 -13.78 -3.09
N HIS E 97 10.54 -12.77 -3.33
CA HIS E 97 9.30 -12.66 -2.57
C HIS E 97 8.33 -13.78 -2.91
N ALA E 98 8.35 -14.27 -4.16
CA ALA E 98 7.44 -15.33 -4.56
C ALA E 98 7.85 -16.67 -3.97
N ASN E 99 9.15 -17.00 -4.02
CA ASN E 99 9.62 -18.26 -3.49
C ASN E 99 9.84 -18.23 -1.99
N GLY E 100 9.89 -17.04 -1.38
CA GLY E 100 9.99 -16.96 0.05
C GLY E 100 8.76 -17.50 0.74
N ALA E 101 7.59 -17.36 0.11
CA ALA E 101 6.40 -17.97 0.65
C ALA E 101 6.55 -19.49 0.70
N SER E 102 7.06 -20.08 -0.37
CA SER E 102 7.27 -21.52 -0.39
C SER E 102 8.28 -21.94 0.68
N LEU E 103 9.37 -21.18 0.82
CA LEU E 103 10.35 -21.48 1.85
C LEU E 103 9.72 -21.36 3.24
N PHE E 104 8.93 -20.32 3.45
CA PHE E 104 8.29 -20.09 4.73
C PHE E 104 7.37 -21.25 5.09
N PHE E 105 6.59 -21.73 4.12
CA PHE E 105 5.60 -22.75 4.42
C PHE E 105 6.24 -24.13 4.55
N ILE E 106 7.26 -24.45 3.77
CA ILE E 106 7.96 -25.72 4.00
C ILE E 106 8.63 -25.68 5.38
N ALA E 107 9.15 -24.52 5.77
CA ALA E 107 9.76 -24.39 7.09
C ALA E 107 8.73 -24.59 8.20
N VAL E 108 7.55 -23.99 8.08
CA VAL E 108 6.58 -24.16 9.17
C VAL E 108 6.07 -25.57 9.20
N TYR E 109 5.92 -26.23 8.05
CA TYR E 109 5.45 -27.61 8.10
C TYR E 109 6.48 -28.50 8.79
N LEU E 110 7.77 -28.30 8.49
CA LEU E 110 8.80 -29.05 9.21
C LEU E 110 8.78 -28.72 10.70
N HIS E 111 8.63 -27.43 11.04
CA HIS E 111 8.54 -27.00 12.43
C HIS E 111 7.39 -27.70 13.15
N ILE E 112 6.21 -27.70 12.51
CA ILE E 112 5.01 -28.26 13.11
C ILE E 112 5.16 -29.76 13.29
N PHE E 113 5.71 -30.46 12.30
CA PHE E 113 5.81 -31.91 12.43
C PHE E 113 6.89 -32.30 13.43
N ARG E 114 7.93 -31.48 13.60
CA ARG E 114 8.85 -31.71 14.71
C ARG E 114 8.11 -31.58 16.04
N GLY E 115 7.30 -30.54 16.17
CA GLY E 115 6.52 -30.38 17.39
C GLY E 115 5.62 -31.57 17.65
N LEU E 116 4.98 -32.07 16.59
CA LEU E 116 4.09 -33.22 16.73
C LEU E 116 4.86 -34.46 17.16
N TYR E 117 6.03 -34.70 16.57
CA TYR E 117 6.78 -35.91 16.89
C TYR E 117 7.29 -35.88 18.33
N TYR E 118 7.91 -34.77 18.72
CA TYR E 118 8.61 -34.73 20.00
C TYR E 118 7.74 -34.25 21.15
N GLY E 119 6.45 -34.03 20.91
CA GLY E 119 5.58 -33.64 21.99
C GLY E 119 5.82 -32.25 22.50
N SER E 120 6.38 -31.38 21.66
CA SER E 120 6.64 -30.00 22.08
C SER E 120 5.35 -29.24 22.37
N TYR E 121 4.22 -29.74 21.90
CA TYR E 121 2.91 -29.15 22.22
C TYR E 121 2.44 -29.49 23.63
N LYS E 122 2.99 -30.53 24.24
CA LYS E 122 2.46 -31.01 25.50
C LYS E 122 2.77 -30.03 26.63
N ALA E 123 2.22 -30.32 27.79
CA ALA E 123 2.40 -29.43 28.93
C ALA E 123 3.88 -29.35 29.30
N PRO E 124 4.38 -28.18 29.73
CA PRO E 124 3.72 -26.89 29.93
C PRO E 124 3.84 -25.96 28.72
N ARG E 125 3.72 -26.52 27.51
CA ARG E 125 3.96 -25.77 26.28
C ARG E 125 2.71 -25.65 25.42
N GLU E 126 1.54 -25.57 26.04
CA GLU E 126 0.32 -25.40 25.26
C GLU E 126 0.22 -23.99 24.69
N VAL E 127 0.61 -22.98 25.47
CA VAL E 127 0.51 -21.60 25.01
C VAL E 127 1.37 -21.39 23.77
N THR E 128 2.56 -21.99 23.76
CA THR E 128 3.42 -21.87 22.60
C THR E 128 2.75 -22.44 21.35
N TRP E 129 2.11 -23.59 21.49
CA TRP E 129 1.42 -24.20 20.37
C TRP E 129 0.26 -23.33 19.88
N ILE E 130 -0.50 -22.75 20.82
CA ILE E 130 -1.63 -21.93 20.42
C ILE E 130 -1.16 -20.68 19.69
N VAL E 131 -0.11 -20.04 20.21
CA VAL E 131 0.45 -18.88 19.53
C VAL E 131 0.94 -19.26 18.14
N GLY E 132 1.57 -20.42 18.02
CA GLY E 132 1.99 -20.89 16.72
C GLY E 132 0.84 -21.10 15.76
N MET E 133 -0.26 -21.66 16.25
CA MET E 133 -1.42 -21.87 15.39
C MET E 133 -1.99 -20.54 14.90
N LEU E 134 -2.03 -19.55 15.79
CA LEU E 134 -2.44 -18.21 15.36
C LEU E 134 -1.51 -17.67 14.29
N ILE E 135 -0.20 -17.85 14.49
CA ILE E 135 0.77 -17.40 13.48
C ILE E 135 0.50 -18.10 12.15
N TYR E 136 0.20 -19.39 12.19
CA TYR E 136 -0.02 -20.14 10.96
C TYR E 136 -1.26 -19.66 10.23
N LEU E 137 -2.35 -19.38 10.96
CA LEU E 137 -3.53 -18.82 10.33
C LEU E 137 -3.21 -17.46 9.69
N ALA E 138 -2.46 -16.62 10.40
CA ALA E 138 -2.10 -15.32 9.83
C ALA E 138 -1.25 -15.49 8.58
N MET E 139 -0.33 -16.45 8.60
CA MET E 139 0.51 -16.71 7.43
C MET E 139 -0.33 -17.16 6.25
N MET E 140 -1.31 -18.03 6.50
CA MET E 140 -2.17 -18.49 5.42
C MET E 140 -2.93 -17.34 4.80
N ALA E 141 -3.51 -16.46 5.63
CA ALA E 141 -4.23 -15.32 5.09
C ALA E 141 -3.31 -14.40 4.31
N THR E 142 -2.11 -14.14 4.86
CA THR E 142 -1.16 -13.25 4.20
C THR E 142 -0.76 -13.79 2.85
N ALA E 143 -0.45 -15.09 2.78
CA ALA E 143 -0.06 -15.69 1.50
C ALA E 143 -1.22 -15.65 0.51
N PHE E 144 -2.44 -15.90 0.98
CA PHE E 144 -3.60 -15.83 0.09
C PHE E 144 -3.70 -14.45 -0.55
N MET E 145 -3.69 -13.40 0.26
CA MET E 145 -3.85 -12.06 -0.28
C MET E 145 -2.67 -11.69 -1.18
N GLY E 146 -1.45 -12.05 -0.77
CA GLY E 146 -0.29 -11.79 -1.61
C GLY E 146 -0.40 -12.44 -2.96
N TYR E 147 -0.84 -13.71 -3.00
CA TYR E 147 -1.01 -14.39 -4.28
C TYR E 147 -2.12 -13.74 -5.09
N VAL E 148 -3.10 -13.12 -4.43
CA VAL E 148 -4.13 -12.41 -5.17
C VAL E 148 -3.56 -11.14 -5.80
N LEU E 149 -2.56 -10.51 -5.18
CA LEU E 149 -2.12 -9.19 -5.64
C LEU E 149 -1.63 -9.14 -7.08
N PRO E 150 -0.87 -10.11 -7.61
CA PRO E 150 -0.44 -10.01 -9.01
C PRO E 150 -1.57 -9.83 -10.01
N TRP E 151 -2.76 -10.35 -9.70
CA TRP E 151 -3.93 -10.17 -10.55
C TRP E 151 -3.79 -10.91 -11.88
N GLY E 152 -3.25 -12.12 -11.82
CA GLY E 152 -3.29 -13.04 -12.95
C GLY E 152 -4.55 -13.86 -12.94
N GLN E 153 -4.57 -14.88 -13.80
CA GLN E 153 -5.73 -15.77 -13.83
C GLN E 153 -5.86 -16.53 -12.52
N MET E 154 -4.75 -17.10 -12.06
CA MET E 154 -4.81 -17.88 -10.82
C MET E 154 -5.16 -17.01 -9.64
N SER E 155 -4.62 -15.78 -9.57
CA SER E 155 -4.98 -14.88 -8.50
C SER E 155 -6.48 -14.61 -8.48
N PHE E 156 -7.04 -14.26 -9.63
CA PHE E 156 -8.46 -13.94 -9.71
C PHE E 156 -9.32 -15.13 -9.30
N TRP E 157 -9.03 -16.31 -9.85
CA TRP E 157 -9.91 -17.44 -9.60
C TRP E 157 -9.68 -18.08 -8.23
N GLY E 158 -8.48 -17.98 -7.67
CA GLY E 158 -8.29 -18.37 -6.29
C GLY E 158 -9.05 -17.46 -5.34
N ALA E 159 -9.03 -16.15 -5.61
CA ALA E 159 -9.84 -15.24 -4.82
C ALA E 159 -11.32 -15.59 -4.94
N THR E 160 -11.77 -15.90 -6.16
CA THR E 160 -13.16 -16.28 -6.36
C THR E 160 -13.51 -17.52 -5.54
N VAL E 161 -12.65 -18.53 -5.57
CA VAL E 161 -12.93 -19.77 -4.84
C VAL E 161 -12.97 -19.53 -3.34
N ILE E 162 -11.99 -18.78 -2.80
CA ILE E 162 -11.95 -18.56 -1.37
C ILE E 162 -13.14 -17.73 -0.90
N THR E 163 -13.49 -16.69 -1.67
CA THR E 163 -14.66 -15.90 -1.32
C THR E 163 -15.93 -16.73 -1.38
N GLY E 164 -16.03 -17.63 -2.36
CA GLY E 164 -17.17 -18.53 -2.40
C GLY E 164 -17.24 -19.43 -1.19
N LEU E 165 -16.08 -19.93 -0.74
CA LEU E 165 -16.05 -20.74 0.46
C LEU E 165 -16.57 -19.96 1.66
N PHE E 166 -16.17 -18.69 1.77
CA PHE E 166 -16.72 -17.85 2.83
C PHE E 166 -18.22 -17.67 2.67
N GLY E 167 -18.69 -17.51 1.45
CA GLY E 167 -20.11 -17.34 1.20
C GLY E 167 -20.92 -18.61 1.33
N ALA E 168 -20.28 -19.75 1.51
CA ALA E 168 -21.01 -21.00 1.72
C ALA E 168 -21.65 -21.10 3.10
N ILE E 169 -21.34 -20.18 4.02
CA ILE E 169 -21.85 -20.29 5.39
C ILE E 169 -23.37 -20.10 5.37
N PRO E 170 -24.15 -20.89 6.10
CA PRO E 170 -25.61 -20.71 6.06
C PRO E 170 -26.03 -19.36 6.64
N GLY E 171 -27.06 -18.78 6.03
CA GLY E 171 -27.66 -17.57 6.55
C GLY E 171 -26.85 -16.32 6.33
N ILE E 172 -25.72 -16.22 7.03
CA ILE E 172 -24.89 -15.01 6.99
C ILE E 172 -23.79 -15.12 5.93
N GLY E 173 -23.78 -16.19 5.13
CA GLY E 173 -22.69 -16.37 4.19
C GLY E 173 -22.64 -15.29 3.12
N HIS E 174 -23.80 -14.98 2.53
CA HIS E 174 -23.82 -14.00 1.46
C HIS E 174 -23.37 -12.63 1.94
N SER E 175 -23.80 -12.24 3.14
CA SER E 175 -23.39 -10.95 3.68
C SER E 175 -21.88 -10.90 3.91
N ILE E 176 -21.32 -11.97 4.47
CA ILE E 176 -19.88 -11.99 4.73
C ILE E 176 -19.10 -11.98 3.42
N GLN E 177 -19.59 -12.70 2.41
CA GLN E 177 -18.93 -12.70 1.11
C GLN E 177 -18.95 -11.31 0.50
N THR E 178 -20.09 -10.63 0.57
CA THR E 178 -20.18 -9.27 0.02
C THR E 178 -19.28 -8.31 0.78
N TRP E 179 -19.21 -8.48 2.11
CA TRP E 179 -18.32 -7.64 2.91
C TRP E 179 -16.85 -7.85 2.53
N LEU E 180 -16.45 -9.11 2.33
CA LEU E 180 -15.07 -9.38 1.95
C LEU E 180 -14.77 -8.92 0.52
N LEU E 181 -15.75 -8.99 -0.37
CA LEU E 181 -15.55 -8.61 -1.75
C LEU E 181 -15.76 -7.13 -2.00
N GLY E 182 -16.63 -6.48 -1.23
CA GLY E 182 -16.96 -5.10 -1.51
C GLY E 182 -17.79 -4.91 -2.74
N GLY E 183 -18.48 -5.95 -3.20
CA GLY E 183 -19.28 -5.87 -4.39
C GLY E 183 -19.83 -7.22 -4.81
N PRO E 184 -20.52 -7.27 -5.95
CA PRO E 184 -21.10 -8.55 -6.38
C PRO E 184 -20.07 -9.64 -6.61
N ALA E 185 -18.86 -9.29 -7.04
CA ALA E 185 -17.83 -10.28 -7.34
C ALA E 185 -16.46 -9.67 -7.08
N VAL E 186 -15.43 -10.47 -7.37
CA VAL E 186 -14.06 -10.01 -7.20
C VAL E 186 -13.79 -8.89 -8.18
N ASP E 187 -13.41 -7.73 -7.67
CA ASP E 187 -13.21 -6.55 -8.50
C ASP E 187 -12.14 -5.68 -7.83
N ASN E 188 -12.07 -4.41 -8.25
CA ASN E 188 -10.98 -3.55 -7.82
C ASN E 188 -11.00 -3.33 -6.31
N ALA E 189 -12.19 -3.25 -5.71
CA ALA E 189 -12.26 -3.07 -4.27
C ALA E 189 -11.60 -4.24 -3.54
N THR E 190 -11.86 -5.45 -4.00
CA THR E 190 -11.26 -6.64 -3.39
C THR E 190 -9.74 -6.59 -3.49
N LEU E 191 -9.23 -6.25 -4.67
CA LEU E 191 -7.79 -6.17 -4.85
C LEU E 191 -7.18 -5.12 -3.94
N ASN E 192 -7.80 -3.95 -3.84
CA ASN E 192 -7.23 -2.87 -3.05
C ASN E 192 -7.21 -3.22 -1.56
N ARG E 193 -8.33 -3.73 -1.04
CA ARG E 193 -8.36 -4.09 0.37
C ARG E 193 -7.44 -5.26 0.67
N PHE E 194 -7.33 -6.21 -0.27
CA PHE E 194 -6.39 -7.31 -0.08
C PHE E 194 -4.96 -6.80 -0.03
N PHE E 195 -4.62 -5.81 -0.85
CA PHE E 195 -3.29 -5.23 -0.79
C PHE E 195 -3.03 -4.57 0.55
N SER E 196 -4.01 -3.79 1.02
CA SER E 196 -3.85 -3.13 2.32
C SER E 196 -3.65 -4.15 3.43
N LEU E 197 -4.47 -5.19 3.45
CA LEU E 197 -4.36 -6.18 4.53
C LEU E 197 -3.12 -7.06 4.36
N HIS E 198 -2.64 -7.25 3.14
CA HIS E 198 -1.40 -7.98 2.92
C HIS E 198 -0.21 -7.20 3.47
N TYR E 199 -0.24 -5.88 3.33
CA TYR E 199 0.76 -5.05 3.99
C TYR E 199 0.62 -5.14 5.50
N LEU E 200 -0.62 -5.12 6.01
CA LEU E 200 -0.84 -5.08 7.45
C LEU E 200 -0.40 -6.37 8.14
N LEU E 201 -0.81 -7.53 7.60
CA LEU E 201 -0.72 -8.77 8.35
C LEU E 201 0.69 -9.16 8.79
N PRO E 202 1.73 -9.03 7.98
CA PRO E 202 3.07 -9.48 8.43
C PRO E 202 3.53 -8.83 9.72
N PHE E 203 3.13 -7.60 10.01
CA PHE E 203 3.52 -6.99 11.28
C PHE E 203 2.77 -7.65 12.44
N VAL E 204 1.51 -8.03 12.22
CA VAL E 204 0.80 -8.82 13.22
C VAL E 204 1.49 -10.16 13.42
N ILE E 205 1.99 -10.75 12.34
CA ILE E 205 2.73 -12.01 12.45
C ILE E 205 4.00 -11.80 13.25
N ALA E 206 4.67 -10.66 13.05
CA ALA E 206 5.88 -10.38 13.80
C ALA E 206 5.58 -10.22 15.29
N ALA E 207 4.48 -9.55 15.63
CA ALA E 207 4.09 -9.44 17.04
C ALA E 207 3.79 -10.81 17.62
N LEU E 208 3.05 -11.63 16.88
CA LEU E 208 2.76 -12.98 17.35
C LEU E 208 4.02 -13.80 17.51
N VAL E 209 5.01 -13.58 16.63
CA VAL E 209 6.27 -14.30 16.74
C VAL E 209 7.04 -13.85 17.97
N ALA E 210 6.95 -12.57 18.31
CA ALA E 210 7.55 -12.10 19.56
C ALA E 210 6.90 -12.78 20.76
N ILE E 211 5.58 -12.92 20.74
CA ILE E 211 4.88 -13.63 21.81
C ILE E 211 5.32 -15.09 21.82
N HIS E 212 5.47 -15.70 20.65
CA HIS E 212 5.96 -17.07 20.53
C HIS E 212 7.32 -17.21 21.20
N ILE E 213 8.23 -16.28 20.91
CA ILE E 213 9.57 -16.33 21.48
C ILE E 213 9.50 -16.21 22.99
N TRP E 214 8.69 -15.28 23.48
CA TRP E 214 8.57 -15.10 24.93
C TRP E 214 8.00 -16.35 25.59
N ALA E 215 7.01 -16.98 24.96
CA ALA E 215 6.41 -18.18 25.53
C ALA E 215 7.43 -19.31 25.63
N PHE E 216 8.16 -19.56 24.54
CA PHE E 216 9.11 -20.67 24.60
C PHE E 216 10.29 -20.34 25.49
N HIS E 217 10.62 -19.06 25.66
CA HIS E 217 11.63 -18.70 26.66
C HIS E 217 11.13 -18.97 28.07
N SER E 218 9.87 -18.65 28.34
CA SER E 218 9.32 -18.87 29.67
C SER E 218 9.30 -20.36 30.01
N THR E 219 8.81 -21.18 29.08
CA THR E 219 8.72 -22.61 29.38
C THR E 219 10.07 -23.31 29.28
N GLY E 220 10.96 -22.82 28.43
CA GLY E 220 12.22 -23.49 28.18
C GLY E 220 12.14 -24.41 26.97
N ASN E 221 13.27 -24.55 26.29
CA ASN E 221 13.30 -25.34 25.07
C ASN E 221 13.06 -26.81 25.38
N ASN E 222 12.45 -27.51 24.43
CA ASN E 222 12.27 -28.95 24.48
C ASN E 222 13.41 -29.64 23.75
N ASN E 223 13.61 -30.91 24.08
CA ASN E 223 14.70 -31.71 23.53
C ASN E 223 14.17 -33.05 23.07
N PRO E 224 14.91 -33.76 22.22
CA PRO E 224 14.41 -35.05 21.73
C PRO E 224 14.07 -36.05 22.83
N THR E 225 14.85 -36.07 23.91
CA THR E 225 14.57 -37.02 24.98
C THR E 225 13.24 -36.74 25.66
N GLY E 226 12.79 -35.49 25.63
CA GLY E 226 11.59 -35.11 26.35
C GLY E 226 11.79 -34.90 27.83
N VAL E 227 13.01 -35.06 28.34
CA VAL E 227 13.30 -34.86 29.75
C VAL E 227 13.71 -33.41 29.97
N GLU E 228 13.07 -32.75 30.93
CA GLU E 228 13.34 -31.35 31.18
C GLU E 228 14.71 -31.17 31.80
N VAL E 229 15.25 -29.95 31.66
CA VAL E 229 16.53 -29.62 32.27
C VAL E 229 16.38 -29.65 33.78
N ARG E 230 17.47 -30.00 34.46
CA ARG E 230 17.45 -30.08 35.92
C ARG E 230 17.55 -28.68 36.52
N ARG E 231 16.54 -28.28 37.28
CA ARG E 231 16.48 -26.97 37.91
C ARG E 231 16.98 -27.00 39.35
N THR E 232 17.46 -28.15 39.84
CA THR E 232 17.84 -28.25 41.24
C THR E 232 18.98 -27.32 41.59
N SER E 233 19.98 -27.21 40.72
CA SER E 233 21.14 -26.38 40.99
C SER E 233 21.75 -25.91 39.68
N LYS E 234 22.61 -24.89 39.78
CA LYS E 234 23.24 -24.33 38.59
C LYS E 234 24.16 -25.33 37.91
N ALA E 235 24.94 -26.09 38.69
CA ALA E 235 25.86 -27.04 38.10
C ALA E 235 25.13 -28.11 37.31
N GLU E 236 24.08 -28.68 37.90
CA GLU E 236 23.32 -29.71 37.21
C GLU E 236 22.65 -29.16 35.96
N ALA E 237 22.14 -27.93 36.04
CA ALA E 237 21.56 -27.31 34.85
C ALA E 237 22.61 -27.15 33.75
N GLN E 238 23.83 -26.79 34.13
CA GLN E 238 24.89 -26.66 33.14
C GLN E 238 25.28 -28.00 32.54
N LYS E 239 25.20 -29.08 33.32
CA LYS E 239 25.54 -30.40 32.77
C LYS E 239 24.50 -30.88 31.77
N ASP E 240 23.32 -30.27 31.74
CA ASP E 240 22.27 -30.63 30.79
C ASP E 240 22.11 -29.63 29.66
N THR E 241 22.80 -28.50 29.70
CA THR E 241 22.55 -27.41 28.77
C THR E 241 23.86 -26.73 28.41
N VAL E 242 23.81 -25.96 27.33
CA VAL E 242 24.86 -25.02 26.96
C VAL E 242 24.18 -23.70 26.65
N PRO E 243 24.86 -22.55 26.78
CA PRO E 243 24.22 -21.30 26.43
C PRO E 243 23.87 -21.26 24.95
N PHE E 244 22.77 -20.57 24.62
CA PHE E 244 22.35 -20.50 23.24
C PHE E 244 23.42 -19.84 22.37
N TRP E 245 24.01 -18.75 22.85
CA TRP E 245 25.18 -18.15 22.23
C TRP E 245 26.44 -18.71 22.86
N PRO E 246 27.48 -19.06 22.09
CA PRO E 246 27.63 -19.06 20.63
C PRO E 246 27.17 -20.36 19.97
N TYR E 247 26.97 -21.41 20.77
CA TYR E 247 26.85 -22.75 20.24
C TYR E 247 25.67 -22.91 19.30
N PHE E 248 24.46 -22.75 19.81
CA PHE E 248 23.29 -22.96 18.96
C PHE E 248 23.04 -21.80 18.03
N ILE E 249 23.49 -20.59 18.37
CA ILE E 249 23.46 -19.50 17.40
C ILE E 249 24.22 -19.90 16.15
N ILE E 250 25.44 -20.40 16.30
CA ILE E 250 26.27 -20.74 15.16
C ILE E 250 25.71 -21.97 14.45
N LYS E 251 25.22 -22.97 15.21
CA LYS E 251 24.66 -24.15 14.57
C LYS E 251 23.46 -23.80 13.70
N ASP E 252 22.53 -23.02 14.25
CA ASP E 252 21.35 -22.62 13.49
C ASP E 252 21.71 -21.70 12.34
N VAL E 253 22.70 -20.83 12.50
CA VAL E 253 23.10 -19.98 11.40
C VAL E 253 23.71 -20.79 10.27
N PHE E 254 24.51 -21.81 10.59
CA PHE E 254 25.05 -22.69 9.57
C PHE E 254 23.93 -23.44 8.83
N ALA E 255 22.96 -23.96 9.58
CA ALA E 255 21.84 -24.63 8.95
C ALA E 255 21.09 -23.66 8.03
N LEU E 256 20.87 -22.43 8.49
CA LEU E 256 20.20 -21.44 7.65
C LEU E 256 21.04 -21.12 6.42
N ALA E 257 22.36 -21.12 6.54
CA ALA E 257 23.21 -20.85 5.39
C ALA E 257 23.06 -21.94 4.34
N VAL E 258 23.01 -23.20 4.76
CA VAL E 258 22.82 -24.28 3.80
C VAL E 258 21.43 -24.19 3.16
N VAL E 259 20.40 -23.93 3.99
CA VAL E 259 19.05 -23.81 3.46
C VAL E 259 18.99 -22.67 2.45
N LEU E 260 19.67 -21.56 2.74
CA LEU E 260 19.68 -20.42 1.83
C LEU E 260 20.47 -20.72 0.57
N LEU E 261 21.53 -21.53 0.67
CA LEU E 261 22.22 -21.98 -0.53
C LEU E 261 21.25 -22.67 -1.47
N VAL E 262 20.48 -23.63 -0.94
CA VAL E 262 19.51 -24.35 -1.77
C VAL E 262 18.45 -23.38 -2.29
N PHE E 263 17.95 -22.49 -1.43
CA PHE E 263 16.89 -21.58 -1.82
C PHE E 263 17.34 -20.64 -2.93
N PHE E 264 18.55 -20.09 -2.81
CA PHE E 264 19.05 -19.19 -3.84
C PHE E 264 19.35 -19.93 -5.14
N ALA E 265 19.81 -21.19 -5.05
CA ALA E 265 19.96 -21.97 -6.28
C ALA E 265 18.63 -22.14 -6.98
N ILE E 266 17.58 -22.45 -6.21
CA ILE E 266 16.25 -22.61 -6.79
C ILE E 266 15.79 -21.29 -7.41
N VAL E 267 15.98 -20.19 -6.69
CA VAL E 267 15.49 -18.89 -7.16
C VAL E 267 16.25 -18.45 -8.40
N GLY E 268 17.54 -18.76 -8.48
CA GLY E 268 18.36 -18.32 -9.60
C GLY E 268 18.38 -19.23 -10.79
N PHE E 269 17.86 -20.46 -10.67
CA PHE E 269 17.86 -21.38 -11.80
C PHE E 269 16.52 -22.04 -12.10
N MET E 270 15.51 -21.85 -11.26
CA MET E 270 14.17 -22.32 -11.59
C MET E 270 13.16 -21.59 -10.74
N PRO E 271 12.94 -20.28 -10.97
CA PRO E 271 12.00 -19.55 -10.12
C PRO E 271 10.56 -19.98 -10.31
N ASN E 272 10.21 -20.47 -11.49
CA ASN E 272 8.81 -20.75 -11.84
C ASN E 272 8.41 -22.19 -11.60
N TYR E 273 9.28 -23.00 -11.00
CA TYR E 273 8.93 -24.40 -10.77
C TYR E 273 7.77 -24.52 -9.79
N LEU E 274 7.78 -23.71 -8.73
CA LEU E 274 6.77 -23.78 -7.68
C LEU E 274 5.55 -22.94 -7.98
N GLY E 275 5.53 -22.23 -9.10
CA GLY E 275 4.40 -21.41 -9.48
C GLY E 275 3.42 -22.15 -10.38
N HIS E 276 2.64 -21.38 -11.13
CA HIS E 276 1.70 -21.90 -12.09
C HIS E 276 1.80 -21.00 -13.32
N PRO E 277 1.96 -21.56 -14.53
CA PRO E 277 2.06 -20.67 -15.70
C PRO E 277 0.85 -19.78 -15.90
N ASP E 278 -0.33 -20.23 -15.51
CA ASP E 278 -1.54 -19.47 -15.76
C ASP E 278 -1.55 -18.13 -15.06
N ASN E 279 -0.76 -17.97 -13.98
CA ASN E 279 -0.70 -16.68 -13.32
C ASN E 279 0.08 -15.65 -14.13
N TYR E 280 0.73 -16.05 -15.21
CA TYR E 280 1.30 -15.12 -16.18
C TYR E 280 0.30 -14.76 -17.28
N ILE E 281 -0.99 -14.95 -17.04
CA ILE E 281 -2.05 -14.55 -17.94
C ILE E 281 -2.92 -13.54 -17.20
N GLU E 282 -3.19 -12.42 -17.86
CA GLU E 282 -4.02 -11.38 -17.24
C GLU E 282 -5.37 -11.95 -16.85
N ALA E 283 -5.86 -11.54 -15.68
CA ALA E 283 -7.11 -12.06 -15.15
C ALA E 283 -8.25 -11.83 -16.13
N ASN E 284 -9.02 -12.87 -16.39
CA ASN E 284 -10.17 -12.83 -17.29
C ASN E 284 -11.41 -13.21 -16.51
N PRO E 285 -12.23 -12.25 -16.07
CA PRO E 285 -13.45 -12.62 -15.33
C PRO E 285 -14.42 -13.47 -16.12
N LEU E 286 -14.34 -13.46 -17.45
CA LEU E 286 -15.31 -14.17 -18.28
C LEU E 286 -14.87 -15.58 -18.66
N SER E 287 -13.73 -16.05 -18.18
CA SER E 287 -13.25 -17.38 -18.53
C SER E 287 -12.34 -17.89 -17.42
N THR E 288 -12.44 -19.18 -17.11
CA THR E 288 -11.65 -19.80 -16.07
C THR E 288 -10.62 -20.76 -16.67
N PRO E 289 -9.42 -20.88 -16.09
CA PRO E 289 -8.51 -21.92 -16.56
C PRO E 289 -9.10 -23.30 -16.36
N ALA E 290 -8.74 -24.22 -17.26
CA ALA E 290 -9.34 -25.55 -17.24
C ALA E 290 -8.92 -26.35 -16.01
N HIS E 291 -7.76 -26.05 -15.44
CA HIS E 291 -7.18 -26.85 -14.38
C HIS E 291 -6.63 -25.98 -13.26
N ILE E 292 -7.47 -25.11 -12.68
CA ILE E 292 -7.01 -24.24 -11.61
C ILE E 292 -6.45 -25.11 -10.48
N VAL E 293 -5.31 -24.70 -9.93
CA VAL E 293 -4.63 -25.46 -8.89
C VAL E 293 -4.11 -24.48 -7.83
N PRO E 294 -4.36 -24.72 -6.54
CA PRO E 294 -3.75 -23.86 -5.51
C PRO E 294 -2.25 -24.09 -5.40
N GLU E 295 -1.62 -23.24 -4.60
CA GLU E 295 -0.22 -23.42 -4.27
C GLU E 295 -0.05 -24.68 -3.43
N TRP E 296 1.16 -25.23 -3.48
CA TRP E 296 1.40 -26.53 -2.86
C TRP E 296 1.13 -26.50 -1.36
N TYR E 297 1.36 -25.36 -0.71
CA TYR E 297 1.19 -25.29 0.74
C TYR E 297 -0.28 -25.18 1.15
N PHE E 298 -1.20 -24.98 0.20
CA PHE E 298 -2.62 -25.05 0.47
C PHE E 298 -3.26 -26.30 -0.11
N LEU E 299 -2.53 -27.08 -0.91
CA LEU E 299 -3.11 -28.26 -1.52
C LEU E 299 -3.64 -29.30 -0.54
N PRO E 300 -2.98 -29.62 0.58
CA PRO E 300 -3.57 -30.66 1.45
C PRO E 300 -4.93 -30.30 2.01
N PHE E 301 -5.11 -29.05 2.44
CA PHE E 301 -6.40 -28.63 2.98
C PHE E 301 -7.42 -28.39 1.87
N TYR E 302 -6.97 -27.99 0.68
CA TYR E 302 -7.87 -27.98 -0.47
C TYR E 302 -8.38 -29.38 -0.76
N ALA E 303 -7.50 -30.38 -0.65
CA ALA E 303 -7.92 -31.76 -0.85
C ALA E 303 -8.91 -32.19 0.23
N ILE E 304 -8.66 -31.81 1.47
CA ILE E 304 -9.61 -32.13 2.54
C ILE E 304 -10.96 -31.50 2.25
N LEU E 305 -10.95 -30.29 1.70
CA LEU E 305 -12.19 -29.64 1.29
C LEU E 305 -12.90 -30.44 0.21
N ARG E 306 -12.15 -30.89 -0.80
CA ARG E 306 -12.76 -31.58 -1.93
C ARG E 306 -13.20 -32.99 -1.59
N ALA E 307 -12.64 -33.58 -0.53
CA ALA E 307 -12.84 -35.00 -0.27
C ALA E 307 -14.30 -35.33 -0.02
N PHE E 308 -14.98 -34.53 0.78
CA PHE E 308 -16.34 -34.84 1.25
C PHE E 308 -17.34 -34.29 0.24
N THR E 309 -17.91 -35.18 -0.57
CA THR E 309 -18.91 -34.83 -1.56
C THR E 309 -20.30 -35.16 -1.01
N ALA E 310 -21.32 -34.95 -1.85
CA ALA E 310 -22.69 -35.13 -1.40
C ALA E 310 -23.00 -36.60 -1.10
N ASP E 311 -22.27 -37.52 -1.72
CA ASP E 311 -22.58 -38.95 -1.61
C ASP E 311 -21.87 -39.64 -0.45
N VAL E 312 -21.07 -38.93 0.33
CA VAL E 312 -20.38 -39.55 1.46
C VAL E 312 -21.36 -39.72 2.61
N TRP E 313 -21.22 -40.83 3.33
CA TRP E 313 -22.20 -41.17 4.36
C TRP E 313 -22.21 -40.13 5.47
N VAL E 314 -21.04 -39.66 5.90
CA VAL E 314 -21.01 -38.67 6.97
C VAL E 314 -21.65 -37.37 6.50
N VAL E 315 -21.47 -37.02 5.22
CA VAL E 315 -22.10 -35.81 4.70
C VAL E 315 -23.61 -35.95 4.71
N GLN E 316 -24.12 -37.12 4.31
CA GLN E 316 -25.56 -37.34 4.34
C GLN E 316 -26.10 -37.30 5.76
N ILE E 317 -25.37 -37.87 6.72
CA ILE E 317 -25.79 -37.82 8.11
C ILE E 317 -25.85 -36.37 8.59
N ALA E 318 -24.83 -35.58 8.27
CA ALA E 318 -24.82 -34.18 8.67
C ALA E 318 -25.99 -33.43 8.03
N ASN E 319 -26.27 -33.70 6.76
CA ASN E 319 -27.40 -33.06 6.11
C ASN E 319 -28.72 -33.43 6.79
N PHE E 320 -28.89 -34.69 7.15
CA PHE E 320 -30.13 -35.14 7.78
C PHE E 320 -30.29 -34.51 9.17
N ILE E 321 -29.22 -34.54 9.97
CA ILE E 321 -29.32 -34.04 11.34
C ILE E 321 -29.59 -32.55 11.35
N SER E 322 -29.06 -31.81 10.38
CA SER E 322 -29.20 -30.36 10.34
C SER E 322 -30.44 -29.90 9.56
N PHE E 323 -31.30 -30.82 9.15
CA PHE E 323 -32.50 -30.50 8.38
C PHE E 323 -32.15 -29.77 7.08
N GLY E 324 -31.01 -30.12 6.50
CA GLY E 324 -30.58 -29.52 5.25
C GLY E 324 -29.78 -28.24 5.39
N ILE E 325 -29.59 -27.74 6.61
CA ILE E 325 -28.80 -26.52 6.79
C ILE E 325 -27.36 -26.78 6.39
N ILE E 326 -26.78 -27.90 6.82
CA ILE E 326 -25.41 -28.26 6.49
C ILE E 326 -25.46 -29.13 5.23
N ASP E 327 -25.13 -28.53 4.09
CA ASP E 327 -25.05 -29.23 2.82
C ASP E 327 -23.61 -29.63 2.54
N ALA E 328 -23.40 -30.25 1.38
CA ALA E 328 -22.08 -30.78 1.05
C ALA E 328 -21.03 -29.67 0.99
N LYS E 329 -21.40 -28.53 0.40
CA LYS E 329 -20.45 -27.42 0.28
C LYS E 329 -20.02 -26.92 1.66
N PHE E 330 -20.99 -26.61 2.51
CA PHE E 330 -20.64 -26.12 3.84
C PHE E 330 -19.98 -27.20 4.67
N PHE E 331 -20.34 -28.47 4.46
CA PHE E 331 -19.65 -29.55 5.16
C PHE E 331 -18.18 -29.58 4.76
N GLY E 332 -17.88 -29.41 3.48
CA GLY E 332 -16.50 -29.37 3.05
C GLY E 332 -15.75 -28.21 3.66
N VAL E 333 -16.38 -27.04 3.72
CA VAL E 333 -15.75 -25.88 4.34
C VAL E 333 -15.46 -26.17 5.81
N LEU E 334 -16.46 -26.74 6.51
CA LEU E 334 -16.28 -27.05 7.92
C LEU E 334 -15.17 -28.07 8.13
N ALA E 335 -15.07 -29.06 7.24
CA ALA E 335 -13.99 -30.04 7.37
C ALA E 335 -12.63 -29.40 7.14
N MET E 336 -12.53 -28.51 6.15
CA MET E 336 -11.27 -27.83 5.89
C MET E 336 -10.82 -27.02 7.11
N PHE E 337 -11.75 -26.32 7.75
CA PHE E 337 -11.36 -25.56 8.94
C PHE E 337 -11.19 -26.46 10.16
N GLY E 338 -11.93 -27.56 10.24
CA GLY E 338 -11.79 -28.47 11.36
C GLY E 338 -10.49 -29.22 11.36
N ALA E 339 -9.87 -29.39 10.19
CA ALA E 339 -8.51 -29.91 10.15
C ALA E 339 -7.57 -29.03 10.97
N ILE E 340 -7.63 -27.73 10.74
CA ILE E 340 -6.81 -26.80 11.51
C ILE E 340 -7.24 -26.84 12.98
N LEU E 341 -8.54 -27.01 13.21
CA LEU E 341 -9.04 -27.04 14.58
C LEU E 341 -8.44 -28.19 15.37
N VAL E 342 -8.40 -29.39 14.79
CA VAL E 342 -7.80 -30.52 15.51
C VAL E 342 -6.30 -30.34 15.64
N MET E 343 -5.66 -29.79 14.59
CA MET E 343 -4.22 -29.51 14.73
C MET E 343 -3.96 -28.57 15.89
N ALA E 344 -4.87 -27.64 16.15
CA ALA E 344 -4.73 -26.74 17.30
C ALA E 344 -5.07 -27.42 18.61
N LEU E 345 -6.07 -28.28 18.61
CA LEU E 345 -6.55 -28.92 19.84
C LEU E 345 -5.75 -30.15 20.22
N VAL E 346 -4.72 -30.49 19.46
CA VAL E 346 -3.88 -31.65 19.79
C VAL E 346 -3.34 -31.63 21.23
N PRO E 347 -2.96 -30.49 21.84
CA PRO E 347 -2.38 -30.57 23.18
C PRO E 347 -3.30 -31.18 24.22
N TRP E 348 -4.62 -31.15 24.00
CA TRP E 348 -5.57 -31.74 24.93
C TRP E 348 -6.15 -33.06 24.45
N LEU E 349 -5.86 -33.47 23.22
CA LEU E 349 -6.30 -34.76 22.71
C LEU E 349 -5.30 -35.86 23.02
N ASP E 350 -4.01 -35.57 22.88
CA ASP E 350 -2.97 -36.53 23.24
C ASP E 350 -2.93 -36.66 24.76
N THR E 351 -3.44 -37.77 25.28
CA THR E 351 -3.53 -37.99 26.71
C THR E 351 -2.38 -38.83 27.25
N SER E 352 -1.35 -39.08 26.45
CA SER E 352 -0.24 -39.89 26.93
C SER E 352 0.62 -39.08 27.90
N PRO E 353 1.18 -39.71 28.95
CA PRO E 353 2.02 -38.94 29.87
C PRO E 353 3.44 -38.74 29.37
N VAL E 354 3.96 -39.71 28.61
CA VAL E 354 5.32 -39.61 28.11
C VAL E 354 5.39 -38.56 27.01
N ARG E 355 6.43 -37.73 27.05
CA ARG E 355 6.47 -36.54 26.21
C ARG E 355 6.94 -36.85 24.79
N SER E 356 8.18 -37.32 24.64
CA SER E 356 8.77 -37.49 23.33
C SER E 356 8.22 -38.74 22.65
N GLY E 357 8.04 -38.66 21.34
CA GLY E 357 7.61 -39.80 20.57
C GLY E 357 8.69 -40.83 20.34
N ARG E 358 9.92 -40.52 20.69
CA ARG E 358 11.02 -41.47 20.55
C ARG E 358 10.82 -42.71 21.40
N TYR E 359 10.04 -42.62 22.47
CA TYR E 359 9.85 -43.72 23.41
C TYR E 359 8.41 -44.22 23.40
N ARG E 360 7.74 -44.08 22.26
CA ARG E 360 6.34 -44.48 22.08
C ARG E 360 6.27 -45.37 20.86
N PRO E 361 6.36 -46.69 21.02
CA PRO E 361 6.47 -47.56 19.83
C PRO E 361 5.32 -47.43 18.84
N MET E 362 4.07 -47.32 19.30
CA MET E 362 2.95 -47.22 18.37
C MET E 362 2.84 -45.83 17.79
N PHE E 363 3.13 -44.81 18.60
CA PHE E 363 3.03 -43.44 18.13
C PHE E 363 3.98 -43.19 16.96
N LYS E 364 5.14 -43.86 16.94
CA LYS E 364 6.03 -43.72 15.80
C LYS E 364 5.34 -44.13 14.51
N ILE E 365 4.73 -45.31 14.51
CA ILE E 365 4.06 -45.81 13.32
C ILE E 365 2.96 -44.84 12.91
N TYR E 366 2.13 -44.42 13.86
CA TYR E 366 1.01 -43.57 13.49
C TYR E 366 1.47 -42.19 13.04
N PHE E 367 2.54 -41.65 13.63
CA PHE E 367 3.03 -40.35 13.20
C PHE E 367 3.61 -40.41 11.80
N TRP E 368 4.37 -41.46 11.49
CA TRP E 368 4.91 -41.55 10.13
C TRP E 368 3.81 -41.82 9.12
N LEU E 369 2.77 -42.54 9.51
CA LEU E 369 1.58 -42.64 8.66
C LEU E 369 0.97 -41.27 8.44
N LEU E 370 0.91 -40.45 9.48
CA LEU E 370 0.37 -39.09 9.32
C LEU E 370 1.22 -38.26 8.37
N ALA E 371 2.54 -38.38 8.46
CA ALA E 371 3.41 -37.62 7.57
C ALA E 371 3.21 -38.06 6.12
N ALA E 372 3.20 -39.36 5.89
CA ALA E 372 2.89 -39.86 4.55
C ALA E 372 1.52 -39.38 4.10
N ASP E 373 0.56 -39.31 5.02
CA ASP E 373 -0.79 -38.87 4.67
C ASP E 373 -0.80 -37.40 4.30
N PHE E 374 -0.01 -36.58 4.98
CA PHE E 374 0.09 -35.16 4.63
C PHE E 374 0.69 -34.99 3.24
N VAL E 375 1.72 -35.77 2.93
CA VAL E 375 2.29 -35.72 1.58
C VAL E 375 1.28 -36.19 0.55
N ILE E 376 0.49 -37.22 0.88
CA ILE E 376 -0.50 -37.74 -0.06
C ILE E 376 -1.60 -36.71 -0.28
N LEU E 377 -2.01 -36.02 0.78
CA LEU E 377 -3.00 -34.95 0.62
C LEU E 377 -2.46 -33.85 -0.27
N THR E 378 -1.19 -33.47 -0.07
CA THR E 378 -0.58 -32.49 -0.95
C THR E 378 -0.62 -32.94 -2.40
N TRP E 379 -0.27 -34.21 -2.65
CA TRP E 379 -0.25 -34.71 -4.02
C TRP E 379 -1.64 -34.77 -4.62
N VAL E 380 -2.63 -35.25 -3.86
CA VAL E 380 -3.96 -35.47 -4.41
C VAL E 380 -4.78 -34.20 -4.49
N GLY E 381 -4.37 -33.13 -3.81
CA GLY E 381 -5.09 -31.87 -3.98
C GLY E 381 -5.04 -31.37 -5.40
N ALA E 382 -3.92 -31.55 -6.08
CA ALA E 382 -3.76 -31.07 -7.45
C ALA E 382 -4.43 -31.95 -8.48
N GLN E 383 -4.87 -33.15 -8.10
CA GLN E 383 -5.49 -34.07 -9.04
C GLN E 383 -6.99 -33.82 -9.13
N GLN E 384 -7.58 -34.33 -10.21
CA GLN E 384 -9.01 -34.19 -10.39
C GLN E 384 -9.76 -35.10 -9.42
N THR E 385 -11.06 -34.87 -9.30
CA THR E 385 -11.88 -35.60 -8.34
C THR E 385 -12.37 -36.93 -8.89
N THR E 386 -12.05 -37.28 -10.12
CA THR E 386 -12.53 -38.52 -10.69
C THR E 386 -11.87 -39.72 -10.01
N PHE E 387 -12.39 -40.91 -10.30
CA PHE E 387 -11.84 -42.12 -9.73
C PHE E 387 -10.40 -42.30 -10.19
N PRO E 388 -9.50 -42.82 -9.34
CA PRO E 388 -9.60 -43.23 -7.94
C PRO E 388 -9.25 -42.12 -6.96
N TYR E 389 -9.07 -40.90 -7.46
CA TYR E 389 -8.60 -39.82 -6.61
C TYR E 389 -9.60 -39.46 -5.52
N ASP E 390 -10.89 -39.63 -5.79
CA ASP E 390 -11.89 -39.33 -4.77
C ASP E 390 -11.74 -40.23 -3.56
N TRP E 391 -11.56 -41.53 -3.80
CA TRP E 391 -11.37 -42.46 -2.68
C TRP E 391 -10.07 -42.18 -1.93
N ILE E 392 -9.00 -41.88 -2.67
CA ILE E 392 -7.73 -41.57 -2.01
C ILE E 392 -7.88 -40.34 -1.12
N SER E 393 -8.53 -39.29 -1.64
CA SER E 393 -8.73 -38.09 -0.85
C SER E 393 -9.60 -38.36 0.36
N LEU E 394 -10.66 -39.14 0.18
CA LEU E 394 -11.54 -39.46 1.31
C LEU E 394 -10.77 -40.20 2.40
N ILE E 395 -9.99 -41.21 2.01
CA ILE E 395 -9.25 -41.99 3.00
C ILE E 395 -8.20 -41.13 3.69
N ALA E 396 -7.53 -40.26 2.93
CA ALA E 396 -6.51 -39.41 3.50
C ALA E 396 -7.10 -38.45 4.51
N SER E 397 -8.21 -37.81 4.17
CA SER E 397 -8.87 -36.91 5.10
C SER E 397 -9.36 -37.65 6.34
N ALA E 398 -9.93 -38.85 6.12
CA ALA E 398 -10.41 -39.64 7.25
C ALA E 398 -9.28 -39.97 8.21
N TYR E 399 -8.12 -40.37 7.69
CA TYR E 399 -7.01 -40.66 8.57
C TYR E 399 -6.50 -39.41 9.26
N TRP E 400 -6.49 -38.29 8.55
CA TRP E 400 -6.04 -37.05 9.18
C TRP E 400 -6.90 -36.71 10.38
N PHE E 401 -8.22 -36.87 10.25
CA PHE E 401 -9.09 -36.58 11.38
C PHE E 401 -9.00 -37.66 12.45
N ALA E 402 -8.82 -38.91 12.06
CA ALA E 402 -8.75 -40.00 13.03
C ALA E 402 -7.49 -39.95 13.87
N TYR E 403 -6.40 -39.39 13.31
CA TYR E 403 -5.16 -39.30 14.08
C TYR E 403 -5.38 -38.49 15.34
N PHE E 404 -6.03 -37.33 15.22
CA PHE E 404 -6.21 -36.45 16.37
C PHE E 404 -7.43 -36.86 17.19
N LEU E 405 -8.55 -37.17 16.53
CA LEU E 405 -9.79 -37.40 17.25
C LEU E 405 -9.92 -38.81 17.82
N VAL E 406 -9.20 -39.78 17.27
CA VAL E 406 -9.40 -41.18 17.66
C VAL E 406 -8.09 -41.80 18.15
N ILE E 407 -7.04 -41.75 17.32
CA ILE E 407 -5.86 -42.54 17.60
C ILE E 407 -5.13 -42.03 18.84
N LEU E 408 -4.92 -40.72 18.93
CA LEU E 408 -4.11 -40.19 20.03
C LEU E 408 -4.75 -40.42 21.39
N PRO E 409 -6.03 -40.12 21.62
CA PRO E 409 -6.63 -40.45 22.92
C PRO E 409 -6.54 -41.93 23.28
N ILE E 410 -6.69 -42.82 22.31
CA ILE E 410 -6.62 -44.24 22.61
C ILE E 410 -5.19 -44.64 22.98
N LEU E 411 -4.21 -44.19 22.19
CA LEU E 411 -2.83 -44.48 22.49
C LEU E 411 -2.44 -43.96 23.87
N GLY E 412 -3.03 -42.85 24.29
CA GLY E 412 -2.76 -42.36 25.63
C GLY E 412 -3.12 -43.34 26.72
N ALA E 413 -4.00 -44.30 26.43
CA ALA E 413 -4.47 -45.28 27.39
C ALA E 413 -3.87 -46.66 27.20
N ILE E 414 -3.77 -47.16 25.97
CA ILE E 414 -3.37 -48.55 25.74
C ILE E 414 -1.88 -48.71 25.48
N GLU E 415 -1.16 -47.63 25.19
CA GLU E 415 0.24 -47.75 24.81
C GLU E 415 1.10 -48.11 26.03
N LYS E 416 2.26 -48.70 25.74
CA LYS E 416 3.23 -49.11 26.76
C LYS E 416 4.58 -48.49 26.41
N PRO E 417 4.82 -47.23 26.78
CA PRO E 417 6.08 -46.59 26.39
C PRO E 417 7.29 -47.25 27.00
N VAL E 418 8.48 -46.76 26.63
CA VAL E 418 9.73 -47.22 27.21
C VAL E 418 10.34 -46.07 28.01
N ALA E 419 11.16 -46.44 28.98
CA ALA E 419 11.71 -45.45 29.90
C ALA E 419 12.64 -44.49 29.17
N PRO E 420 12.46 -43.17 29.29
CA PRO E 420 13.46 -42.25 28.74
C PRO E 420 14.72 -42.25 29.58
N PRO E 421 15.76 -41.53 29.15
CA PRO E 421 16.96 -41.41 29.98
C PRO E 421 16.67 -40.66 31.27
N ALA E 422 17.52 -40.90 32.27
CA ALA E 422 17.36 -40.21 33.54
C ALA E 422 17.52 -38.71 33.38
N THR E 423 18.48 -38.29 32.56
CA THR E 423 18.79 -36.87 32.38
C THR E 423 19.16 -36.64 30.93
N ILE E 424 19.21 -35.35 30.55
CA ILE E 424 19.73 -35.01 29.22
C ILE E 424 21.21 -35.33 29.15
N GLU E 425 21.92 -35.25 30.27
CA GLU E 425 23.34 -35.58 30.28
C GLU E 425 23.56 -37.02 29.84
N GLU E 426 22.71 -37.95 30.30
CA GLU E 426 22.88 -39.35 29.94
C GLU E 426 22.71 -39.54 28.44
N ASP E 427 21.76 -38.84 27.83
CA ASP E 427 21.56 -38.98 26.39
C ASP E 427 22.70 -38.34 25.61
N PHE E 428 23.16 -37.18 26.04
CA PHE E 428 24.23 -36.50 25.30
C PHE E 428 25.51 -37.32 25.31
N ASN E 429 25.84 -37.94 26.45
CA ASN E 429 27.05 -38.76 26.58
C ASN E 429 26.78 -40.18 26.08
N ALA E 430 26.35 -40.27 24.82
CA ALA E 430 26.07 -41.56 24.21
C ALA E 430 25.84 -41.40 22.71
N ALA F 1 -9.35 -29.50 -19.93
CA ALA F 1 -8.31 -29.61 -20.99
C ALA F 1 -7.25 -30.63 -20.56
N GLY F 2 -5.98 -30.37 -20.84
CA GLY F 2 -4.95 -31.32 -20.49
C GLY F 2 -3.58 -30.82 -20.91
N GLY F 3 -2.59 -31.70 -20.75
CA GLY F 3 -1.23 -31.43 -21.17
C GLY F 3 -0.60 -32.60 -21.89
N GLY F 4 -0.40 -32.49 -23.19
CA GLY F 4 0.06 -33.62 -23.99
C GLY F 4 1.52 -33.57 -24.33
N HIS F 5 1.85 -33.96 -25.55
CA HIS F 5 3.23 -34.17 -25.97
C HIS F 5 3.84 -32.90 -26.57
N VAL F 6 5.17 -32.90 -26.64
CA VAL F 6 5.93 -31.75 -27.12
C VAL F 6 7.28 -32.28 -27.57
N GLU F 7 7.90 -31.56 -28.50
CA GLU F 7 9.21 -31.95 -29.02
C GLU F 7 10.29 -31.25 -28.20
N ASP F 8 11.17 -32.04 -27.59
CA ASP F 8 12.26 -31.49 -26.80
C ASP F 8 13.30 -30.89 -27.73
N VAL F 9 13.51 -29.58 -27.66
CA VAL F 9 14.46 -28.86 -28.49
C VAL F 9 15.65 -28.46 -27.64
N PRO F 10 16.91 -28.74 -28.06
CA PRO F 10 18.06 -28.26 -27.29
C PRO F 10 18.32 -26.76 -27.44
N PHE F 11 17.44 -25.94 -26.85
CA PHE F 11 17.68 -24.50 -26.85
C PHE F 11 18.96 -24.16 -26.11
N SER F 12 19.65 -23.13 -26.60
CA SER F 12 20.92 -22.72 -26.01
C SER F 12 20.75 -22.18 -24.60
N PHE F 13 19.64 -21.50 -24.33
CA PHE F 13 19.44 -20.89 -23.03
C PHE F 13 19.11 -21.91 -21.93
N GLU F 14 18.84 -23.16 -22.28
CA GLU F 14 18.57 -24.18 -21.28
C GLU F 14 19.85 -24.59 -20.58
N GLY F 15 19.79 -24.70 -19.25
CA GLY F 15 20.92 -25.13 -18.47
C GLY F 15 21.46 -24.03 -17.59
N PRO F 16 22.18 -24.38 -16.51
CA PRO F 16 22.71 -23.33 -15.63
C PRO F 16 23.63 -22.37 -16.36
N PHE F 17 24.38 -22.85 -17.35
CA PHE F 17 25.27 -22.02 -18.13
C PHE F 17 24.68 -21.64 -19.49
N GLY F 18 23.39 -21.86 -19.67
CA GLY F 18 22.75 -21.54 -20.94
C GLY F 18 22.66 -20.03 -21.12
N THR F 19 22.85 -19.60 -22.36
CA THR F 19 22.78 -18.19 -22.69
C THR F 19 22.13 -18.02 -24.06
N PHE F 20 21.48 -16.88 -24.25
CA PHE F 20 20.83 -16.60 -25.52
C PHE F 20 21.86 -16.51 -26.65
N ASP F 21 21.50 -17.07 -27.80
CA ASP F 21 22.26 -16.89 -29.02
C ASP F 21 21.79 -15.61 -29.69
N GLN F 22 22.61 -14.55 -29.61
CA GLN F 22 22.17 -13.24 -30.06
C GLN F 22 21.67 -13.27 -31.50
N HIS F 23 22.33 -14.05 -32.34
CA HIS F 23 21.88 -14.14 -33.73
C HIS F 23 20.54 -14.84 -33.81
N GLN F 24 20.33 -15.87 -33.00
CA GLN F 24 19.07 -16.57 -33.02
C GLN F 24 17.96 -15.64 -32.60
N LEU F 25 18.21 -14.77 -31.61
CA LEU F 25 17.20 -13.83 -31.18
C LEU F 25 16.92 -12.79 -32.26
N GLN F 26 17.93 -12.46 -33.07
CA GLN F 26 17.70 -11.49 -34.14
C GLN F 26 16.85 -12.13 -35.24
N ARG F 27 17.13 -13.38 -35.57
CA ARG F 27 16.30 -14.11 -36.52
C ARG F 27 14.87 -14.21 -36.01
N GLY F 28 14.70 -14.63 -34.76
CA GLY F 28 13.37 -14.72 -34.18
C GLY F 28 12.65 -13.38 -34.23
N LEU F 29 13.37 -12.29 -33.97
CA LEU F 29 12.78 -10.96 -34.07
C LEU F 29 12.26 -10.72 -35.48
N GLN F 30 13.06 -11.08 -36.49
CA GLN F 30 12.64 -10.88 -37.86
C GLN F 30 11.39 -11.68 -38.17
N VAL F 31 11.36 -12.95 -37.75
CA VAL F 31 10.21 -13.80 -38.02
C VAL F 31 8.98 -13.25 -37.32
N TYR F 32 9.14 -12.73 -36.09
CA TYR F 32 8.02 -12.14 -35.38
C TYR F 32 7.50 -10.93 -36.14
N THR F 33 8.40 -10.04 -36.54
CA THR F 33 7.99 -8.82 -37.20
C THR F 33 7.25 -9.11 -38.50
N GLU F 34 7.76 -10.06 -39.28
CA GLU F 34 7.24 -10.30 -40.62
C GLU F 34 6.06 -11.25 -40.64
N VAL F 35 5.90 -12.10 -39.64
CA VAL F 35 4.83 -13.10 -39.63
C VAL F 35 3.89 -12.89 -38.45
N CYS F 36 4.38 -13.14 -37.23
CA CYS F 36 3.49 -13.19 -36.07
C CYS F 36 2.83 -11.85 -35.79
N ALA F 37 3.54 -10.75 -35.99
CA ALA F 37 3.02 -9.43 -35.63
C ALA F 37 1.73 -9.09 -36.36
N ALA F 38 1.45 -9.75 -37.49
CA ALA F 38 0.23 -9.49 -38.23
C ALA F 38 -1.02 -9.68 -37.38
N CYS F 39 -0.98 -10.61 -36.43
CA CYS F 39 -2.10 -10.88 -35.53
C CYS F 39 -1.75 -10.66 -34.07
N HIS F 40 -0.56 -11.05 -33.64
CA HIS F 40 -0.15 -10.99 -32.25
C HIS F 40 0.55 -9.67 -31.93
N GLY F 41 0.67 -9.41 -30.63
CA GLY F 41 1.38 -8.23 -30.15
C GLY F 41 2.05 -8.62 -28.86
N MET F 42 2.87 -7.71 -28.34
CA MET F 42 3.57 -7.92 -27.08
C MET F 42 3.48 -6.66 -26.22
N LYS F 43 2.29 -6.42 -25.68
CA LYS F 43 1.99 -5.16 -25.01
C LYS F 43 2.90 -4.86 -23.83
N PHE F 44 3.66 -5.83 -23.32
CA PHE F 44 4.46 -5.65 -22.12
C PHE F 44 5.94 -5.49 -22.40
N VAL F 45 6.40 -5.77 -23.62
CA VAL F 45 7.81 -5.73 -23.97
C VAL F 45 8.13 -4.32 -24.47
N PRO F 46 8.98 -3.56 -23.79
CA PRO F 46 9.40 -2.27 -24.33
C PRO F 46 10.31 -2.44 -25.53
N ILE F 47 10.10 -1.60 -26.56
CA ILE F 47 10.87 -1.78 -27.79
C ILE F 47 12.34 -1.51 -27.51
N ARG F 48 12.64 -0.57 -26.61
CA ARG F 48 14.02 -0.22 -26.30
C ARG F 48 14.83 -1.42 -25.84
N SER F 49 14.15 -2.47 -25.38
CA SER F 49 14.85 -3.65 -24.89
C SER F 49 15.49 -4.44 -26.01
N LEU F 50 15.29 -4.03 -27.26
CA LEU F 50 15.99 -4.67 -28.35
C LEU F 50 17.46 -4.26 -28.37
N SER F 51 17.86 -3.28 -27.54
CA SER F 51 19.25 -2.89 -27.42
C SER F 51 19.82 -3.13 -26.04
N GLU F 52 18.99 -3.44 -25.05
CA GLU F 52 19.47 -3.81 -23.73
C GLU F 52 20.42 -4.99 -23.82
N PRO F 53 21.50 -5.01 -23.02
CA PRO F 53 22.41 -6.17 -23.06
C PRO F 53 21.70 -7.46 -22.69
N GLY F 54 22.29 -8.57 -23.11
CA GLY F 54 21.72 -9.88 -22.83
C GLY F 54 20.40 -10.08 -23.56
N GLY F 55 20.43 -9.89 -24.87
CA GLY F 55 19.27 -10.01 -25.72
C GLY F 55 19.69 -9.92 -27.16
N PRO F 56 18.81 -9.44 -28.04
CA PRO F 56 19.22 -9.28 -29.45
C PRO F 56 20.36 -8.28 -29.60
N GLU F 57 20.39 -7.26 -28.74
CA GLU F 57 21.44 -6.25 -28.70
C GLU F 57 21.68 -5.64 -30.09
N LEU F 58 20.67 -4.91 -30.54
CA LEU F 58 20.80 -4.18 -31.79
C LEU F 58 21.38 -2.81 -31.55
N PRO F 59 21.95 -2.16 -32.56
CA PRO F 59 22.37 -0.77 -32.39
C PRO F 59 21.16 0.13 -32.22
N GLU F 60 21.26 1.09 -31.29
CA GLU F 60 20.10 1.90 -30.94
C GLU F 60 19.51 2.62 -32.14
N ASP F 61 20.29 2.87 -33.20
CA ASP F 61 19.73 3.52 -34.38
C ASP F 61 18.82 2.54 -35.11
N GLN F 62 19.24 1.29 -35.22
CA GLN F 62 18.41 0.27 -35.84
C GLN F 62 17.14 0.09 -35.03
N VAL F 63 17.26 0.02 -33.70
CA VAL F 63 16.07 -0.08 -32.86
C VAL F 63 15.14 1.09 -33.13
N ARG F 64 15.68 2.31 -33.16
CA ARG F 64 14.86 3.49 -33.40
C ARG F 64 14.11 3.38 -34.72
N ALA F 65 14.77 2.81 -35.74
CA ALA F 65 14.10 2.65 -37.03
C ALA F 65 13.04 1.58 -36.94
N TYR F 66 13.34 0.46 -36.26
CA TYR F 66 12.34 -0.58 -36.10
C TYR F 66 11.12 -0.02 -35.39
N ALA F 67 11.34 0.84 -34.40
CA ALA F 67 10.24 1.37 -33.61
C ALA F 67 9.41 2.34 -34.45
N THR F 68 10.03 2.97 -35.45
CA THR F 68 9.29 3.98 -36.21
C THR F 68 8.17 3.38 -37.04
N GLN F 69 8.25 2.09 -37.38
CA GLN F 69 7.25 1.48 -38.24
C GLN F 69 5.88 1.39 -37.57
N PHE F 70 5.84 1.36 -36.24
CA PHE F 70 4.58 1.28 -35.52
C PHE F 70 3.93 2.65 -35.37
N THR F 71 2.61 2.67 -35.55
CA THR F 71 1.80 3.84 -35.21
C THR F 71 1.35 3.69 -33.76
N VAL F 72 1.31 4.81 -33.04
CA VAL F 72 1.00 4.80 -31.62
C VAL F 72 0.13 6.01 -31.29
N THR F 73 -0.89 5.78 -30.48
CA THR F 73 -1.78 6.82 -29.97
C THR F 73 -1.17 7.41 -28.71
N ASP F 74 -0.64 8.63 -28.82
CA ASP F 74 0.09 9.26 -27.71
C ASP F 74 -0.69 9.16 -26.41
N GLU F 75 -0.01 8.73 -25.35
CA GLU F 75 -0.66 8.55 -24.05
C GLU F 75 -1.37 9.81 -23.56
N GLU F 76 -0.85 11.00 -23.87
CA GLU F 76 -1.51 12.22 -23.40
C GLU F 76 -2.38 12.80 -24.50
N THR F 77 -1.74 13.45 -25.47
CA THR F 77 -2.39 14.21 -26.54
C THR F 77 -3.64 13.49 -27.07
N GLY F 78 -3.47 12.32 -27.69
CA GLY F 78 -4.57 11.59 -28.32
C GLY F 78 -4.41 11.36 -29.80
N GLU F 79 -3.71 12.24 -30.50
CA GLU F 79 -3.50 12.03 -31.94
C GLU F 79 -2.37 11.04 -32.17
N ASP F 80 -2.53 10.21 -33.20
CA ASP F 80 -1.54 9.19 -33.51
C ASP F 80 -0.21 9.81 -33.95
N ARG F 81 0.84 9.00 -33.89
CA ARG F 81 2.20 9.43 -34.21
C ARG F 81 3.07 8.20 -34.44
N GLU F 82 4.31 8.45 -34.86
CA GLU F 82 5.27 7.37 -35.02
C GLU F 82 5.71 6.81 -33.67
N GLY F 83 6.08 5.54 -33.67
CA GLY F 83 6.49 4.88 -32.45
C GLY F 83 7.92 5.23 -32.07
N LYS F 84 8.12 5.50 -30.79
CA LYS F 84 9.44 5.72 -30.21
C LYS F 84 9.97 4.44 -29.60
N PRO F 85 11.27 4.35 -29.30
CA PRO F 85 11.77 3.17 -28.58
C PRO F 85 11.27 3.09 -27.15
N THR F 86 10.73 4.17 -26.60
CA THR F 86 10.19 4.15 -25.24
C THR F 86 8.84 3.44 -25.18
N ASP F 87 8.15 3.34 -26.30
CA ASP F 87 6.86 2.69 -26.38
C ASP F 87 7.00 1.17 -26.35
N HIS F 88 5.92 0.50 -25.96
CA HIS F 88 5.83 -0.94 -25.98
C HIS F 88 5.39 -1.39 -27.37
N PHE F 89 5.60 -2.67 -27.66
CA PHE F 89 5.00 -3.23 -28.87
C PHE F 89 3.49 -3.08 -28.82
N PRO F 90 2.82 -3.08 -29.96
CA PRO F 90 1.37 -2.85 -29.95
C PRO F 90 0.61 -4.05 -29.41
N HIS F 91 -0.64 -3.78 -29.04
CA HIS F 91 -1.58 -4.83 -28.70
C HIS F 91 -1.75 -5.79 -29.87
N SER F 92 -2.29 -6.97 -29.59
CA SER F 92 -2.64 -7.90 -30.66
C SER F 92 -3.66 -7.26 -31.59
N ALA F 93 -3.31 -7.14 -32.86
CA ALA F 93 -4.22 -6.55 -33.85
C ALA F 93 -5.50 -7.35 -33.96
N LEU F 94 -5.44 -8.66 -33.72
CA LEU F 94 -6.58 -9.55 -33.87
C LEU F 94 -7.11 -9.90 -32.49
N GLU F 95 -8.39 -9.58 -32.26
CA GLU F 95 -9.05 -9.72 -30.96
C GLU F 95 -8.67 -11.00 -30.23
N ASN F 96 -8.87 -12.15 -30.87
CA ASN F 96 -8.71 -13.43 -30.21
C ASN F 96 -7.33 -14.03 -30.35
N ALA F 97 -6.34 -13.23 -30.79
CA ALA F 97 -4.96 -13.68 -30.82
C ALA F 97 -4.34 -13.26 -29.49
N PRO F 98 -3.94 -14.18 -28.62
CA PRO F 98 -3.40 -13.78 -27.32
C PRO F 98 -2.09 -13.02 -27.44
N ASP F 99 -1.78 -12.27 -26.39
CA ASP F 99 -0.53 -11.52 -26.34
C ASP F 99 0.63 -12.46 -26.12
N LEU F 100 1.71 -12.26 -26.88
CA LEU F 100 2.86 -13.16 -26.87
C LEU F 100 3.96 -12.70 -25.91
N SER F 101 3.75 -11.62 -25.16
CA SER F 101 4.78 -11.13 -24.25
C SER F 101 5.23 -12.22 -23.29
N LEU F 102 4.29 -12.84 -22.60
CA LEU F 102 4.57 -13.85 -21.57
C LEU F 102 4.19 -15.26 -22.00
N MET F 103 4.03 -15.49 -23.30
CA MET F 103 3.55 -16.78 -23.76
C MET F 103 4.53 -17.89 -23.39
N ALA F 104 5.83 -17.61 -23.48
CA ALA F 104 6.84 -18.62 -23.18
C ALA F 104 6.91 -18.96 -21.70
N LYS F 105 6.22 -18.21 -20.84
CA LYS F 105 6.12 -18.52 -19.42
C LYS F 105 4.70 -18.86 -18.99
N ALA F 106 3.72 -18.69 -19.88
CA ALA F 106 2.31 -18.89 -19.58
C ALA F 106 1.84 -20.28 -19.96
N ARG F 107 2.72 -21.10 -20.55
CA ARG F 107 2.38 -22.44 -20.98
C ARG F 107 3.36 -23.43 -20.37
N ALA F 108 2.80 -24.58 -19.99
CA ALA F 108 3.56 -25.71 -19.47
C ALA F 108 3.88 -26.62 -20.65
N GLY F 109 5.14 -27.04 -20.74
CA GLY F 109 5.54 -27.90 -21.83
C GLY F 109 5.60 -29.36 -21.46
N PHE F 110 5.72 -29.69 -20.17
CA PHE F 110 5.75 -31.09 -19.79
C PHE F 110 4.73 -31.31 -18.68
N HIS F 111 4.24 -32.54 -18.58
CA HIS F 111 3.25 -32.91 -17.58
C HIS F 111 3.50 -34.35 -17.14
N GLY F 112 3.66 -34.58 -15.84
CA GLY F 112 3.96 -35.91 -15.36
C GLY F 112 5.11 -35.99 -14.38
N PRO F 113 5.60 -37.21 -14.11
CA PRO F 113 5.11 -38.49 -14.68
C PRO F 113 3.69 -38.89 -14.25
N MET F 114 3.36 -38.72 -12.96
CA MET F 114 2.03 -39.02 -12.44
C MET F 114 1.59 -37.87 -11.53
N GLY F 115 1.64 -36.66 -12.07
CA GLY F 115 1.33 -35.47 -11.31
C GLY F 115 2.27 -35.27 -10.14
N THR F 116 3.54 -35.64 -10.32
CA THR F 116 4.58 -35.51 -9.31
C THR F 116 5.55 -34.38 -9.62
N GLY F 117 5.36 -33.68 -10.74
CA GLY F 117 6.20 -32.56 -11.11
C GLY F 117 7.67 -32.88 -11.24
N ILE F 118 8.01 -34.16 -11.45
CA ILE F 118 9.40 -34.56 -11.56
C ILE F 118 9.91 -34.23 -12.97
N SER F 119 9.02 -34.34 -13.97
CA SER F 119 9.46 -34.10 -15.34
C SER F 119 9.84 -32.64 -15.49
N GLN F 120 9.04 -31.74 -14.94
CA GLN F 120 9.43 -30.34 -14.98
C GLN F 120 10.71 -30.12 -14.19
N LEU F 121 10.90 -30.91 -13.13
CA LEU F 121 12.07 -30.74 -12.26
C LEU F 121 13.35 -31.03 -13.03
N PHE F 122 13.30 -31.91 -14.03
CA PHE F 122 14.48 -32.31 -14.78
C PHE F 122 14.54 -31.76 -16.20
N ASN F 123 13.43 -31.28 -16.73
CA ASN F 123 13.34 -30.83 -18.11
C ASN F 123 12.97 -29.36 -18.24
N GLY F 124 12.50 -28.72 -17.16
CA GLY F 124 12.09 -27.34 -17.19
C GLY F 124 10.59 -27.21 -17.39
N ILE F 125 10.13 -25.96 -17.38
CA ILE F 125 8.72 -25.69 -17.58
C ILE F 125 8.29 -26.09 -18.99
N GLY F 126 9.08 -25.70 -19.98
CA GLY F 126 8.86 -26.19 -21.33
C GLY F 126 8.11 -25.25 -22.24
N GLY F 127 7.94 -23.98 -21.85
CA GLY F 127 7.26 -23.00 -22.65
C GLY F 127 7.77 -22.90 -24.07
N PRO F 128 9.07 -22.65 -24.25
CA PRO F 128 9.58 -22.56 -25.62
C PRO F 128 9.42 -23.84 -26.42
N GLU F 129 9.41 -25.00 -25.77
CA GLU F 129 9.26 -26.23 -26.51
C GLU F 129 7.82 -26.48 -26.86
N TYR F 130 6.90 -25.85 -26.13
CA TYR F 130 5.50 -25.99 -26.48
C TYR F 130 5.18 -25.03 -27.61
N ILE F 131 5.78 -23.84 -27.60
CA ILE F 131 5.59 -22.93 -28.72
C ILE F 131 6.13 -23.60 -29.98
N TYR F 132 7.36 -24.12 -29.91
CA TYR F 132 7.93 -24.85 -31.04
C TYR F 132 7.02 -25.97 -31.51
N SER F 133 6.34 -26.63 -30.56
CA SER F 133 5.52 -27.77 -30.92
C SER F 133 4.20 -27.34 -31.54
N VAL F 134 3.72 -26.15 -31.21
CA VAL F 134 2.51 -25.62 -31.83
C VAL F 134 2.81 -25.10 -33.23
N LEU F 135 3.92 -24.40 -33.40
CA LEU F 135 4.24 -23.87 -34.73
C LEU F 135 4.49 -24.98 -35.73
N THR F 136 5.23 -26.01 -35.32
CA THR F 136 5.61 -27.11 -36.18
C THR F 136 4.60 -28.26 -36.13
N GLY F 137 3.48 -28.09 -35.43
CA GLY F 137 2.56 -29.17 -35.14
C GLY F 137 1.29 -29.14 -35.97
N PHE F 138 1.35 -28.48 -37.12
CA PHE F 138 0.23 -28.49 -38.06
C PHE F 138 0.47 -29.58 -39.08
N PRO F 139 -0.29 -30.67 -39.10
CA PRO F 139 -0.04 -31.74 -40.07
C PRO F 139 -0.60 -31.39 -41.45
N GLU F 140 -0.19 -32.21 -42.42
CA GLU F 140 -0.61 -31.98 -43.80
C GLU F 140 -2.12 -32.17 -43.97
N GLU F 141 -2.64 -33.32 -43.56
CA GLU F 141 -4.07 -33.56 -43.58
C GLU F 141 -4.58 -33.82 -42.17
N PRO F 142 -5.85 -33.57 -41.90
CA PRO F 142 -6.36 -33.76 -40.54
C PRO F 142 -6.40 -35.24 -40.19
N PRO F 143 -6.76 -35.57 -38.95
CA PRO F 143 -7.01 -36.96 -38.62
C PRO F 143 -8.16 -37.53 -39.43
N LYS F 144 -8.11 -38.85 -39.64
CA LYS F 144 -9.11 -39.53 -40.45
C LYS F 144 -10.51 -39.35 -39.89
N CYS F 145 -10.64 -39.28 -38.56
CA CYS F 145 -11.97 -39.15 -37.96
C CYS F 145 -12.67 -37.85 -38.32
N ALA F 146 -11.94 -36.84 -38.80
CA ALA F 146 -12.51 -35.52 -38.98
C ALA F 146 -12.76 -35.13 -40.42
N GLU F 147 -12.33 -35.93 -41.39
CA GLU F 147 -12.52 -35.57 -42.80
C GLU F 147 -14.01 -35.35 -43.04
N GLY F 148 -14.38 -34.08 -43.20
CA GLY F 148 -15.74 -33.70 -43.47
C GLY F 148 -16.51 -33.36 -42.21
N HIS F 149 -15.81 -33.07 -41.12
CA HIS F 149 -16.39 -32.70 -39.83
C HIS F 149 -15.54 -31.63 -39.15
N GLU F 150 -14.68 -30.96 -39.90
CA GLU F 150 -13.82 -29.95 -39.31
C GLU F 150 -14.65 -28.72 -38.94
N PRO F 151 -14.51 -28.17 -37.74
CA PRO F 151 -15.20 -26.92 -37.43
C PRO F 151 -14.73 -25.84 -38.40
N ASP F 152 -15.69 -25.11 -38.97
CA ASP F 152 -15.33 -24.08 -39.93
C ASP F 152 -14.57 -22.97 -39.21
N GLY F 153 -13.38 -22.65 -39.72
CA GLY F 153 -12.57 -21.61 -39.16
C GLY F 153 -11.51 -22.11 -38.20
N PHE F 154 -11.33 -23.42 -38.08
CA PHE F 154 -10.31 -24.01 -37.22
C PHE F 154 -9.48 -25.02 -38.01
N TYR F 155 -8.32 -25.33 -37.45
CA TYR F 155 -7.30 -26.17 -38.09
C TYR F 155 -6.76 -27.12 -37.03
N TYR F 156 -6.42 -28.33 -37.43
CA TYR F 156 -5.93 -29.31 -36.47
C TYR F 156 -4.46 -29.07 -36.18
N ASN F 157 -4.12 -29.08 -34.89
CA ASN F 157 -2.75 -28.92 -34.43
C ASN F 157 -2.45 -29.98 -33.39
N ARG F 158 -1.33 -30.68 -33.59
CA ARG F 158 -0.94 -31.78 -32.71
C ARG F 158 -0.79 -31.33 -31.25
N ALA F 159 -0.19 -30.16 -31.04
CA ALA F 159 0.21 -29.78 -29.69
C ALA F 159 -0.85 -28.97 -28.94
N PHE F 160 -1.78 -28.33 -29.64
CA PHE F 160 -2.83 -27.58 -28.96
C PHE F 160 -3.79 -28.53 -28.28
N GLN F 161 -4.23 -28.16 -27.08
CA GLN F 161 -5.05 -29.04 -26.24
C GLN F 161 -6.35 -28.41 -25.77
N ASN F 162 -6.46 -27.09 -25.68
CA ASN F 162 -7.65 -26.43 -25.15
C ASN F 162 -8.68 -26.12 -26.23
N GLY F 163 -8.58 -26.79 -27.37
CA GLY F 163 -9.46 -26.58 -28.50
C GLY F 163 -10.62 -27.52 -28.54
N SER F 164 -11.64 -27.15 -29.31
CA SER F 164 -12.77 -28.04 -29.49
C SER F 164 -12.30 -29.26 -30.26
N VAL F 165 -13.13 -30.30 -30.27
CA VAL F 165 -12.77 -31.54 -30.95
C VAL F 165 -14.04 -32.09 -31.59
N PRO F 166 -14.01 -32.52 -32.85
CA PRO F 166 -15.21 -33.13 -33.44
C PRO F 166 -15.67 -34.35 -32.68
N ASP F 167 -16.99 -34.49 -32.58
CA ASP F 167 -17.59 -35.62 -31.87
C ASP F 167 -17.11 -36.95 -32.43
N THR F 168 -16.73 -37.00 -33.70
CA THR F 168 -16.25 -38.21 -34.33
C THR F 168 -14.92 -38.69 -33.79
N CYS F 169 -14.19 -37.86 -33.04
CA CYS F 169 -12.87 -38.22 -32.53
C CYS F 169 -12.88 -38.60 -31.05
N LYS F 170 -13.97 -38.39 -30.33
CA LYS F 170 -14.03 -38.85 -28.95
C LYS F 170 -14.47 -40.31 -28.91
N ASP F 171 -14.07 -40.98 -27.83
CA ASP F 171 -14.41 -42.38 -27.63
C ASP F 171 -15.81 -42.50 -27.03
N ALA F 172 -16.03 -43.54 -26.21
CA ALA F 172 -17.36 -43.82 -25.68
C ALA F 172 -17.65 -43.04 -24.40
N ASN F 173 -16.64 -42.69 -23.62
CA ASN F 173 -16.81 -41.98 -22.35
C ASN F 173 -16.14 -40.62 -22.34
N GLY F 174 -16.23 -39.90 -23.47
CA GLY F 174 -15.93 -38.48 -23.50
C GLY F 174 -14.49 -38.09 -23.77
N VAL F 175 -13.56 -39.05 -23.80
CA VAL F 175 -12.15 -38.73 -23.96
C VAL F 175 -11.82 -38.63 -25.44
N LYS F 176 -11.06 -37.60 -25.80
CA LYS F 176 -10.69 -37.42 -27.20
C LYS F 176 -9.61 -38.42 -27.59
N THR F 177 -9.68 -38.90 -28.84
CA THR F 177 -8.76 -39.92 -29.32
C THR F 177 -7.57 -39.33 -30.08
N THR F 178 -7.64 -38.08 -30.50
CA THR F 178 -6.57 -37.46 -31.27
C THR F 178 -5.51 -36.90 -30.33
N ALA F 179 -4.26 -36.88 -30.83
CA ALA F 179 -3.17 -36.34 -30.04
C ALA F 179 -3.41 -34.87 -29.71
N GLY F 180 -3.81 -34.08 -30.70
CA GLY F 180 -3.99 -32.65 -30.54
C GLY F 180 -5.42 -32.19 -30.54
N SER F 181 -5.66 -30.97 -31.01
CA SER F 181 -7.02 -30.45 -31.06
C SER F 181 -7.09 -29.34 -32.11
N TRP F 182 -8.27 -28.75 -32.26
CA TRP F 182 -8.51 -27.77 -33.31
C TRP F 182 -8.32 -26.34 -32.78
N ILE F 183 -7.33 -25.66 -33.34
CA ILE F 183 -6.96 -24.32 -32.94
C ILE F 183 -7.50 -23.36 -34.00
N ALA F 184 -7.69 -22.10 -33.62
CA ALA F 184 -8.25 -21.08 -34.50
C ALA F 184 -7.17 -20.33 -35.27
N MET F 185 -5.91 -20.75 -35.17
CA MET F 185 -4.79 -20.12 -35.85
C MET F 185 -4.42 -20.89 -37.12
N PRO F 186 -4.49 -20.30 -38.31
CA PRO F 186 -4.01 -21.01 -39.50
C PRO F 186 -2.52 -21.26 -39.41
N PRO F 187 -2.02 -22.34 -40.02
CA PRO F 187 -0.59 -22.60 -40.03
C PRO F 187 0.19 -21.39 -40.47
N PRO F 188 0.88 -20.69 -39.56
CA PRO F 188 1.52 -19.43 -39.93
C PRO F 188 2.87 -19.57 -40.59
N LEU F 189 3.59 -20.65 -40.35
CA LEU F 189 4.92 -20.84 -40.90
C LEU F 189 4.88 -21.79 -42.09
N MET F 190 5.43 -21.34 -43.21
CA MET F 190 5.59 -22.15 -44.41
C MET F 190 7.03 -21.98 -44.88
N ASP F 191 7.60 -23.06 -45.40
CA ASP F 191 9.02 -23.12 -45.78
C ASP F 191 9.48 -21.90 -46.56
N ASP F 192 10.55 -21.29 -46.05
CA ASP F 192 11.21 -20.12 -46.67
C ASP F 192 10.29 -18.90 -46.73
N LEU F 193 9.30 -18.83 -45.84
CA LEU F 193 8.46 -17.64 -45.75
C LEU F 193 9.25 -16.39 -45.36
N VAL F 194 10.47 -16.55 -44.86
CA VAL F 194 11.33 -15.44 -44.49
C VAL F 194 12.65 -15.59 -45.23
N GLU F 195 13.27 -14.45 -45.55
CA GLU F 195 14.61 -14.43 -46.12
C GLU F 195 15.54 -13.79 -45.11
N TYR F 196 16.49 -14.57 -44.62
CA TYR F 196 17.32 -14.14 -43.50
C TYR F 196 18.48 -13.29 -43.98
N ALA F 197 19.08 -12.57 -43.04
CA ALA F 197 20.21 -11.71 -43.36
C ALA F 197 21.40 -12.53 -43.84
N ASP F 198 21.86 -13.47 -43.01
CA ASP F 198 23.05 -14.26 -43.30
C ASP F 198 22.72 -15.50 -44.14
N GLY F 199 21.59 -15.52 -44.81
CA GLY F 199 21.20 -16.67 -45.61
C GLY F 199 21.01 -17.94 -44.81
N HIS F 200 20.82 -17.82 -43.50
CA HIS F 200 20.67 -18.98 -42.64
C HIS F 200 19.45 -19.81 -43.08
N ASP F 201 19.48 -21.09 -42.73
CA ASP F 201 18.39 -22.00 -43.07
C ASP F 201 17.07 -21.43 -42.56
N ALA F 202 16.06 -21.38 -43.43
CA ALA F 202 14.77 -20.79 -43.13
C ALA F 202 13.64 -21.78 -43.35
N SER F 203 13.85 -23.02 -42.93
CA SER F 203 12.79 -24.02 -42.91
C SER F 203 11.81 -23.70 -41.79
N VAL F 204 10.71 -24.43 -41.77
CA VAL F 204 9.72 -24.26 -40.70
C VAL F 204 10.33 -24.56 -39.34
N HIS F 205 11.14 -25.61 -39.26
CA HIS F 205 11.77 -25.98 -37.99
C HIS F 205 12.73 -24.90 -37.52
N ALA F 206 13.42 -24.24 -38.46
CA ALA F 206 14.34 -23.18 -38.10
C ALA F 206 13.60 -21.94 -37.62
N MET F 207 12.57 -21.53 -38.36
CA MET F 207 11.82 -20.36 -37.95
C MET F 207 11.14 -20.61 -36.60
N ALA F 208 10.62 -21.81 -36.40
CA ALA F 208 9.95 -22.13 -35.14
C ALA F 208 10.93 -22.08 -33.98
N GLU F 209 12.12 -22.66 -34.16
CA GLU F 209 13.13 -22.64 -33.10
C GLU F 209 13.54 -21.20 -32.79
N ASP F 210 13.77 -20.40 -33.83
CA ASP F 210 14.21 -19.03 -33.64
C ASP F 210 13.15 -18.22 -32.92
N VAL F 211 11.89 -18.34 -33.35
CA VAL F 211 10.84 -17.54 -32.75
C VAL F 211 10.58 -18.01 -31.33
N SER F 212 10.77 -19.30 -31.05
CA SER F 212 10.62 -19.77 -29.68
C SER F 212 11.66 -19.10 -28.79
N ALA F 213 12.93 -19.13 -29.23
CA ALA F 213 13.97 -18.45 -28.47
C ALA F 213 13.65 -16.98 -28.25
N PHE F 214 13.24 -16.29 -29.32
CA PHE F 214 12.89 -14.88 -29.20
C PHE F 214 11.75 -14.67 -28.22
N LEU F 215 10.76 -15.56 -28.21
CA LEU F 215 9.64 -15.37 -27.31
C LEU F 215 10.03 -15.68 -25.89
N MET F 216 11.03 -16.53 -25.71
CA MET F 216 11.54 -16.79 -24.37
C MET F 216 12.22 -15.55 -23.84
N TRP F 217 13.01 -14.89 -24.68
CA TRP F 217 13.66 -13.66 -24.22
C TRP F 217 12.62 -12.58 -23.99
N ALA F 218 11.60 -12.52 -24.84
CA ALA F 218 10.55 -11.53 -24.67
C ALA F 218 9.83 -11.73 -23.35
N ALA F 219 9.65 -12.98 -22.93
CA ALA F 219 8.95 -13.22 -21.68
C ALA F 219 9.81 -12.95 -20.46
N GLU F 220 11.09 -13.30 -20.53
CA GLU F 220 12.03 -13.10 -19.43
C GLU F 220 13.34 -12.54 -19.99
N PRO F 221 13.46 -11.22 -20.11
CA PRO F 221 14.71 -10.62 -20.63
C PRO F 221 15.89 -10.77 -19.69
N LYS F 222 15.65 -10.81 -18.39
CA LYS F 222 16.70 -10.81 -17.37
C LYS F 222 17.08 -12.23 -16.94
N LEU F 223 16.86 -13.21 -17.83
CA LEU F 223 17.24 -14.59 -17.51
C LEU F 223 18.75 -14.71 -17.31
N MET F 224 19.55 -14.04 -18.15
CA MET F 224 21.00 -14.18 -17.97
C MET F 224 21.46 -13.41 -16.75
N ALA F 225 20.77 -12.32 -16.42
CA ALA F 225 21.06 -11.61 -15.17
C ALA F 225 20.63 -12.46 -14.00
N ARG F 226 19.48 -13.12 -14.14
CA ARG F 226 18.96 -13.96 -13.07
C ARG F 226 19.95 -15.06 -12.75
N LYS F 227 20.55 -15.66 -13.78
CA LYS F 227 21.46 -16.78 -13.54
C LYS F 227 22.83 -16.31 -13.08
N GLN F 228 23.26 -15.11 -13.49
CA GLN F 228 24.50 -14.57 -12.91
C GLN F 228 24.30 -14.28 -11.43
N ALA F 229 23.18 -13.65 -11.08
CA ALA F 229 22.88 -13.37 -9.68
C ALA F 229 22.82 -14.67 -8.88
N GLY F 230 22.15 -15.68 -9.44
CA GLY F 230 22.06 -16.96 -8.78
C GLY F 230 23.43 -17.54 -8.51
N PHE F 231 24.26 -17.69 -9.56
CA PHE F 231 25.59 -18.26 -9.36
C PHE F 231 26.38 -17.48 -8.31
N THR F 232 26.28 -16.15 -8.33
CA THR F 232 26.97 -15.34 -7.34
C THR F 232 26.50 -15.69 -5.93
N ALA F 233 25.22 -15.48 -5.67
CA ALA F 233 24.66 -15.77 -4.35
C ALA F 233 25.01 -17.19 -3.89
N VAL F 234 25.04 -18.14 -4.82
CA VAL F 234 25.37 -19.52 -4.47
C VAL F 234 26.82 -19.61 -4.03
N MET F 235 27.74 -18.99 -4.78
CA MET F 235 29.14 -19.05 -4.41
C MET F 235 29.37 -18.40 -3.05
N PHE F 236 28.68 -17.29 -2.78
CA PHE F 236 28.83 -16.61 -1.51
C PHE F 236 28.34 -17.49 -0.38
N LEU F 237 27.08 -17.94 -0.46
CA LEU F 237 26.53 -18.79 0.58
C LEU F 237 27.34 -20.07 0.73
N THR F 238 27.95 -20.57 -0.35
CA THR F 238 28.84 -21.73 -0.26
C THR F 238 30.07 -21.45 0.59
N VAL F 239 30.74 -20.32 0.34
CA VAL F 239 31.90 -19.97 1.16
C VAL F 239 31.47 -19.80 2.60
N LEU F 240 30.40 -19.03 2.82
CA LEU F 240 29.94 -18.78 4.18
C LEU F 240 29.55 -20.08 4.87
N SER F 241 28.91 -21.00 4.15
CA SER F 241 28.55 -22.30 4.70
C SER F 241 29.77 -23.07 5.16
N VAL F 242 30.80 -23.12 4.31
CA VAL F 242 32.02 -23.85 4.67
C VAL F 242 32.63 -23.25 5.94
N LEU F 243 32.73 -21.92 5.98
CA LEU F 243 33.33 -21.28 7.14
C LEU F 243 32.50 -21.49 8.39
N LEU F 244 31.18 -21.36 8.29
CA LEU F 244 30.31 -21.61 9.43
C LEU F 244 30.38 -23.07 9.87
N TYR F 245 30.64 -23.98 8.94
CA TYR F 245 30.78 -25.38 9.32
C TYR F 245 32.04 -25.56 10.16
N LEU F 246 33.18 -25.10 9.64
CA LEU F 246 34.42 -25.24 10.39
C LEU F 246 34.32 -24.53 11.75
N THR F 247 33.63 -23.40 11.78
CA THR F 247 33.42 -22.69 13.04
C THR F 247 32.62 -23.54 14.02
N ASN F 248 31.45 -24.03 13.60
CA ASN F 248 30.63 -24.86 14.47
C ASN F 248 31.41 -26.07 14.95
N LYS F 249 32.27 -26.61 14.09
CA LYS F 249 33.04 -27.80 14.45
C LYS F 249 34.06 -27.47 15.52
N ARG F 250 34.78 -26.36 15.36
CA ARG F 250 35.79 -26.05 16.36
C ARG F 250 35.15 -25.55 17.64
N LEU F 251 33.95 -24.96 17.54
CA LEU F 251 33.26 -24.46 18.72
C LEU F 251 32.73 -25.60 19.57
N TRP F 252 32.16 -26.64 18.95
CA TRP F 252 31.65 -27.77 19.70
C TRP F 252 32.74 -28.74 20.13
N ALA F 253 33.97 -28.54 19.67
CA ALA F 253 35.07 -29.42 20.02
C ALA F 253 35.28 -29.52 21.52
N GLY F 254 34.96 -28.47 22.27
CA GLY F 254 35.20 -28.46 23.69
C GLY F 254 34.09 -29.06 24.54
N VAL F 255 32.83 -28.76 24.22
CA VAL F 255 31.74 -29.36 24.98
C VAL F 255 31.77 -30.88 24.85
N LYS F 256 31.63 -31.39 23.64
CA LYS F 256 31.68 -32.83 23.42
C LYS F 256 33.13 -33.26 23.16
N GLY G 9 44.22 -18.54 19.50
CA GLY G 9 44.58 -17.19 19.12
C GLY G 9 45.17 -17.11 17.71
N THR G 10 46.29 -17.82 17.51
CA THR G 10 46.92 -17.82 16.19
C THR G 10 45.99 -18.38 15.14
N ARG G 11 45.27 -19.46 15.47
CA ARG G 11 44.28 -20.05 14.58
C ARG G 11 42.86 -19.92 15.11
N ARG G 12 42.68 -19.75 16.42
CA ARG G 12 41.33 -19.62 16.97
C ARG G 12 40.65 -18.36 16.44
N ASP G 13 41.37 -17.24 16.42
CA ASP G 13 40.78 -16.00 15.97
C ASP G 13 40.62 -15.95 14.45
N PHE G 14 41.57 -16.52 13.72
CA PHE G 14 41.56 -16.40 12.26
C PHE G 14 40.27 -16.95 11.67
N LEU G 15 39.84 -18.13 12.12
CA LEU G 15 38.65 -18.75 11.57
C LEU G 15 37.40 -17.93 11.89
N TYR G 16 37.25 -17.50 13.14
CA TYR G 16 36.05 -16.76 13.53
C TYR G 16 35.95 -15.44 12.78
N TYR G 17 37.05 -14.72 12.66
CA TYR G 17 37.01 -13.43 11.97
C TYR G 17 36.86 -13.62 10.47
N ALA G 18 37.40 -14.71 9.91
CA ALA G 18 37.14 -15.00 8.50
C ALA G 18 35.67 -15.27 8.26
N THR G 19 35.04 -16.02 9.17
CA THR G 19 33.61 -16.25 9.05
C THR G 19 32.84 -14.94 9.15
N ALA G 20 33.24 -14.07 10.08
CA ALA G 20 32.56 -12.79 10.21
C ALA G 20 32.73 -11.96 8.94
N GLY G 21 33.91 -11.99 8.34
CA GLY G 21 34.13 -11.23 7.11
C GLY G 21 33.30 -11.74 5.95
N ALA G 22 33.23 -13.07 5.80
CA ALA G 22 32.39 -13.64 4.74
C ALA G 22 30.93 -13.28 4.97
N GLY G 23 30.48 -13.34 6.23
CA GLY G 23 29.12 -12.95 6.52
C GLY G 23 28.86 -11.49 6.20
N ALA G 24 29.82 -10.62 6.51
CA ALA G 24 29.65 -9.20 6.21
C ALA G 24 29.58 -8.97 4.71
N VAL G 25 30.40 -9.68 3.94
CA VAL G 25 30.36 -9.54 2.48
C VAL G 25 29.01 -9.97 1.95
N ALA G 26 28.50 -11.12 2.44
CA ALA G 26 27.19 -11.58 1.99
C ALA G 26 26.10 -10.59 2.38
N THR G 27 26.16 -10.06 3.60
CA THR G 27 25.17 -9.09 4.04
C THR G 27 25.19 -7.84 3.18
N GLY G 28 26.37 -7.34 2.85
CA GLY G 28 26.45 -6.19 1.97
C GLY G 28 25.93 -6.47 0.58
N ALA G 29 26.25 -7.66 0.05
CA ALA G 29 25.76 -8.02 -1.27
C ALA G 29 24.24 -8.10 -1.28
N ALA G 30 23.64 -8.55 -0.18
CA ALA G 30 22.19 -8.57 -0.10
C ALA G 30 21.61 -7.18 0.12
N VAL G 31 22.31 -6.32 0.86
CA VAL G 31 21.76 -5.02 1.22
C VAL G 31 21.79 -4.07 0.02
N TRP G 32 22.84 -4.16 -0.80
CA TRP G 32 22.99 -3.19 -1.88
C TRP G 32 21.81 -3.17 -2.84
N PRO G 33 21.28 -4.30 -3.30
CA PRO G 33 20.08 -4.23 -4.16
C PRO G 33 18.89 -3.56 -3.50
N LEU G 34 18.71 -3.74 -2.19
CA LEU G 34 17.58 -3.13 -1.50
C LEU G 34 17.63 -1.61 -1.61
N ILE G 35 18.82 -1.04 -1.71
CA ILE G 35 18.98 0.41 -1.89
C ILE G 35 18.97 0.79 -3.35
N ASN G 36 19.63 -0.01 -4.19
CA ASN G 36 19.76 0.32 -5.61
C ASN G 36 18.44 0.22 -6.35
N GLN G 37 17.48 -0.54 -5.84
CA GLN G 37 16.18 -0.63 -6.49
C GLN G 37 15.44 0.69 -6.48
N MET G 38 15.81 1.62 -5.59
CA MET G 38 15.15 2.92 -5.52
C MET G 38 15.68 3.93 -6.52
N ASN G 39 16.81 3.64 -7.17
CA ASN G 39 17.33 4.53 -8.18
C ASN G 39 16.41 4.53 -9.40
N PRO G 40 16.63 5.43 -10.35
CA PRO G 40 15.78 5.45 -11.54
C PRO G 40 15.80 4.13 -12.28
N SER G 41 14.64 3.73 -12.77
CA SER G 41 14.50 2.45 -13.46
C SER G 41 14.83 2.62 -14.93
N ALA G 42 14.77 1.50 -15.67
CA ALA G 42 15.13 1.52 -17.08
C ALA G 42 14.21 2.42 -17.88
N ASP G 43 12.92 2.42 -17.57
CA ASP G 43 11.97 3.25 -18.31
C ASP G 43 12.26 4.74 -18.09
N VAL G 44 12.60 5.12 -16.86
CA VAL G 44 12.88 6.52 -16.56
C VAL G 44 14.14 6.97 -17.29
N GLN G 45 15.19 6.16 -17.24
CA GLN G 45 16.46 6.53 -17.84
C GLN G 45 16.41 6.51 -19.37
N ALA G 46 15.37 5.94 -19.96
CA ALA G 46 15.26 5.85 -21.41
C ALA G 46 14.60 7.08 -22.02
N LEU G 47 14.12 8.01 -21.22
CA LEU G 47 13.43 9.18 -21.75
C LEU G 47 14.37 10.02 -22.60
N ALA G 48 14.11 10.09 -23.90
CA ALA G 48 14.97 10.76 -24.86
C ALA G 48 14.45 12.17 -25.15
N SER G 49 15.04 12.80 -26.16
CA SER G 49 14.67 14.15 -26.55
C SER G 49 13.20 14.21 -26.96
N ILE G 50 12.70 15.44 -27.08
CA ILE G 50 11.39 15.73 -27.63
C ILE G 50 11.53 16.82 -28.67
N PHE G 51 10.48 17.00 -29.46
CA PHE G 51 10.47 18.00 -30.52
C PHE G 51 9.26 18.89 -30.33
N VAL G 52 9.51 20.21 -30.33
CA VAL G 52 8.47 21.21 -30.09
C VAL G 52 8.29 22.03 -31.36
N ASP G 53 7.03 22.28 -31.71
CA ASP G 53 6.67 23.03 -32.90
C ASP G 53 6.37 24.48 -32.49
N VAL G 54 7.35 25.35 -32.68
CA VAL G 54 7.24 26.75 -32.26
C VAL G 54 6.72 27.59 -33.43
N SER G 55 5.97 26.97 -34.34
CA SER G 55 5.53 27.71 -35.52
C SER G 55 4.67 28.91 -35.16
N SER G 56 3.92 28.84 -34.06
CA SER G 56 2.96 29.88 -33.67
C SER G 56 3.41 30.47 -32.34
N VAL G 57 4.38 31.38 -32.40
CA VAL G 57 4.89 32.04 -31.19
C VAL G 57 5.28 33.47 -31.55
N GLU G 58 4.44 34.43 -31.17
CA GLU G 58 4.77 35.83 -31.38
C GLU G 58 5.77 36.28 -30.33
N PRO G 59 6.42 37.42 -30.50
CA PRO G 59 7.27 37.93 -29.43
C PRO G 59 6.46 38.27 -28.19
N GLY G 60 7.00 37.94 -27.03
CA GLY G 60 6.37 38.19 -25.75
C GLY G 60 5.61 37.03 -25.16
N VAL G 61 5.31 35.98 -25.92
CA VAL G 61 4.55 34.84 -25.45
C VAL G 61 5.52 33.72 -25.06
N GLN G 62 5.31 33.15 -23.88
CA GLN G 62 6.09 32.02 -23.40
C GLN G 62 5.31 30.74 -23.64
N LEU G 63 6.03 29.67 -23.96
CA LEU G 63 5.47 28.36 -24.26
C LEU G 63 6.07 27.35 -23.28
N THR G 64 5.23 26.86 -22.36
CA THR G 64 5.64 25.95 -21.30
C THR G 64 5.28 24.51 -21.68
N VAL G 65 6.28 23.62 -21.61
CA VAL G 65 6.16 22.25 -22.12
C VAL G 65 6.70 21.30 -21.07
N LYS G 66 6.05 20.16 -20.90
CA LYS G 66 6.52 19.16 -19.95
C LYS G 66 7.64 18.35 -20.58
N PHE G 67 8.72 18.18 -19.82
CA PHE G 67 9.87 17.40 -20.29
C PHE G 67 10.63 16.90 -19.08
N LEU G 68 10.78 15.59 -18.99
CA LEU G 68 11.41 14.93 -17.86
C LEU G 68 10.72 15.37 -16.58
N GLY G 69 9.41 15.45 -16.62
CA GLY G 69 8.67 15.71 -15.42
C GLY G 69 8.54 17.17 -15.06
N LYS G 70 9.43 18.03 -15.58
CA LYS G 70 9.46 19.43 -15.21
C LYS G 70 9.07 20.34 -16.36
N PRO G 71 8.80 21.62 -16.09
CA PRO G 71 8.45 22.52 -17.18
C PRO G 71 9.70 23.09 -17.85
N ILE G 72 9.63 23.16 -19.18
CA ILE G 72 10.62 23.87 -19.97
C ILE G 72 9.95 25.11 -20.52
N PHE G 73 10.64 26.24 -20.39
CA PHE G 73 10.19 27.54 -20.88
C PHE G 73 10.81 27.77 -22.24
N ILE G 74 10.00 28.23 -23.20
CA ILE G 74 10.48 28.63 -24.52
C ILE G 74 9.79 29.96 -24.76
N ARG G 75 10.48 31.07 -24.49
CA ARG G 75 9.91 32.40 -24.67
C ARG G 75 10.63 33.13 -25.81
N ARG G 76 9.85 33.64 -26.76
CA ARG G 76 10.36 34.55 -27.77
C ARG G 76 10.39 35.98 -27.24
N ARG G 77 11.59 36.50 -27.00
CA ARG G 77 11.79 37.77 -26.32
C ARG G 77 11.48 38.93 -27.27
N THR G 78 11.00 40.04 -26.71
CA THR G 78 10.64 41.18 -27.52
C THR G 78 11.84 42.11 -27.69
N GLU G 79 11.65 43.17 -28.48
CA GLU G 79 12.66 44.22 -28.63
C GLU G 79 13.23 44.69 -27.29
N ALA G 80 12.35 45.01 -26.34
CA ALA G 80 12.81 45.58 -25.08
C ALA G 80 13.46 44.53 -24.21
N ASP G 81 12.89 43.32 -24.19
CA ASP G 81 13.47 42.28 -23.36
C ASP G 81 14.91 42.03 -23.76
N ILE G 82 15.18 42.01 -25.07
CA ILE G 82 16.52 41.70 -25.53
C ILE G 82 17.40 42.92 -25.30
N GLU G 83 16.85 44.12 -25.37
CA GLU G 83 17.65 45.31 -25.11
C GLU G 83 18.14 45.27 -23.66
N LEU G 84 17.19 45.22 -22.72
CA LEU G 84 17.52 45.10 -21.31
C LEU G 84 18.52 43.97 -21.08
N GLY G 85 18.30 42.82 -21.71
CA GLY G 85 19.16 41.67 -21.48
C GLY G 85 20.60 41.98 -21.87
N ARG G 86 20.80 42.48 -23.09
CA ARG G 86 22.14 42.76 -23.56
C ARG G 86 22.75 44.00 -22.91
N SER G 87 21.97 44.77 -22.16
CA SER G 87 22.53 45.96 -21.53
C SER G 87 23.23 45.63 -20.22
N VAL G 88 22.86 44.54 -19.56
CA VAL G 88 23.43 44.21 -18.26
C VAL G 88 24.85 43.69 -18.45
N GLN G 89 25.77 44.18 -17.62
CA GLN G 89 27.18 43.78 -17.69
C GLN G 89 27.47 42.62 -16.75
N LEU G 90 28.48 41.83 -17.12
CA LEU G 90 28.84 40.63 -16.37
C LEU G 90 29.16 40.90 -14.91
N GLY G 91 29.51 42.14 -14.55
CA GLY G 91 29.86 42.43 -13.18
C GLY G 91 28.64 42.63 -12.32
N GLN G 92 27.55 43.12 -12.90
CA GLN G 92 26.31 43.38 -12.18
C GLN G 92 25.57 42.11 -11.82
N LEU G 93 26.00 40.96 -12.34
CA LEU G 93 25.29 39.70 -12.21
C LEU G 93 25.75 38.95 -10.97
N VAL G 94 24.78 38.35 -10.27
CA VAL G 94 25.11 37.54 -9.09
C VAL G 94 25.89 36.30 -9.49
N ASP G 95 25.53 35.67 -10.61
CA ASP G 95 26.18 34.46 -11.08
C ASP G 95 26.66 34.67 -12.51
N THR G 96 27.96 34.56 -12.72
CA THR G 96 28.57 34.87 -14.01
C THR G 96 28.75 33.64 -14.89
N ASN G 97 28.23 32.48 -14.49
CA ASN G 97 28.30 31.30 -15.32
C ASN G 97 27.02 31.20 -16.13
N ALA G 98 27.14 30.82 -17.41
CA ALA G 98 25.94 30.78 -18.23
C ALA G 98 25.05 29.59 -17.90
N ARG G 99 25.59 28.54 -17.28
CA ARG G 99 24.80 27.36 -16.93
C ARG G 99 24.03 26.85 -18.15
N ASN G 100 24.78 26.59 -19.21
CA ASN G 100 24.26 26.22 -20.51
C ASN G 100 24.92 24.94 -20.97
N ALA G 101 24.10 23.95 -21.32
CA ALA G 101 24.60 22.64 -21.70
C ALA G 101 25.12 22.63 -23.14
N ASN G 102 24.68 23.58 -23.97
CA ASN G 102 25.11 23.62 -25.36
C ASN G 102 26.53 24.15 -25.50
N ILE G 103 26.74 25.42 -25.18
CA ILE G 103 28.09 25.99 -25.19
C ILE G 103 28.93 25.40 -24.07
N ASP G 104 30.22 25.68 -24.08
CA ASP G 104 31.15 25.05 -23.15
C ASP G 104 30.84 25.48 -21.72
N ALA G 105 31.31 24.66 -20.77
CA ALA G 105 31.00 24.89 -19.36
C ALA G 105 31.62 26.18 -18.86
N GLY G 106 32.71 26.64 -19.46
CA GLY G 106 33.37 27.84 -18.98
C GLY G 106 32.78 29.13 -19.51
N ALA G 107 31.87 29.04 -20.47
CA ALA G 107 31.27 30.20 -21.10
C ALA G 107 30.70 31.16 -20.08
N GLU G 108 30.78 32.44 -20.38
CA GLU G 108 30.33 33.51 -19.50
C GLU G 108 28.86 33.79 -19.74
N ALA G 109 28.20 34.35 -18.73
CA ALA G 109 26.75 34.50 -18.74
C ALA G 109 26.28 35.75 -19.48
N THR G 110 26.88 36.04 -20.63
CA THR G 110 26.42 37.12 -21.47
C THR G 110 25.12 36.73 -22.16
N ASP G 111 24.33 37.73 -22.53
CA ASP G 111 23.01 37.46 -23.12
C ASP G 111 23.12 36.59 -24.35
N GLN G 112 24.22 36.70 -25.10
CA GLN G 112 24.39 35.90 -26.30
C GLN G 112 24.70 34.45 -25.98
N ASN G 113 25.07 34.15 -24.74
CA ASN G 113 25.34 32.80 -24.31
C ASN G 113 24.15 32.18 -23.57
N ARG G 114 23.02 32.89 -23.49
CA ARG G 114 21.83 32.39 -22.85
C ARG G 114 20.73 32.01 -23.83
N THR G 115 20.92 32.29 -25.12
CA THR G 115 19.94 32.04 -26.17
C THR G 115 20.48 31.03 -27.16
N LEU G 116 19.58 30.55 -28.03
CA LEU G 116 19.94 29.56 -29.04
C LEU G 116 20.41 30.19 -30.34
N ASP G 117 19.82 31.32 -30.72
CA ASP G 117 20.16 32.03 -31.95
C ASP G 117 20.99 33.26 -31.63
N GLU G 118 21.79 33.69 -32.59
CA GLU G 118 22.66 34.85 -32.38
C GLU G 118 21.86 36.13 -32.18
N ALA G 119 20.63 36.17 -32.70
CA ALA G 119 19.77 37.34 -32.52
C ALA G 119 19.27 37.45 -31.09
N GLY G 120 19.42 36.39 -30.30
CA GLY G 120 18.97 36.40 -28.93
C GLY G 120 17.47 36.52 -28.80
N GLU G 121 16.74 35.93 -29.74
CA GLU G 121 15.29 36.05 -29.78
C GLU G 121 14.60 34.90 -29.07
N TRP G 122 15.13 33.69 -29.16
CA TRP G 122 14.52 32.50 -28.57
C TRP G 122 15.28 32.11 -27.31
N LEU G 123 14.61 32.16 -26.16
CA LEU G 123 15.20 31.78 -24.88
C LEU G 123 14.54 30.49 -24.42
N VAL G 124 15.34 29.42 -24.33
CA VAL G 124 14.85 28.11 -23.91
C VAL G 124 15.60 27.69 -22.66
N MET G 125 14.87 27.48 -21.56
CA MET G 125 15.50 27.19 -20.28
C MET G 125 14.58 26.37 -19.38
N TRP G 126 15.18 25.60 -18.48
CA TRP G 126 14.38 24.90 -17.48
C TRP G 126 13.67 25.94 -16.63
N GLY G 127 12.34 25.87 -16.58
CA GLY G 127 11.57 26.75 -15.73
C GLY G 127 11.55 26.27 -14.29
N VAL G 128 12.73 26.01 -13.74
CA VAL G 128 12.87 25.36 -12.43
C VAL G 128 13.83 26.17 -11.58
N CYS G 129 13.29 26.98 -10.67
CA CYS G 129 14.11 27.83 -9.80
C CYS G 129 15.20 27.00 -9.15
N THR G 130 16.43 27.50 -9.22
CA THR G 130 17.58 26.75 -8.74
C THR G 130 17.69 26.74 -7.24
N HIS G 131 16.80 27.43 -6.53
CA HIS G 131 16.75 27.36 -5.08
C HIS G 131 16.22 26.00 -4.64
N LEU G 132 14.90 25.79 -4.80
CA LEU G 132 14.28 24.54 -4.37
C LEU G 132 13.27 24.01 -5.39
N GLY G 133 13.30 24.52 -6.62
CA GLY G 133 12.64 23.85 -7.72
C GLY G 133 11.24 24.27 -8.06
N CYS G 134 10.82 25.47 -7.66
CA CYS G 134 9.50 25.94 -8.08
C CYS G 134 9.54 26.49 -9.49
N VAL G 135 8.36 26.83 -10.01
CA VAL G 135 8.20 27.36 -11.37
C VAL G 135 8.03 28.86 -11.26
N PRO G 136 8.99 29.67 -11.70
CA PRO G 136 8.80 31.13 -11.64
C PRO G 136 7.68 31.61 -12.54
N ILE G 137 6.95 32.61 -12.06
CA ILE G 137 5.91 33.25 -12.85
C ILE G 137 6.57 34.18 -13.87
N GLY G 138 6.24 34.00 -15.13
CA GLY G 138 6.80 34.78 -16.21
C GLY G 138 5.88 35.89 -16.67
N GLY G 139 6.01 36.25 -17.94
CA GLY G 139 5.21 37.33 -18.49
C GLY G 139 5.62 38.69 -17.94
N VAL G 140 6.91 38.95 -17.89
CA VAL G 140 7.45 40.19 -17.32
C VAL G 140 6.95 40.35 -15.89
N SER G 141 7.67 39.73 -14.94
CA SER G 141 7.34 39.82 -13.53
C SER G 141 8.64 40.01 -12.74
N GLY G 142 8.50 40.51 -11.52
CA GLY G 142 9.64 40.79 -10.68
C GLY G 142 10.14 42.20 -10.86
N ASP G 143 11.35 42.45 -10.37
CA ASP G 143 11.95 43.78 -10.36
C ASP G 143 12.93 43.98 -11.50
N PHE G 144 13.12 42.97 -12.36
CA PHE G 144 14.09 43.02 -13.45
C PHE G 144 13.45 42.65 -14.78
N GLY G 145 12.14 42.81 -14.91
CA GLY G 145 11.48 42.56 -16.17
C GLY G 145 11.65 41.16 -16.70
N GLY G 146 11.71 40.17 -15.80
CA GLY G 146 11.90 38.78 -16.19
C GLY G 146 10.94 37.81 -15.54
N TRP G 147 11.46 36.95 -14.67
CA TRP G 147 10.66 35.91 -14.02
C TRP G 147 10.73 36.08 -12.50
N PHE G 148 9.63 35.81 -11.81
CA PHE G 148 9.59 35.92 -10.36
C PHE G 148 9.14 34.60 -9.74
N CYS G 149 9.93 34.10 -8.78
CA CYS G 149 9.62 32.86 -8.10
C CYS G 149 8.88 33.20 -6.82
N PRO G 150 7.64 32.71 -6.63
CA PRO G 150 6.84 33.12 -5.48
C PRO G 150 7.04 32.27 -4.24
N CYS G 151 7.84 31.22 -4.36
CA CYS G 151 8.03 30.29 -3.25
C CYS G 151 8.83 30.95 -2.15
N HIS G 152 9.88 31.67 -2.54
CA HIS G 152 10.74 32.36 -1.60
C HIS G 152 11.15 33.73 -2.08
N GLY G 153 10.86 34.10 -3.33
CA GLY G 153 11.06 35.46 -3.77
C GLY G 153 12.32 35.60 -4.57
N SER G 154 12.48 34.81 -5.64
CA SER G 154 13.66 34.96 -6.49
C SER G 154 13.33 35.74 -7.75
N HIS G 155 14.22 36.66 -8.11
CA HIS G 155 14.03 37.50 -9.28
C HIS G 155 15.02 37.11 -10.37
N TYR G 156 14.51 36.91 -11.59
CA TYR G 156 15.32 36.61 -12.76
C TYR G 156 15.08 37.70 -13.78
N ASP G 157 16.07 37.89 -14.67
CA ASP G 157 16.03 38.94 -15.67
C ASP G 157 15.50 38.37 -16.99
N SER G 158 15.55 39.20 -18.06
CA SER G 158 14.99 38.79 -19.33
C SER G 158 15.80 37.71 -20.02
N ALA G 159 16.96 37.35 -19.47
CA ALA G 159 17.82 36.30 -19.98
C ALA G 159 17.75 35.04 -19.13
N GLY G 160 17.03 35.09 -18.02
CA GLY G 160 16.92 33.93 -17.14
C GLY G 160 18.08 33.82 -16.18
N ARG G 161 18.66 34.95 -15.78
CA ARG G 161 19.78 34.99 -14.86
C ARG G 161 19.29 35.47 -13.51
N ILE G 162 19.88 34.94 -12.45
CA ILE G 162 19.49 35.31 -11.09
C ILE G 162 20.07 36.68 -10.76
N ARG G 163 19.23 37.53 -10.16
CA ARG G 163 19.60 38.91 -9.87
C ARG G 163 19.36 39.23 -8.41
N LYS G 164 18.39 38.57 -7.78
CA LYS G 164 18.04 38.86 -6.40
C LYS G 164 17.21 37.73 -5.84
N GLY G 165 17.55 37.27 -4.63
CA GLY G 165 16.81 36.22 -3.97
C GLY G 165 17.64 35.03 -3.54
N PRO G 166 16.97 34.05 -2.92
CA PRO G 166 17.69 32.86 -2.43
C PRO G 166 18.34 32.01 -3.50
N ALA G 167 17.92 32.11 -4.75
CA ALA G 167 18.41 31.21 -5.78
C ALA G 167 19.92 31.37 -5.95
N PRO G 168 20.71 30.28 -5.90
CA PRO G 168 22.16 30.41 -6.11
C PRO G 168 22.56 30.69 -7.54
N GLU G 169 22.00 29.95 -8.49
CA GLU G 169 22.45 29.95 -9.88
C GLU G 169 21.36 30.45 -10.82
N ASN G 170 21.76 30.69 -12.07
CA ASN G 170 20.83 30.98 -13.15
C ASN G 170 20.02 29.74 -13.52
N LEU G 171 18.89 29.97 -14.19
CA LEU G 171 18.08 28.86 -14.66
C LEU G 171 18.85 28.07 -15.72
N PRO G 172 18.99 26.75 -15.58
CA PRO G 172 19.79 26.01 -16.56
C PRO G 172 19.15 26.00 -17.94
N ILE G 173 19.99 25.85 -18.96
CA ILE G 173 19.55 25.76 -20.35
C ILE G 173 19.82 24.34 -20.82
N PRO G 174 18.83 23.59 -21.29
CA PRO G 174 19.08 22.22 -21.73
C PRO G 174 19.87 22.16 -23.02
N LEU G 175 20.34 20.96 -23.34
CA LEU G 175 20.83 20.69 -24.68
C LEU G 175 19.65 20.89 -25.62
N ALA G 176 19.62 22.03 -26.30
CA ALA G 176 18.52 22.44 -27.16
C ALA G 176 19.06 22.98 -28.47
N LYS G 177 18.26 22.82 -29.53
CA LYS G 177 18.69 23.26 -30.86
C LYS G 177 17.49 23.29 -31.78
N PHE G 178 17.54 24.18 -32.76
CA PHE G 178 16.52 24.28 -33.80
C PHE G 178 16.80 23.25 -34.88
N ILE G 179 15.84 22.34 -35.10
CA ILE G 179 16.02 21.35 -36.14
C ILE G 179 15.47 21.88 -37.46
N ASP G 180 14.46 22.74 -37.41
CA ASP G 180 14.04 23.45 -38.61
C ASP G 180 13.44 24.79 -38.18
N GLU G 181 12.95 25.53 -39.19
CA GLU G 181 12.50 26.91 -38.98
C GLU G 181 11.49 26.99 -37.85
N THR G 182 10.73 25.91 -37.65
CA THR G 182 9.60 25.91 -36.74
C THR G 182 9.69 24.75 -35.77
N THR G 183 10.85 24.10 -35.64
CA THR G 183 10.94 22.95 -34.76
C THR G 183 12.25 22.99 -33.98
N ILE G 184 12.11 22.86 -32.66
CA ILE G 184 13.19 22.79 -31.69
C ILE G 184 13.30 21.37 -31.18
N GLN G 185 14.52 20.92 -30.87
CA GLN G 185 14.74 19.60 -30.29
C GLN G 185 15.27 19.79 -28.87
N LEU G 186 14.44 19.48 -27.88
CA LEU G 186 14.85 19.55 -26.47
C LEU G 186 15.49 18.24 -26.03
N GLY G 187 16.66 18.34 -25.43
CA GLY G 187 17.38 17.17 -24.96
C GLY G 187 18.04 16.40 -26.09
N TRP H 79 -31.53 -9.36 40.51
CA TRP H 79 -31.70 -8.51 41.69
C TRP H 79 -30.41 -8.43 42.50
N LYS H 80 -29.54 -9.43 42.34
CA LYS H 80 -28.26 -9.41 43.03
C LYS H 80 -27.33 -8.32 42.51
N TYR H 81 -27.53 -7.85 41.28
CA TYR H 81 -26.66 -6.90 40.62
C TYR H 81 -27.48 -5.79 39.97
N ARG H 82 -28.39 -5.20 40.74
CA ARG H 82 -29.23 -4.13 40.21
C ARG H 82 -28.38 -2.99 39.66
N TYR H 83 -27.47 -2.48 40.48
CA TYR H 83 -26.70 -1.30 40.10
C TYR H 83 -25.62 -1.62 39.09
N ARG H 84 -24.97 -2.77 39.24
CA ARG H 84 -23.97 -3.18 38.24
C ARG H 84 -24.63 -3.39 36.89
N LEU H 85 -25.82 -3.99 36.87
CA LEU H 85 -26.53 -4.25 35.62
C LEU H 85 -27.32 -3.03 35.18
N GLY H 86 -28.16 -2.50 36.07
CA GLY H 86 -28.96 -1.33 35.73
C GLY H 86 -28.12 -0.11 35.41
N GLY H 87 -27.00 0.04 36.11
CA GLY H 87 -26.12 1.16 35.82
C GLY H 87 -25.53 1.08 34.42
N PHE H 88 -25.12 -0.11 33.99
CA PHE H 88 -24.56 -0.27 32.66
C PHE H 88 -25.58 0.07 31.59
N ALA H 89 -26.79 -0.49 31.71
CA ALA H 89 -27.83 -0.22 30.73
C ALA H 89 -28.24 1.24 30.75
N SER H 90 -28.38 1.82 31.95
CA SER H 90 -28.80 3.22 32.06
C SER H 90 -27.77 4.14 31.42
N GLY H 91 -26.48 3.88 31.66
CA GLY H 91 -25.45 4.69 31.04
C GLY H 91 -25.45 4.56 29.52
N ALA H 92 -25.65 3.35 29.02
CA ALA H 92 -25.73 3.16 27.58
C ALA H 92 -26.95 3.84 26.97
N LEU H 93 -28.10 3.73 27.64
CA LEU H 93 -29.32 4.32 27.10
C LEU H 93 -29.22 5.84 27.06
N LEU H 94 -28.61 6.45 28.08
CA LEU H 94 -28.48 7.90 28.10
C LEU H 94 -27.67 8.39 26.90
N ALA H 95 -26.61 7.66 26.55
CA ALA H 95 -25.81 8.03 25.38
C ALA H 95 -26.62 7.87 24.10
N LEU H 96 -27.23 6.70 23.90
CA LEU H 96 -27.98 6.46 22.67
C LEU H 96 -29.22 7.33 22.60
N ALA H 97 -29.95 7.46 23.71
CA ALA H 97 -31.20 8.21 23.69
C ALA H 97 -30.93 9.68 23.37
N LEU H 98 -29.87 10.25 23.92
CA LEU H 98 -29.54 11.63 23.63
C LEU H 98 -28.90 11.79 22.26
N ALA H 99 -28.09 10.83 21.82
CA ALA H 99 -27.39 10.95 20.55
C ALA H 99 -28.37 11.08 19.39
N GLY H 100 -29.58 10.55 19.54
CA GLY H 100 -30.62 10.66 18.53
C GLY H 100 -31.44 11.92 18.62
N ILE H 101 -31.09 12.86 19.51
CA ILE H 101 -31.86 14.09 19.64
C ILE H 101 -31.79 14.89 18.35
N PHE H 102 -30.60 15.02 17.77
CA PHE H 102 -30.44 15.73 16.51
C PHE H 102 -30.96 14.87 15.36
CHA HEM I . -2.74 10.63 4.22
CHB HEM I . -0.52 11.33 8.47
CHC HEM I . -0.46 6.53 9.23
CHD HEM I . -2.47 5.86 4.88
C1A HEM I . -2.16 11.23 5.31
C2A HEM I . -2.05 12.66 5.54
C3A HEM I . -1.44 12.85 6.70
C4A HEM I . -1.14 11.55 7.27
CMA HEM I . -1.12 14.22 7.33
CAA HEM I . -2.57 13.75 4.57
CBA HEM I . -4.09 13.68 4.53
CGA HEM I . -4.63 14.73 3.60
O1A HEM I . -5.81 14.61 3.19
O2A HEM I . -3.88 15.67 3.25
C1B HEM I . -0.31 10.10 9.06
C2B HEM I . 0.33 9.85 10.32
C3B HEM I . 0.33 8.53 10.53
C4B HEM I . -0.29 7.89 9.39
CMB HEM I . 0.86 10.98 11.23
CAB HEM I . 0.88 7.71 11.73
CBB HEM I . 1.71 8.23 12.64
C1C HEM I . -0.97 5.93 8.11
C2C HEM I . -1.09 4.49 7.87
C3C HEM I . -1.63 4.33 6.66
C4C HEM I . -1.89 5.63 6.11
CMC HEM I . -0.63 3.40 8.86
CAC HEM I . -1.99 3.04 5.90
CBC HEM I . -2.23 1.88 6.50
C1D HEM I . -2.74 7.09 4.33
C2D HEM I . -3.39 7.32 3.06
C3D HEM I . -3.46 8.63 2.86
C4D HEM I . -2.86 9.28 4.02
CMD HEM I . -3.90 6.21 2.11
CAD HEM I . -4.08 9.35 1.64
CBD HEM I . -5.58 9.44 1.81
CGD HEM I . -5.93 10.73 2.50
O1D HEM I . -6.63 10.69 3.54
O2D HEM I . -5.51 11.81 2.02
NA HEM I . -1.59 10.58 6.40
NB HEM I . -0.67 8.88 8.50
NC HEM I . -1.48 6.58 7.01
ND HEM I . -2.43 8.31 4.89
FE HEM I . -1.53 8.56 6.68
HHB HEM I . -0.17 12.11 8.95
HHC HEM I . -0.23 5.97 9.99
HHD HEM I . -2.65 5.08 4.32
HMA HEM I . -0.58 14.09 8.14
HMAA HEM I . -1.95 14.67 7.56
HMAB HEM I . -0.62 14.76 6.70
HAA HEM I . -2.22 13.59 3.68
HAAA HEM I . -2.29 14.62 4.88
HBA HEM I . -4.45 13.84 5.42
HBAA HEM I . -4.37 12.80 4.23
HMB HEM I . 0.77 10.73 12.17
HMBA HEM I . 0.35 11.80 11.08
HMBB HEM I . 1.79 11.15 11.03
HAB HEM I . 0.61 6.79 11.82
HBB HEM I . 1.78 7.81 13.52
HBBA HEM I . 2.27 8.98 12.42
HMC HEM I . -1.40 2.86 9.14
HMCA HEM I . -0.26 3.80 9.66
HMCB HEM I . 0.03 2.82 8.44
HAC HEM I . -2.05 3.07 4.94
HBC HEM I . -2.66 1.18 5.98
HBCA HEM I . -2.35 1.85 7.46
HMD HEM I . -4.34 6.61 1.33
HMDA HEM I . -4.54 5.64 2.59
HMDB HEM I . -3.14 5.66 1.81
HAD HEM I . -3.87 8.84 0.84
HADA HEM I . -3.69 10.24 1.57
HBD HEM I . -5.89 8.70 2.35
HBDA HEM I . -6.00 9.42 0.94
HHA HEM I . -3.00 11.21 3.48
CHA HEM J . 6.77 10.56 29.02
CHB HEM J . 4.10 8.85 25.37
CHC HEM J . 6.80 11.38 22.27
CHD HEM J . 9.59 12.92 25.88
C1A HEM J . 5.79 9.90 28.32
C2A HEM J . 4.73 9.08 28.88
C3A HEM J . 4.00 8.62 27.87
C4A HEM J . 4.57 9.11 26.64
CMA HEM J . 2.76 7.69 27.98
CAA HEM J . 4.50 8.82 30.38
CBA HEM J . 4.22 10.13 31.12
CGA HEM J . 3.23 10.97 30.36
O1A HEM J . 2.26 10.40 29.80
O2A HEM J . 3.38 12.21 30.32
C1B HEM J . 4.61 9.38 24.21
C2B HEM J . 4.12 9.10 22.88
C3B HEM J . 4.87 9.80 22.01
C4B HEM J . 5.84 10.54 22.79
CMB HEM J . 2.95 8.13 22.60
CAB HEM J . 4.81 9.88 20.47
CBB HEM J . 3.82 9.36 19.75
C1C HEM J . 7.75 12.04 22.98
C2C HEM J . 8.70 12.98 22.43
C3C HEM J . 9.47 13.42 23.43
C4C HEM J . 9.04 12.75 24.64
CMC HEM J . 8.70 13.37 20.93
CAC HEM J . 10.64 14.43 23.42
CBC HEM J . 11.18 14.92 22.31
C1D HEM J . 9.09 12.41 27.05
C2D HEM J . 9.64 12.61 28.36
C3D HEM J . 8.85 11.95 29.23
C4D HEM J . 7.78 11.32 28.49
CMD HEM J . 10.90 13.43 28.66
CAD HEM J . 9.02 11.87 30.75
CBD HEM J . 9.29 10.43 31.18
CGD HEM J . 9.50 10.43 32.66
O1D HEM J . 9.13 11.44 33.32
O2D HEM J . 10.02 9.42 33.18
NA HEM J . 5.65 9.89 26.95
NB HEM J . 5.66 10.27 24.13
NC HEM J . 7.99 11.92 24.34
ND HEM J . 7.96 11.63 27.16
FE HEM J . 6.84 10.87 25.70
HHB HEM J . 3.43 8.14 25.28
HHC HEM J . 6.72 11.60 21.32
HHD HEM J . 10.46 13.39 25.93
HMA HEM J . 2.41 7.50 27.09
HMAA HEM J . 2.07 8.15 28.51
HMAB HEM J . 3.02 6.86 28.42
HAA HEM J . 5.30 8.42 30.75
HAAA HEM J . 3.75 8.22 30.50
HBA HEM J . 5.05 10.63 31.22
HBAA HEM J . 3.87 9.93 31.99
HMB HEM J . 2.95 7.43 23.28
HMBA HEM J . 3.08 7.70 21.73
HMBB HEM J . 2.11 8.60 22.62
HAB HEM J . 5.48 10.39 20.01
HBB HEM J . 4.00 9.01 18.87
HBBA HEM J . 2.93 9.30 20.12
HMC HEM J . 9.58 13.64 20.64
HMCA HEM J . 8.07 14.10 20.78
HMCB HEM J . 8.42 12.60 20.40
HAC HEM J . 10.99 14.73 24.26
HBC HEM J . 11.33 15.88 22.23
HBCA HEM J . 11.47 14.33 21.60
HMD HEM J . 11.66 13.06 28.16
HMDA HEM J . 11.12 13.41 29.62
HMDB HEM J . 10.76 14.35 28.39
HAD HEM J . 8.20 12.18 31.18
HADA HEM J . 9.75 12.41 31.04
HBD HEM J . 10.09 10.12 30.74
HBDA HEM J . 8.54 9.86 30.96
HHA HEM J . 6.76 10.48 30.00
C10 PQU K . 7.01 17.77 7.77
C11 PQU K . 8.13 17.81 6.95
C13 PQU K . 6.85 18.25 5.11
C15 PQU K . 10.53 17.23 6.98
C16 PQU K . 10.53 15.96 6.42
C17 PQU K . 11.66 15.47 5.81
C18 PQU K . 12.80 16.25 5.74
C19 PQU K . 12.79 17.52 6.28
C20 PQU K . 11.66 18.03 6.90
C21 PQU K . 5.23 21.85 2.26
C22 PQU K . 6.45 21.63 2.85
C23 PQU K . 7.52 22.46 2.53
C24 PQU K . 7.36 23.49 1.64
C25 PQU K . 6.12 23.71 1.05
C26 PQU K . 5.05 22.89 1.37
C3 PQU K . 4.37 18.60 2.84
C5 PQU K . 4.36 18.47 5.16
C6 PQU K . 4.19 19.91 4.72
C7 PQU K . 3.15 17.99 5.96
C8 PQU K . 5.68 18.23 5.84
C9 PQU K . 5.79 17.98 7.21
N1 PQU K . 4.08 21.03 2.56
N2 PQU K . 4.22 19.87 3.35
N3 PQU K . 8.04 18.04 5.66
O14 PQU K . 9.32 17.58 7.55
O3 PQU K . 4.48 18.29 1.69
O4 PQU K . 4.36 17.75 3.90
O6 PQU K . 4.07 20.88 5.41
H101 PQU K . 7.12 17.59 8.68
H131 PQU K . 6.84 18.41 4.20
H161 PQU K . 9.75 15.46 6.49
H171 PQU K . 11.65 14.61 5.44
H181 PQU K . 13.57 15.93 5.32
H191 PQU K . 13.55 18.05 6.24
H201 PQU K . 11.65 18.87 7.27
H221 PQU K . 6.56 20.92 3.45
H231 PQU K . 8.35 22.30 2.93
H241 PQU K . 8.07 24.04 1.42
H251 PQU K . 6.00 24.40 0.45
H261 PQU K . 4.20 23.01 1.00
H71 PQU K . 3.05 18.54 6.76
H72 PQU K . 3.29 17.07 6.23
H73 PQU K . 2.35 18.05 5.43
H91 PQU K . 5.02 17.96 7.73
HN11 PQU K . 3.27 21.22 2.26
N1 LOP L . 1.40 25.31 41.72
C1 LOP L . 1.26 26.57 41.02
C2 LOP L . 2.17 26.80 39.82
O1 LOP L . 2.10 25.88 38.75
P1 LOP L . 3.55 25.49 37.90
O2 LOP L . 3.00 25.54 36.47
O3 LOP L . 4.04 23.85 37.92
O4 LOP L . 4.78 26.69 37.83
C3 LOP L . 3.88 25.68 35.39
C4 LOP L . 3.30 25.70 33.99
C5 LOP L . 3.62 24.55 33.05
O5 LOP L . 1.92 26.06 33.96
O6 LOP L . 3.99 24.91 31.74
C6 LOP L . 1.57 27.29 34.01
O7 LOP L . 2.28 28.13 34.59
C7 LOP L . 0.12 27.66 33.56
C8 LOP L . -0.19 27.39 32.07
C9 LOP L . -0.58 25.93 31.68
C10 LOP L . 0.02 25.33 30.38
C11 LOP L . -0.86 25.21 29.10
C12 LOP L . -0.59 26.23 27.96
C13 LOP L . -1.16 25.94 26.53
C14 LOP L . -0.32 26.70 25.48
C15 LOP L . -0.77 26.86 24.22
C16 LOP L . -2.01 26.10 23.70
C17 LOP L . -1.99 26.14 22.15
C18 LOP L . -3.02 25.29 21.37
C19 LOP L . -3.53 25.86 20.03
C20 LOP L . -4.77 25.23 19.36
C21 LOP L . -5.34 25.95 18.12
C22 LOP L . -6.64 25.41 17.50
C23 LOP L . -7.36 26.28 16.48
C24 LOP L . 4.30 24.01 30.88
O8 LOP L . 4.37 22.81 31.24
C25 LOP L . 4.47 24.38 29.38
C26 LOP L . 3.20 24.52 28.51
C27 LOP L . 3.40 24.56 26.98
C28 LOP L . 3.87 25.89 26.33
C29 LOP L . 4.41 25.76 24.89
C30 LOP L . 3.84 26.67 23.77
C31 LOP L . 4.36 26.35 22.34
C32 LOP L . 3.75 25.13 21.62
C33 LOP L . 2.22 24.91 21.69
C34 LOP L . 1.63 23.89 20.70
C35 LOP L . 1.54 24.36 19.24
HN11 LOP L . 2.09 24.75 41.26
HN12 LOP L . 0.52 24.84 41.74
H11 LOP L . 1.46 27.35 41.73
H12 LOP L . 0.23 26.66 40.68
H21 LOP L . 3.20 26.80 40.19
H22 LOP L . 1.96 27.78 39.42
H31 LOP L . 4.62 24.90 35.45
H32 LOP L . 4.37 26.64 35.50
H4 LOP L . 3.81 26.53 33.52
H51 LOP L . 2.76 23.88 33.01
H52 LOP L . 4.46 23.98 33.47
H71 LOP L . -0.04 28.71 33.75
H72 LOP L . -0.57 27.07 34.15
H81 LOP L . 0.69 27.68 31.49
H82 LOP L . -1.01 28.05 31.78
H91 LOP L . -1.67 25.92 31.59
H92 LOP L . -0.31 25.29 32.51
H101 LOP L . 0.38 24.33 30.62
H102 LOP L . 0.90 25.93 30.12
H111 LOP L . -1.90 25.34 29.40
H112 LOP L . -0.75 24.22 28.70
H121 LOP L . 0.49 26.37 27.89
H122 LOP L . -0.99 27.18 28.28
H131 LOP L . -2.19 26.26 26.47
H132 LOP L . -1.11 24.88 26.32
H14 LOP L . 0.52 27.30 25.81
H15 LOP L . -0.40 27.70 23.64
H161 LOP L . -2.89 26.60 24.06
H162 LOP L . -2.01 25.06 24.05
H171 LOP L . -1.00 25.87 21.82
H172 LOP L . -2.15 27.18 21.85
H181 LOP L . -3.89 25.15 22.02
H182 LOP L . -2.58 24.32 21.18
H191 LOP L . -2.70 25.86 19.32
H192 LOP L . -3.76 26.91 20.19
H201 LOP L . -5.55 25.15 20.09
H202 LOP L . -4.49 24.23 19.05
H211 LOP L . -4.58 25.94 17.35
H212 LOP L . -5.51 26.99 18.40
H221 LOP L . -7.33 25.21 18.32
H222 LOP L . -6.40 24.46 17.03
H231 LOP L . -8.12 25.70 15.97
H232 LOP L . -7.82 27.13 16.98
H233 LOP L . -6.64 26.64 15.74
H251 LOP L . 5.12 23.64 28.91
H252 LOP L . 5.01 25.33 29.32
H261 LOP L . 2.67 25.42 28.80
H262 LOP L . 2.56 23.67 28.73
H271 LOP L . 2.46 24.29 26.50
H272 LOP L . 4.12 23.80 26.73
H281 LOP L . 4.65 26.32 26.95
H282 LOP L . 3.03 26.58 26.33
H291 LOP L . 4.23 24.74 24.57
H292 LOP L . 5.48 25.91 24.92
H301 LOP L . 4.09 27.69 23.99
H302 LOP L . 2.76 26.57 23.77
H311 LOP L . 5.44 26.19 22.42
H312 LOP L . 4.16 27.21 21.73
H321 LOP L . 4.23 24.23 21.99
H322 LOP L . 3.99 25.22 20.56
H331 LOP L . 1.75 25.87 21.48
H332 LOP L . 1.96 24.62 22.70
H341 LOP L . 0.61 23.67 21.02
H342 LOP L . 2.22 22.99 20.75
H351 LOP L . 1.07 23.60 18.64
H352 LOP L . 2.55 24.55 18.86
H353 LOP L . 0.97 25.29 19.20
FE HEC M . -15.75 30.10 -15.66
CHA HEC M . -12.58 30.07 -14.55
CHB HEC M . -16.94 29.92 -12.47
CHC HEC M . -19.04 30.04 -16.82
CHD HEC M . -14.72 30.30 -18.93
NA HEC M . -14.93 30.00 -13.87
C1A HEC M . -13.57 30.04 -13.61
C2A HEC M . -13.39 30.06 -12.19
C3A HEC M . -14.60 30.02 -11.61
C4A HEC M . -15.58 29.97 -12.66
CMA HEC M . -14.92 30.02 -10.11
CAA HEC M . -12.03 30.11 -11.47
CBA HEC M . -11.86 31.47 -10.82
CGA HEC M . -10.56 31.50 -10.08
O1A HEC M . -9.74 30.58 -10.29
O2A HEC M . -10.35 32.44 -9.29
NB HEC M . -17.63 30.05 -14.82
C1B HEC M . -17.88 29.91 -13.47
C2B HEC M . -19.30 29.73 -13.29
C3B HEC M . -19.88 29.77 -14.49
C4B HEC M . -18.84 29.97 -15.47
CMB HEC M . -19.99 29.52 -11.92
CAB HEC M . -21.37 29.62 -14.80
CBB HEC M . -22.15 30.73 -14.07
NC HEC M . -16.70 30.14 -17.52
C1C HEC M . -18.05 30.13 -17.77
C2C HEC M . -18.26 30.10 -19.20
C3C HEC M . -17.08 30.33 -19.77
C4C HEC M . -16.07 30.26 -18.74
CMC HEC M . -19.66 30.26 -19.86
CAC HEC M . -16.72 30.42 -21.27
CBC HEC M . -17.72 31.21 -22.13
ND HEC M . -13.94 30.12 -16.60
C1D HEC M . -13.74 30.34 -17.96
C2D HEC M . -12.35 30.60 -18.20
C3D HEC M . -11.69 30.52 -16.82
C4D HEC M . -12.75 30.22 -15.90
CMD HEC M . -11.68 30.91 -19.56
CAD HEC M . -10.22 30.72 -16.46
CBD HEC M . -10.04 32.17 -16.02
CGD HEC M . -8.61 32.41 -15.64
O1D HEC M . -7.91 31.40 -15.33
O2D HEC M . -8.17 33.58 -15.65
HHA HEC M . -11.66 29.96 -14.24
HHB HEC M . -17.27 29.91 -11.56
HHC HEC M . -19.96 30.05 -17.14
HHD HEC M . -14.42 30.29 -19.87
HMA1 HEC M . -15.54 29.29 -9.91
HMA2 HEC M . -15.34 30.87 -9.87
HMA3 HEC M . -14.10 29.89 -9.59
HAA1 HEC M . -11.32 29.97 -12.11
HAA2 HEC M . -11.99 29.42 -10.78
HBA1 HEC M . -12.60 31.63 -10.20
HBA2 HEC M . -11.87 32.16 -11.50
HMB1 HEC M . -20.34 28.61 -11.91
HMB2 HEC M . -20.73 30.13 -11.82
HMB3 HEC M . -19.35 29.64 -11.20
HAB HEC M . -21.52 29.73 -15.74
HBB1 HEC M . -22.71 31.22 -14.69
HBB2 HEC M . -21.53 31.35 -13.65
HBB3 HEC M . -22.72 30.33 -13.38
HMC1 HEC M . -19.79 31.18 -20.13
HMC2 HEC M . -20.36 30.02 -19.22
HMC3 HEC M . -19.73 29.68 -20.62
HAC HEC M . -15.85 30.79 -21.38
HBC1 HEC M . -17.25 31.66 -22.85
HBC2 HEC M . -18.18 31.87 -21.59
HBC3 HEC M . -18.38 30.60 -22.50
HMD1 HEC M . -11.50 30.07 -20.02
HMD2 HEC M . -10.85 31.40 -19.42
HMD3 HEC M . -12.30 31.44 -20.11
HAD1 HEC M . -9.66 30.53 -17.22
HAD2 HEC M . -9.99 30.13 -15.72
HBD1 HEC M . -10.62 32.36 -15.26
HBD2 HEC M . -10.29 32.76 -16.76
FE1 FES N . -17.85 -24.81 -10.15
FE2 FES N . -17.18 -26.40 -8.09
S1 FES N . -18.10 -26.99 -10.00
S2 FES N . -16.70 -24.27 -8.36
CHA HEM O . 3.01 -10.82 -3.45
CHB HEM O . 3.52 -13.74 0.38
CHC HEM O . 4.64 -9.91 3.12
CHD HEM O . 3.95 -6.99 -0.67
C1A HEM O . 3.08 -11.93 -2.66
C2A HEM O . 2.89 -13.30 -3.10
C3A HEM O . 3.03 -14.10 -2.06
C4A HEM O . 3.31 -13.28 -0.90
CMA HEM O . 2.93 -15.65 -2.07
CAA HEM O . 2.60 -13.72 -4.56
CBA HEM O . 3.83 -13.43 -5.41
CGA HEM O . 3.58 -13.84 -6.84
O1A HEM O . 4.31 -13.34 -7.73
O2A HEM O . 2.64 -14.64 -7.08
C1B HEM O . 3.87 -12.96 1.46
C2B HEM O . 4.13 -13.44 2.80
C3B HEM O . 4.45 -12.36 3.55
C4B HEM O . 4.39 -11.20 2.71
CMB HEM O . 4.04 -14.92 3.21
CAB HEM O . 4.81 -12.27 5.06
CBB HEM O . 4.56 -13.26 5.92
C1C HEM O . 4.53 -8.78 2.34
C2C HEM O . 4.75 -7.42 2.78
C3C HEM O . 4.54 -6.62 1.73
C4C HEM O . 4.21 -7.45 0.60
CMC HEM O . 5.13 -7.01 4.22
CAC HEM O . 4.63 -5.09 1.61
CBC HEM O . 4.93 -4.31 2.66
C1D HEM O . 3.65 -7.78 -1.76
C2D HEM O . 3.41 -7.29 -3.10
C3D HEM O . 3.14 -8.35 -3.88
C4D HEM O . 3.21 -9.53 -3.05
CMD HEM O . 3.45 -5.81 -3.54
CAD HEM O . 2.82 -8.31 -5.38
CBD HEM O . 4.12 -8.24 -6.17
CGD HEM O . 4.58 -9.63 -6.50
O1D HEM O . 5.73 -9.97 -6.13
O2D HEM O . 3.80 -10.40 -7.11
NA HEM O . 3.33 -11.97 -1.31
NB HEM O . 4.04 -11.59 1.44
NC HEM O . 4.21 -8.77 1.01
ND HEM O . 3.52 -9.14 -1.77
FE HEM O . 3.77 -10.33 -0.15
HHB HEM O . 3.37 -14.69 0.54
HHC HEM O . 4.92 -9.79 4.05
HHD HEM O . 3.83 -6.03 -0.77
HMA HEM O . 3.02 -15.99 -1.16
HMAA HEM O . 3.63 -16.01 -2.64
HMAB HEM O . 2.06 -15.90 -2.43
HAA HEM O . 1.85 -13.23 -4.90
HAAA HEM O . 2.40 -14.68 -4.59
HBA HEM O . 4.59 -13.92 -5.07
HBAA HEM O . 4.03 -12.49 -5.38
HMB HEM O . 4.67 -15.11 3.91
HMBA HEM O . 4.24 -15.48 2.45
HMBB HEM O . 3.14 -15.11 3.52
HAB HEM O . 5.24 -11.48 5.37
HBB HEM O . 5.07 -13.31 6.75
HBBA HEM O . 3.87 -13.91 5.75
HMC HEM O . 5.85 -6.36 4.21
HMCA HEM O . 5.43 -7.80 4.72
HMCB HEM O . 4.36 -6.64 4.67
HAC HEM O . 4.50 -4.67 0.76
HBC HEM O . 5.57 -3.60 2.55
HBCA HEM O . 4.56 -4.50 3.53
HMD HEM O . 3.29 -5.73 -4.50
HMDA HEM O . 4.33 -5.43 -3.32
HMDB HEM O . 2.75 -5.31 -3.05
HAD HEM O . 2.27 -7.53 -5.58
HADA HEM O . 2.33 -9.11 -5.62
HBD HEM O . 4.80 -7.79 -5.64
HBDA HEM O . 3.97 -7.75 -7.00
HHA HEM O . 2.73 -10.95 -4.39
CHA HEM P . 9.80 -23.31 19.07
CHB HEM P . 10.10 -19.75 15.79
CHC HEM P . 5.75 -20.97 14.11
CHD HEM P . 5.35 -24.37 17.52
C1A HEM P . 10.27 -22.26 18.32
C2A HEM P . 11.58 -21.64 18.44
C3A HEM P . 11.66 -20.66 17.54
C4A HEM P . 10.42 -20.62 16.81
CMA HEM P . 12.87 -19.73 17.30
CAA HEM P . 12.67 -22.05 19.44
CBA HEM P . 13.11 -23.49 19.19
CGA HEM P . 13.24 -23.77 17.71
O1A HEM P . 13.82 -22.92 16.99
O2A HEM P . 12.79 -24.85 17.26
C1B HEM P . 8.96 -19.78 15.04
C2B HEM P . 8.63 -18.88 13.95
C3B HEM P . 7.43 -19.24 13.48
C4B HEM P . 6.95 -20.33 14.27
CMB HEM P . 9.58 -17.76 13.46
CAB HEM P . 6.58 -18.63 12.32
CBB HEM P . 6.88 -17.49 11.72
C1C HEM P . 5.29 -22.01 14.87
C2C HEM P . 4.06 -22.74 14.63
C3C HEM P . 3.95 -23.68 15.57
C4C HEM P . 5.10 -23.58 16.43
CMC HEM P . 3.12 -22.39 13.45
CAC HEM P . 2.85 -24.74 15.81
CBC HEM P . 1.72 -24.80 15.11
C1D HEM P . 6.51 -24.38 18.24
C2D HEM P . 6.80 -25.23 19.37
C3D HEM P . 8.03 -24.93 19.81
C4D HEM P . 8.56 -23.88 18.96
CMD HEM P . 5.83 -26.28 19.94
CAD HEM P . 8.77 -25.58 20.99
CBD HEM P . 9.02 -24.55 22.07
CGD HEM P . 9.63 -25.26 23.24
O1D HEM P . 9.70 -24.64 24.34
O2D HEM P . 10.04 -26.44 23.08
NA HEM P . 9.60 -21.61 17.31
NB HEM P . 7.91 -20.64 15.22
NC HEM P . 5.90 -22.56 15.98
ND HEM P . 7.61 -23.57 18.02
FE HEM P . 7.77 -22.11 16.66
HHB HEM P . 10.71 -19.00 15.65
HHC HEM P . 5.14 -20.60 13.44
HHD HEM P . 4.62 -24.92 17.85
HMA HEM P . 12.67 -19.10 16.58
HMAA HEM P . 13.65 -20.27 17.08
HMAB HEM P . 13.05 -19.22 18.13
HAA HEM P . 12.32 -21.97 20.34
HAAA HEM P . 13.44 -21.46 19.36
HBA HEM P . 12.45 -24.10 19.57
HBAA HEM P . 13.96 -23.65 19.62
HMB HEM P . 9.43 -16.96 13.99
HMBA HEM P . 9.45 -17.58 12.52
HMBB HEM P . 10.50 -18.06 13.58
HAB HEM P . 5.83 -19.14 12.00
HBB HEM P . 7.31 -16.79 12.23
HBBA HEM P . 6.38 -17.24 10.93
HMC HEM P . 2.20 -22.60 13.68
HMCA HEM P . 3.38 -22.91 12.67
HMCB HEM P . 3.18 -21.45 13.25
HAC HEM P . 3.01 -25.42 16.47
HBC HEM P . 0.88 -24.68 15.58
HBCA HEM P . 1.74 -24.71 14.14
HMD HEM P . 4.93 -25.87 20.01
HMDA HEM P . 6.12 -26.58 20.82
HMDB HEM P . 5.78 -27.04 19.33
HAD HEM P . 9.62 -25.94 20.67
HADA HEM P . 8.25 -26.30 21.35
HBD HEM P . 8.19 -24.14 22.33
HBDA HEM P . 9.64 -23.88 21.75
HHA HEM P . 10.39 -23.65 19.77
C10 PQU Q . -3.89 -20.17 1.40
C11 PQU Q . -5.27 -19.99 1.44
C13 PQU Q . -5.32 -19.38 -0.76
C15 PQU Q . -7.08 -19.75 3.10
C16 PQU Q . -8.04 -20.73 3.29
C17 PQU Q . -9.28 -20.39 3.75
C18 PQU Q . -9.58 -19.06 4.03
C19 PQU Q . -8.63 -18.10 3.83
C20 PQU Q . -7.37 -18.42 3.37
C21 PQU Q . -6.26 -21.05 -5.11
C22 PQU Q . -6.83 -21.23 -3.86
C23 PQU Q . -7.98 -21.98 -3.74
C24 PQU Q . -8.56 -22.55 -4.86
C25 PQU Q . -7.99 -22.37 -6.10
C26 PQU Q . -6.84 -21.62 -6.23
C3 PQU Q . -4.68 -18.31 -3.86
C5 PQU Q . -3.30 -19.25 -2.23
C6 PQU Q . -3.70 -20.30 -3.27
C7 PQU Q . -1.79 -19.05 -2.16
C8 PQU Q . -3.96 -19.53 -0.90
C9 PQU Q . -3.24 -19.93 0.23
N1 PQU Q . -5.06 -20.27 -5.28
N2 PQU Q . -4.49 -19.64 -4.16
N3 PQU Q . -5.95 -19.61 0.40
O14 PQU Q . -5.86 -20.23 2.62
O3 PQU Q . -5.38 -17.52 -4.42
O4 PQU Q . -3.89 -18.03 -2.78
O6 PQU Q . -3.38 -21.45 -3.30
H101 PQU Q . -3.44 -20.44 2.18
H131 PQU Q . -5.85 -19.12 -1.47
H161 PQU Q . -7.81 -21.61 3.10
H171 PQU Q . -9.92 -21.05 3.88
H181 PQU Q . -10.43 -18.84 4.35
H191 PQU Q . -8.82 -17.20 4.02
H201 PQU Q . -6.71 -17.78 3.23
H221 PQU Q . -6.43 -20.84 -3.12
H231 PQU Q . -8.37 -22.10 -2.90
H241 PQU Q . -9.33 -23.06 -4.77
H251 PQU Q . -8.38 -22.75 -6.86
H261 PQU Q . -6.42 -21.48 -7.05
H71 PQU Q . -1.37 -19.89 -1.91
H72 PQU Q . -1.59 -18.38 -1.48
H73 PQU Q . -1.45 -18.75 -3.01
H91 PQU Q . -2.32 -20.04 0.17
HN11 PQU Q . -4.65 -20.17 -6.06
N1 LOP R . 18.91 -41.21 18.00
C1 LOP R . 18.49 -42.01 16.88
C2 LOP R . 17.03 -41.89 16.46
O1 LOP R . 16.53 -40.60 16.22
P1 LOP R . 14.85 -40.29 16.40
O2 LOP R . 14.68 -39.42 15.13
O3 LOP R . 14.39 -39.14 17.58
O4 LOP R . 13.74 -41.56 16.07
C3 LOP R . 13.55 -39.54 14.30
C4 LOP R . 13.44 -38.51 13.20
C5 LOP R . 12.83 -37.19 13.64
O5 LOP R . 14.63 -38.39 12.42
O6 LOP R . 11.54 -36.87 13.15
C6 LOP R . 14.64 -38.17 11.15
O7 LOP R . 15.68 -38.50 10.52
C7 LOP R . 13.73 -37.08 10.50
C8 LOP R . 14.11 -36.59 9.08
C9 LOP R . 13.32 -35.38 8.51
C10 LOP R . 12.61 -35.57 7.14
C11 LOP R . 12.26 -34.28 6.34
C12 LOP R . 10.94 -34.26 5.50
C13 LOP R . 11.04 -34.61 3.98
C14 LOP R . 11.67 -33.41 3.23
C15 LOP R . 10.95 -32.33 2.88
C16 LOP R . 9.59 -32.46 2.16
C17 LOP R . 9.64 -31.65 0.83
C18 LOP R . 9.61 -32.46 -0.48
C19 LOP R . 10.44 -31.98 -1.70
C20 LOP R . 10.00 -32.49 -3.09
C21 LOP R . 11.02 -32.42 -4.24
C22 LOP R . 10.68 -33.15 -5.54
C23 LOP R . 9.22 -33.21 -5.98
C24 LOP R . 11.09 -35.70 13.40
O8 LOP R . 11.75 -34.90 14.11
C25 LOP R . 9.69 -35.27 12.87
C26 LOP R . 9.64 -34.64 11.45
C27 LOP R . 9.19 -35.60 10.31
C28 LOP R . 8.89 -34.95 8.93
C29 LOP R . 7.60 -35.41 8.20
C30 LOP R . 7.31 -34.64 6.90
C31 LOP R . 5.88 -34.06 6.69
C32 LOP R . 5.70 -32.89 5.67
C33 LOP R . 6.94 -32.01 5.34
C34 LOP R . 6.74 -30.78 4.45
C35 LOP R . 6.00 -30.98 3.13
HN11 LOP R . 19.18 -41.83 18.75
HN12 LOP R . 18.15 -40.63 18.31
H11 LOP R . 18.67 -43.05 17.15
H12 LOP R . 19.12 -41.76 16.02
H21 LOP R . 16.42 -42.36 17.23
H22 LOP R . 16.90 -42.46 15.54
H31 LOP R . 12.66 -39.47 14.92
H32 LOP R . 13.56 -40.52 13.83
H4 LOP R . 12.70 -38.92 12.52
H51 LOP R . 13.53 -36.40 13.37
H52 LOP R . 12.76 -37.22 14.71
H71 LOP R . 13.72 -36.23 11.15
H72 LOP R . 12.72 -37.48 10.47
H81 LOP R . 13.98 -37.42 8.40
H82 LOP R . 15.16 -36.32 9.10
H91 LOP R . 14.03 -34.55 8.40
H92 LOP R . 12.58 -35.10 9.25
H101 LOP R . 11.69 -36.10 7.34
H102 LOP R . 13.25 -36.19 6.52
H111 LOP R . 13.08 -34.05 5.67
H112 LOP R . 12.18 -33.48 7.06
H121 LOP R . 10.57 -33.24 5.55
H122 LOP R . 10.21 -34.90 5.97
H131 LOP R . 10.06 -34.85 3.58
H132 LOP R . 11.70 -35.47 3.89
H14 LOP R . 12.74 -33.31 3.30
H15 LOP R . 11.42 -31.36 2.95
H161 LOP R . 8.81 -32.04 2.80
H162 LOP R . 9.37 -33.49 1.94
H171 LOP R . 10.54 -31.05 0.81
H172 LOP R . 8.78 -30.98 0.80
H181 LOP R . 8.57 -32.53 -0.80
H182 LOP R . 9.95 -33.46 -0.25
H191 LOP R . 10.46 -30.90 -1.71
H192 LOP R . 11.44 -32.33 -1.54
H201 LOP R . 9.09 -31.98 -3.39
H202 LOP R . 9.76 -33.55 -2.96
H211 LOP R . 11.94 -32.86 -3.87
H212 LOP R . 11.22 -31.38 -4.46
H221 LOP R . 11.21 -32.63 -6.35
H222 LOP R . 11.06 -34.16 -5.48
H231 LOP R . 9.15 -33.62 -6.98
H232 LOP R . 8.67 -33.86 -5.29
H233 LOP R . 8.78 -32.21 -5.96
H251 LOP R . 9.32 -34.52 13.56
H252 LOP R . 9.03 -36.12 12.90
H261 LOP R . 10.60 -34.22 11.21
H262 LOP R . 8.91 -33.84 11.48
H271 LOP R . 8.30 -36.08 10.64
H272 LOP R . 9.96 -36.34 10.17
H281 LOP R . 9.75 -35.11 8.29
H282 LOP R . 8.79 -33.88 9.10
H291 LOP R . 6.78 -35.25 8.89
H292 LOP R . 7.67 -36.47 7.98
H301 LOP R . 7.56 -35.28 6.06
H302 LOP R . 8.02 -33.81 6.91
H311 LOP R . 5.52 -33.73 7.66
H312 LOP R . 5.27 -34.89 6.36
H321 LOP R . 4.94 -32.24 6.07
H322 LOP R . 5.34 -33.32 4.75
H331 LOP R . 7.66 -32.66 4.86
H332 LOP R . 7.36 -31.68 6.28
H341 LOP R . 7.74 -30.43 4.21
H342 LOP R . 6.24 -30.01 5.03
H351 LOP R . 4.95 -31.14 3.33
H352 LOP R . 6.42 -31.83 2.60
H353 LOP R . 6.11 -30.08 2.51
FE HEC S . -0.74 -17.29 -33.18
CHA HEC S . -2.62 -18.41 -30.56
CHB HEC S . 2.09 -18.42 -31.64
CHC HEC S . 1.14 -16.09 -35.77
CHD HEC S . -3.57 -16.12 -34.77
NA HEC S . -0.34 -18.23 -31.44
C1A HEC S . -1.27 -18.61 -30.49
C2A HEC S . -0.57 -19.23 -29.41
C3A HEC S . 0.74 -19.24 -29.70
C4A HEC S . 0.90 -18.61 -30.98
CMA HEC S . 1.89 -19.80 -28.85
CAA HEC S . -1.23 -19.79 -28.13
CBA HEC S . -1.58 -21.26 -28.32
CGA HEC S . -2.13 -21.77 -27.01
O1A HEC S . -2.54 -20.95 -26.16
O2A HEC S . -2.15 -23.02 -26.83
NB HEC S . 1.24 -17.29 -33.64
C1B HEC S . 2.25 -17.75 -32.83
C2B HEC S . 3.51 -17.43 -33.47
C3B HEC S . 3.24 -16.79 -34.60
C4B HEC S . 1.81 -16.70 -34.74
CMB HEC S . 4.90 -17.74 -32.90
CAB HEC S . 4.26 -16.23 -35.61
CBB HEC S . 5.19 -17.37 -36.10
NC HEC S . -1.14 -16.28 -34.92
C1C HEC S . -0.21 -15.90 -35.87
C2C HEC S . -0.88 -15.19 -36.92
C3C HEC S . -2.20 -15.31 -36.71
C4C HEC S . -2.38 -15.91 -35.40
CMC HEC S . -0.19 -14.73 -38.22
CAC HEC S . -3.37 -14.74 -37.54
CBC HEC S . -3.22 -14.96 -39.06
ND HEC S . -2.77 -17.23 -32.72
C1D HEC S . -3.77 -16.77 -33.58
C2D HEC S . -5.06 -17.09 -33.02
C3D HEC S . -4.76 -17.79 -31.70
C4D HEC S . -3.32 -17.85 -31.60
CMD HEC S . -6.46 -16.77 -33.60
CAD HEC S . -5.76 -18.35 -30.68
CBD HEC S . -6.05 -19.80 -31.06
CGD HEC S . -7.06 -20.36 -30.11
O1D HEC S . -7.31 -19.73 -29.06
O2D HEC S . -7.63 -21.45 -30.42
HHA HEC S . -3.16 -18.69 -29.79
HHB HEC S . 2.89 -18.80 -31.23
HHC HEC S . 1.68 -15.77 -36.52
HHD HEC S . -4.37 -15.75 -35.21
HMA1 HEC S . 2.26 -20.60 -29.29
HMA2 HEC S . 1.56 -20.04 -27.96
HMA3 HEC S . 2.59 -19.13 -28.77
HAA1 HEC S . -2.05 -19.29 -27.96
HAA2 HEC S . -0.63 -19.69 -27.37
HBA1 HEC S . -0.78 -21.75 -28.56
HBA2 HEC S . -2.25 -21.35 -29.01
HMB1 HEC S . 5.39 -16.91 -32.78
HMB2 HEC S . 5.39 -18.31 -33.51
HMB3 HEC S . 4.82 -18.19 -32.05
HAB HEC S . 3.79 -15.89 -36.38
HBB1 HEC S . 5.21 -17.37 -37.07
HBB2 HEC S . 4.85 -18.22 -35.78
HBB3 HEC S . 6.08 -17.22 -35.75
HMC1 HEC S . -0.50 -13.85 -38.47
HMC2 HEC S . -0.41 -15.36 -38.94
HMC3 HEC S . 0.76 -14.72 -38.11
HAC HEC S . -4.20 -15.13 -37.24
HBC1 HEC S . -4.10 -15.15 -39.44
HBC2 HEC S . -2.64 -15.72 -39.22
HBC3 HEC S . -2.85 -14.17 -39.46
HMD1 HEC S . -6.95 -17.60 -33.75
HMD2 HEC S . -6.35 -16.30 -34.45
HMD3 HEC S . -6.95 -16.21 -32.97
HAD1 HEC S . -6.57 -17.83 -30.71
HAD2 HEC S . -5.38 -18.32 -29.78
HBD1 HEC S . -5.23 -20.32 -31.01
HBD2 HEC S . -6.40 -19.83 -31.97
FE1 FES T . 12.41 29.58 -6.09
FE2 FES T . 12.98 29.29 -3.45
S1 FES T . 13.44 31.00 -4.76
S2 FES T . 12.10 27.80 -4.81
#